data_5DEM
#
_entry.id   5DEM
#
_cell.length_a   79.031
_cell.length_b   82.176
_cell.length_c   220.515
_cell.angle_alpha   90.00
_cell.angle_beta   90.00
_cell.angle_gamma   90.00
#
_symmetry.space_group_name_H-M   'P 21 21 21'
#
loop_
_entity.id
_entity.type
_entity.pdbx_description
1 polymer 'Acyl-[acyl-carrier-protein]--UDP-N-acetylglucosamine O-acyltransferase'
2 non-polymer 'PHOSPHATE ION'
3 water water
#
_entity_poly.entity_id   1
_entity_poly.type   'polypeptide(L)'
_entity_poly.pdbx_seq_one_letter_code
;MSLIDPRAIIDPSARLAADVQVGPWSIVGAEVEIGEGTVIGPHVVLKGPTKIGKHNRIYQFSSVGEDTPDLKYKGEPTRL
VIGDHNVIREGVTIHRGTVQDRAETTIGDHNLIMAYAHIGHDSVIGNHCILVNNTALAGHVHVDDWAILSGYTLVHQYCR
IGAHSFSGMGSAIGKDVPAYVTVFGNPAEARSMNFEGMRRRGFSSEAIHALRRAYKVVYRQGHTVEEALAELAESAAQFP
EVAVFRDSIQSATRGITR
;
_entity_poly.pdbx_strand_id   A,B,C,D,E,F
#
loop_
_chem_comp.id
_chem_comp.type
_chem_comp.name
_chem_comp.formula
PO4 non-polymer 'PHOSPHATE ION' 'O4 P -3'
#
# COMPACT_ATOMS: atom_id res chain seq x y z
N SER A 2 26.63 35.45 -7.03
CA SER A 2 27.30 36.07 -5.85
C SER A 2 27.17 35.19 -4.60
N LEU A 3 28.24 35.11 -3.83
CA LEU A 3 28.28 34.23 -2.63
C LEU A 3 27.24 34.65 -1.56
N ILE A 4 26.96 35.94 -1.48
CA ILE A 4 25.99 36.46 -0.53
C ILE A 4 24.69 36.77 -1.27
N ASP A 5 23.63 36.01 -0.97
CA ASP A 5 22.38 36.16 -1.65
C ASP A 5 21.76 37.51 -1.33
N PRO A 6 21.25 38.20 -2.34
CA PRO A 6 20.69 39.54 -2.10
C PRO A 6 19.44 39.53 -1.22
N ARG A 7 18.84 38.36 -1.03
CA ARG A 7 17.66 38.27 -0.21
C ARG A 7 18.03 38.04 1.27
N ALA A 8 19.30 37.84 1.56
CA ALA A 8 19.80 37.82 2.92
C ALA A 8 19.90 39.22 3.49
N ILE A 9 19.81 39.32 4.82
CA ILE A 9 20.04 40.57 5.52
C ILE A 9 21.36 40.52 6.29
N ILE A 10 22.29 41.38 5.91
CA ILE A 10 23.63 41.34 6.48
C ILE A 10 23.80 42.66 7.20
N ASP A 11 23.89 42.62 8.52
CA ASP A 11 24.09 43.87 9.27
C ASP A 11 25.41 44.54 8.87
N PRO A 12 25.43 45.89 8.84
CA PRO A 12 26.68 46.58 8.52
C PRO A 12 27.84 46.29 9.47
N SER A 13 27.56 45.91 10.71
CA SER A 13 28.66 45.55 11.63
C SER A 13 29.09 44.08 11.58
N ALA A 14 28.43 43.25 10.75
CA ALA A 14 28.87 41.85 10.58
C ALA A 14 30.15 41.80 9.77
N ARG A 15 30.98 40.80 10.04
CA ARG A 15 32.25 40.66 9.32
C ARG A 15 32.31 39.29 8.67
N LEU A 16 32.43 39.27 7.35
CA LEU A 16 32.44 38.05 6.60
C LEU A 16 33.74 37.90 5.84
N ALA A 17 34.41 36.78 6.04
CA ALA A 17 35.67 36.45 5.37
C ALA A 17 35.50 36.01 3.92
N ALA A 18 36.66 35.72 3.33
CA ALA A 18 36.68 35.16 1.98
C ALA A 18 35.90 33.86 1.90
N ASP A 19 35.22 33.69 0.76
CA ASP A 19 34.50 32.47 0.43
C ASP A 19 33.34 32.15 1.35
N VAL A 20 32.94 33.10 2.20
CA VAL A 20 31.69 32.94 2.92
C VAL A 20 30.48 33.00 1.98
N GLN A 21 29.58 32.03 2.10
CA GLN A 21 28.34 32.01 1.39
C GLN A 21 27.18 32.17 2.36
N VAL A 22 26.24 33.03 2.01
CA VAL A 22 24.98 33.17 2.78
C VAL A 22 23.78 33.01 1.86
N GLY A 23 22.86 32.11 2.23
CA GLY A 23 21.72 31.80 1.42
C GLY A 23 20.59 32.79 1.59
N PRO A 24 19.57 32.67 0.75
CA PRO A 24 18.45 33.57 0.77
C PRO A 24 17.67 33.52 2.06
N TRP A 25 17.15 34.68 2.45
CA TRP A 25 16.30 34.85 3.62
C TRP A 25 16.99 34.52 4.94
N SER A 26 18.30 34.67 4.99
CA SER A 26 19.06 34.48 6.20
C SER A 26 19.41 35.83 6.76
N ILE A 27 19.58 35.87 8.06
CA ILE A 27 19.94 37.09 8.78
C ILE A 27 21.25 36.95 9.46
N VAL A 28 22.20 37.84 9.16
CA VAL A 28 23.49 37.84 9.80
C VAL A 28 23.51 39.11 10.59
N GLY A 29 23.26 38.95 11.88
CA GLY A 29 23.09 40.08 12.77
C GLY A 29 24.33 40.88 13.11
N ALA A 30 24.13 41.95 13.86
CA ALA A 30 25.22 42.79 14.30
C ALA A 30 26.18 42.00 15.12
N GLU A 31 27.46 42.27 14.95
CA GLU A 31 28.52 41.71 15.75
C GLU A 31 28.62 40.19 15.53
N VAL A 32 28.23 39.74 14.35
CA VAL A 32 28.50 38.38 13.96
C VAL A 32 29.70 38.41 13.04
N GLU A 33 30.71 37.63 13.40
CA GLU A 33 31.85 37.41 12.56
C GLU A 33 31.85 35.94 12.02
N ILE A 34 32.11 35.79 10.72
CA ILE A 34 32.11 34.49 10.06
C ILE A 34 33.40 34.28 9.31
N GLY A 35 34.05 33.15 9.59
CA GLY A 35 35.34 32.84 9.04
C GLY A 35 35.30 32.22 7.64
N GLU A 36 36.49 32.12 7.06
CA GLU A 36 36.65 31.72 5.68
C GLU A 36 35.97 30.42 5.36
N GLY A 37 35.26 30.40 4.23
CA GLY A 37 34.80 29.13 3.66
C GLY A 37 33.50 28.66 4.31
N THR A 38 33.03 29.37 5.32
CA THR A 38 31.82 28.96 6.00
C THR A 38 30.60 29.19 5.11
N VAL A 39 29.73 28.18 5.06
CA VAL A 39 28.52 28.25 4.29
C VAL A 39 27.31 28.32 5.22
N ILE A 40 26.59 29.41 5.10
CA ILE A 40 25.31 29.60 5.79
C ILE A 40 24.22 29.30 4.78
N GLY A 41 23.31 28.40 5.15
CA GLY A 41 22.17 28.07 4.29
C GLY A 41 21.11 29.15 4.19
N PRO A 42 19.99 28.84 3.52
CA PRO A 42 18.85 29.72 3.50
C PRO A 42 18.09 29.63 4.80
N HIS A 43 17.32 30.66 5.12
CA HIS A 43 16.48 30.67 6.33
C HIS A 43 17.24 30.42 7.63
N VAL A 44 18.44 30.94 7.75
CA VAL A 44 19.20 30.86 9.00
C VAL A 44 19.15 32.21 9.73
N VAL A 45 19.02 32.17 11.06
CA VAL A 45 19.16 33.39 11.88
C VAL A 45 20.44 33.32 12.68
N LEU A 46 21.36 34.24 12.43
CA LEU A 46 22.55 34.41 13.25
C LEU A 46 22.49 35.70 14.03
N LYS A 47 22.67 35.60 15.33
CA LYS A 47 22.66 36.77 16.19
C LYS A 47 23.96 36.81 16.96
N GLY A 48 24.41 38.03 17.31
CA GLY A 48 25.68 38.22 17.95
C GLY A 48 25.56 38.85 19.34
N PRO A 49 26.69 39.11 20.00
CA PRO A 49 28.05 38.84 19.51
C PRO A 49 28.43 37.36 19.40
N THR A 50 28.91 37.00 18.23
CA THR A 50 29.15 35.60 17.90
C THR A 50 30.30 35.55 16.94
N LYS A 51 31.26 34.67 17.21
CA LYS A 51 32.33 34.39 16.29
C LYS A 51 32.23 32.96 15.76
N ILE A 52 32.19 32.82 14.45
CA ILE A 52 32.14 31.51 13.78
C ILE A 52 33.42 31.38 12.97
N GLY A 53 34.09 30.25 13.07
CA GLY A 53 35.37 30.03 12.41
C GLY A 53 35.28 29.67 10.93
N LYS A 54 36.18 28.80 10.52
CA LYS A 54 36.36 28.49 9.10
C LYS A 54 35.68 27.19 8.74
N HIS A 55 35.24 27.12 7.47
CA HIS A 55 34.74 25.90 6.85
C HIS A 55 33.61 25.22 7.61
N ASN A 56 32.75 25.99 8.21
CA ASN A 56 31.60 25.43 8.87
C ASN A 56 30.42 25.39 7.86
N ARG A 57 29.38 24.66 8.22
CA ARG A 57 28.18 24.61 7.43
C ARG A 57 27.01 24.72 8.37
N ILE A 58 26.14 25.67 8.14
CA ILE A 58 24.96 25.83 8.98
C ILE A 58 23.70 25.74 8.10
N TYR A 59 22.84 24.80 8.43
CA TYR A 59 21.63 24.55 7.66
C TYR A 59 20.42 25.38 8.03
N GLN A 60 19.50 25.42 7.09
CA GLN A 60 18.23 26.11 7.22
C GLN A 60 17.49 25.90 8.53
N PHE A 61 16.87 27.00 8.96
CA PHE A 61 15.95 27.04 10.09
C PHE A 61 16.66 26.98 11.44
N SER A 62 17.97 27.01 11.43
CA SER A 62 18.78 27.14 12.65
C SER A 62 18.75 28.58 13.19
N SER A 63 18.74 28.68 14.51
CA SER A 63 18.92 29.95 15.24
C SER A 63 20.15 29.89 16.08
N VAL A 64 21.20 30.56 15.62
CA VAL A 64 22.51 30.48 16.23
C VAL A 64 22.91 31.83 16.82
N GLY A 65 23.02 31.87 18.15
CA GLY A 65 23.38 33.09 18.84
C GLY A 65 22.26 33.83 19.54
N GLU A 66 21.07 33.23 19.66
CA GLU A 66 19.98 33.87 20.42
C GLU A 66 20.25 33.88 21.91
N ASP A 67 19.49 34.74 22.62
CA ASP A 67 19.60 34.92 24.07
C ASP A 67 18.88 33.71 24.62
N THR A 68 19.30 33.24 25.79
CA THR A 68 18.54 32.17 26.43
C THR A 68 17.23 32.76 26.97
N PRO A 69 16.12 32.01 26.87
CA PRO A 69 14.88 32.40 27.50
C PRO A 69 14.88 32.10 29.00
N ASP A 70 15.86 31.32 29.47
CA ASP A 70 15.96 31.02 30.90
C ASP A 70 15.86 32.27 31.78
N LEU A 71 16.64 33.30 31.50
CA LEU A 71 16.62 34.59 32.24
C LEU A 71 15.56 35.48 31.62
N LYS A 72 14.79 36.19 32.44
CA LYS A 72 13.71 37.00 31.87
C LYS A 72 14.25 38.33 31.33
N TYR A 73 15.39 38.79 31.88
CA TYR A 73 16.03 40.07 31.52
C TYR A 73 17.44 39.75 31.08
N LYS A 74 17.75 39.96 29.80
CA LYS A 74 19.03 39.42 29.34
C LYS A 74 20.23 40.23 29.83
N GLY A 75 21.38 39.58 29.93
CA GLY A 75 22.62 40.27 30.16
C GLY A 75 23.27 40.56 28.84
N GLU A 76 24.09 41.59 28.82
CA GLU A 76 24.86 41.98 27.69
C GLU A 76 26.12 42.55 28.24
N PRO A 77 27.24 42.23 27.61
CA PRO A 77 27.29 41.35 26.46
C PRO A 77 27.51 39.92 26.90
N THR A 78 27.00 38.96 26.15
CA THR A 78 27.50 37.59 26.27
C THR A 78 27.74 37.04 24.88
N ARG A 79 28.56 36.00 24.79
CA ARG A 79 29.12 35.59 23.52
C ARG A 79 28.85 34.13 23.16
N LEU A 80 29.04 33.85 21.87
CA LEU A 80 29.03 32.48 21.34
C LEU A 80 30.21 32.34 20.41
N VAL A 81 31.04 31.34 20.65
CA VAL A 81 32.19 31.09 19.85
C VAL A 81 32.06 29.70 19.27
N ILE A 82 32.22 29.61 17.94
CA ILE A 82 32.22 28.34 17.23
C ILE A 82 33.49 28.24 16.42
N GLY A 83 34.15 27.09 16.50
CA GLY A 83 35.44 26.84 15.86
C GLY A 83 35.31 26.53 14.38
N ASP A 84 36.15 25.61 13.93
CA ASP A 84 36.23 25.27 12.50
C ASP A 84 35.64 23.91 12.16
N HIS A 85 35.24 23.77 10.89
CA HIS A 85 34.88 22.47 10.32
C HIS A 85 33.68 21.78 11.04
N ASN A 86 32.76 22.57 11.57
CA ASN A 86 31.58 22.04 12.20
C ASN A 86 30.45 21.96 11.19
N VAL A 87 29.53 21.05 11.44
CA VAL A 87 28.29 20.97 10.69
C VAL A 87 27.13 21.06 11.64
N ILE A 88 26.32 22.10 11.43
CA ILE A 88 25.15 22.36 12.21
C ILE A 88 23.95 22.19 11.28
N ARG A 89 23.15 21.16 11.56
CA ARG A 89 22.05 20.78 10.69
C ARG A 89 20.75 21.58 10.91
N GLU A 90 19.67 21.13 10.28
CA GLU A 90 18.42 21.84 10.24
C GLU A 90 17.86 22.14 11.61
N GLY A 91 17.39 23.37 11.79
CA GLY A 91 16.64 23.72 13.01
C GLY A 91 17.39 23.74 14.34
N VAL A 92 18.71 23.68 14.30
CA VAL A 92 19.52 23.65 15.55
C VAL A 92 19.42 25.01 16.26
N THR A 93 19.24 24.99 17.57
CA THR A 93 19.29 26.22 18.38
C THR A 93 20.54 26.24 19.21
N ILE A 94 21.24 27.36 19.21
CA ILE A 94 22.45 27.52 20.00
C ILE A 94 22.38 28.89 20.67
N HIS A 95 22.29 28.89 22.00
CA HIS A 95 22.22 30.14 22.77
C HIS A 95 23.55 30.61 23.28
N ARG A 96 23.72 31.95 23.29
CA ARG A 96 24.88 32.56 23.89
C ARG A 96 24.93 32.36 25.43
N GLY A 97 26.05 32.72 26.03
CA GLY A 97 26.24 32.57 27.46
C GLY A 97 25.42 33.52 28.29
N THR A 98 25.58 33.44 29.60
CA THR A 98 24.89 34.33 30.51
C THR A 98 25.90 35.14 31.34
N VAL A 99 25.55 36.34 31.75
CA VAL A 99 26.46 37.14 32.53
C VAL A 99 26.88 36.54 33.88
N GLN A 100 26.01 35.85 34.53
N GLN A 100 26.01 35.84 34.51
CA GLN A 100 26.32 35.16 35.75
CA GLN A 100 26.31 35.16 35.73
C GLN A 100 27.46 34.20 35.61
C GLN A 100 27.46 34.20 35.60
N ASP A 101 27.33 33.33 34.60
CA ASP A 101 28.19 32.19 34.46
C ASP A 101 29.43 32.42 33.66
N ARG A 102 29.54 31.80 32.51
CA ARG A 102 30.70 31.93 31.69
C ARG A 102 30.71 33.13 30.76
N ALA A 103 29.55 33.68 30.52
CA ALA A 103 29.34 34.76 29.58
C ALA A 103 29.66 34.30 28.14
N GLU A 104 29.82 33.00 27.96
CA GLU A 104 30.18 32.46 26.66
C GLU A 104 29.66 31.03 26.55
N THR A 105 29.13 30.73 25.36
CA THR A 105 28.88 29.36 24.92
C THR A 105 29.97 29.07 23.87
N THR A 106 30.62 27.91 24.00
CA THR A 106 31.81 27.59 23.24
C THR A 106 31.72 26.22 22.55
N ILE A 107 31.98 26.22 21.25
CA ILE A 107 31.98 24.98 20.47
C ILE A 107 33.33 24.94 19.74
N GLY A 108 33.95 23.77 19.72
CA GLY A 108 35.30 23.61 19.18
C GLY A 108 35.23 23.33 17.70
N ASP A 109 35.97 22.31 17.29
CA ASP A 109 36.14 21.97 15.87
C ASP A 109 35.60 20.58 15.51
N HIS A 110 35.22 20.41 14.25
CA HIS A 110 34.94 19.04 13.70
C HIS A 110 33.75 18.36 14.36
N ASN A 111 32.85 19.15 14.94
CA ASN A 111 31.63 18.63 15.53
C ASN A 111 30.49 18.49 14.50
N LEU A 112 29.56 17.60 14.81
CA LEU A 112 28.39 17.36 13.99
C LEU A 112 27.18 17.44 14.91
N ILE A 113 26.38 18.48 14.69
CA ILE A 113 25.24 18.74 15.52
C ILE A 113 24.00 18.58 14.62
N MET A 114 23.25 17.49 14.84
CA MET A 114 22.19 17.11 13.93
C MET A 114 20.88 17.80 14.20
N ALA A 115 19.87 17.54 13.36
CA ALA A 115 18.71 18.39 13.29
C ALA A 115 17.98 18.59 14.62
N TYR A 116 17.62 19.84 14.87
CA TYR A 116 16.81 20.21 16.06
C TYR A 116 17.51 20.00 17.40
N ALA A 117 18.80 19.74 17.38
CA ALA A 117 19.58 19.72 18.63
C ALA A 117 19.52 21.09 19.28
N HIS A 118 19.74 21.12 20.59
CA HIS A 118 19.74 22.35 21.37
C HIS A 118 20.98 22.45 22.23
N ILE A 119 21.70 23.55 22.07
CA ILE A 119 22.88 23.79 22.86
C ILE A 119 22.64 25.00 23.74
N GLY A 120 22.35 24.71 25.01
CA GLY A 120 21.94 25.75 25.94
C GLY A 120 23.08 26.66 26.37
N HIS A 121 22.69 27.77 27.00
CA HIS A 121 23.63 28.79 27.44
C HIS A 121 24.76 28.27 28.32
N ASP A 122 25.93 28.81 28.06
CA ASP A 122 27.13 28.52 28.76
C ASP A 122 27.67 27.10 28.57
N SER A 123 27.14 26.34 27.64
CA SER A 123 27.69 25.00 27.34
C SER A 123 29.00 25.09 26.60
N VAL A 124 29.81 24.07 26.75
CA VAL A 124 31.13 24.00 26.15
C VAL A 124 31.26 22.65 25.46
N ILE A 125 31.36 22.67 24.13
CA ILE A 125 31.57 21.44 23.36
C ILE A 125 33.00 21.44 22.85
N GLY A 126 33.69 20.30 22.96
CA GLY A 126 35.04 20.15 22.51
C GLY A 126 35.13 19.92 21.00
N ASN A 127 35.90 18.91 20.61
CA ASN A 127 36.14 18.61 19.19
C ASN A 127 35.68 17.19 18.85
N HIS A 128 35.27 17.01 17.60
CA HIS A 128 34.92 15.68 17.09
C HIS A 128 33.75 15.04 17.80
N CYS A 129 32.85 15.83 18.36
CA CYS A 129 31.66 15.29 18.97
C CYS A 129 30.54 15.10 17.94
N ILE A 130 29.61 14.21 18.27
CA ILE A 130 28.37 14.04 17.50
C ILE A 130 27.15 14.11 18.43
N LEU A 131 26.33 15.14 18.22
CA LEU A 131 25.04 15.26 18.85
C LEU A 131 23.96 14.91 17.85
N VAL A 132 23.35 13.75 18.05
CA VAL A 132 22.31 13.27 17.15
C VAL A 132 21.00 14.03 17.33
N ASN A 133 20.10 13.93 16.35
CA ASN A 133 18.86 14.69 16.32
C ASN A 133 18.27 14.94 17.69
N ASN A 134 17.89 16.20 17.92
CA ASN A 134 17.10 16.57 19.10
C ASN A 134 17.77 16.33 20.45
N THR A 135 19.08 16.12 20.44
CA THR A 135 19.87 16.15 21.68
C THR A 135 19.74 17.53 22.32
N ALA A 136 19.51 17.59 23.64
CA ALA A 136 19.29 18.89 24.30
C ALA A 136 20.20 19.05 25.50
N LEU A 137 21.10 20.02 25.41
CA LEU A 137 21.98 20.35 26.51
C LEU A 137 21.34 21.53 27.24
N ALA A 138 20.85 21.31 28.46
CA ALA A 138 20.02 22.33 29.14
C ALA A 138 20.74 23.64 29.46
N GLY A 139 22.02 23.59 29.78
CA GLY A 139 22.76 24.80 30.16
C GLY A 139 23.96 24.44 30.98
N HIS A 140 25.07 25.08 30.76
CA HIS A 140 26.28 24.83 31.49
C HIS A 140 26.80 23.41 31.36
N VAL A 141 26.54 22.80 30.20
CA VAL A 141 26.97 21.41 29.97
C VAL A 141 28.30 21.37 29.26
N HIS A 142 29.22 20.51 29.71
CA HIS A 142 30.53 20.40 29.12
C HIS A 142 30.59 19.03 28.43
N VAL A 143 30.85 19.04 27.13
CA VAL A 143 30.95 17.80 26.36
C VAL A 143 32.36 17.71 25.83
N ASP A 144 33.11 16.70 26.31
CA ASP A 144 34.49 16.56 25.94
C ASP A 144 34.64 15.77 24.61
N ASP A 145 35.85 15.80 24.08
CA ASP A 145 36.12 15.30 22.73
C ASP A 145 35.57 13.92 22.45
N TRP A 146 35.16 13.76 21.18
CA TRP A 146 34.71 12.47 20.64
C TRP A 146 33.48 11.86 21.29
N ALA A 147 32.82 12.57 22.21
CA ALA A 147 31.58 12.07 22.75
C ALA A 147 30.49 11.94 21.65
N ILE A 148 29.65 10.94 21.81
CA ILE A 148 28.48 10.73 20.96
C ILE A 148 27.22 10.66 21.80
N LEU A 149 26.33 11.61 21.57
CA LEU A 149 25.01 11.59 22.20
C LEU A 149 23.93 11.21 21.17
N SER A 150 23.32 10.05 21.37
CA SER A 150 22.34 9.55 20.41
C SER A 150 21.05 10.36 20.45
N GLY A 151 20.20 10.13 19.46
CA GLY A 151 18.99 10.91 19.30
C GLY A 151 18.19 11.14 20.58
N TYR A 152 17.77 12.39 20.78
CA TYR A 152 16.86 12.74 21.88
C TYR A 152 17.47 12.44 23.24
N THR A 153 18.79 12.56 23.32
CA THR A 153 19.46 12.56 24.61
C THR A 153 19.25 13.91 25.28
N LEU A 154 18.85 13.86 26.54
CA LEU A 154 18.60 15.08 27.32
C LEU A 154 19.63 15.18 28.44
N VAL A 155 20.30 16.32 28.53
CA VAL A 155 21.34 16.49 29.51
C VAL A 155 20.96 17.63 30.45
N HIS A 156 20.89 17.31 31.74
N HIS A 156 20.96 17.33 31.75
CA HIS A 156 20.58 18.29 32.79
CA HIS A 156 20.63 18.30 32.80
C HIS A 156 21.66 19.36 32.92
C HIS A 156 21.66 19.37 32.88
N GLN A 157 21.25 20.54 33.37
CA GLN A 157 22.23 21.60 33.65
C GLN A 157 23.44 21.14 34.44
N TYR A 158 24.63 21.67 34.08
CA TYR A 158 25.89 21.49 34.77
C TYR A 158 26.57 20.15 34.56
N CYS A 159 25.93 19.23 33.86
CA CYS A 159 26.51 17.90 33.72
C CYS A 159 27.70 17.93 32.78
N ARG A 160 28.67 17.06 33.06
CA ARG A 160 29.81 16.87 32.21
C ARG A 160 29.71 15.54 31.52
N ILE A 161 29.91 15.56 30.20
CA ILE A 161 29.89 14.35 29.36
C ILE A 161 31.33 14.05 28.92
N GLY A 162 31.89 12.92 29.39
CA GLY A 162 33.27 12.60 29.20
C GLY A 162 33.69 12.30 27.77
N ALA A 163 35.00 12.41 27.56
CA ALA A 163 35.58 12.12 26.25
C ALA A 163 35.26 10.69 25.84
N HIS A 164 34.93 10.52 24.55
CA HIS A 164 34.63 9.19 23.99
C HIS A 164 33.45 8.45 24.64
N SER A 165 32.63 9.13 25.42
CA SER A 165 31.44 8.53 25.96
C SER A 165 30.32 8.38 24.90
N PHE A 166 29.29 7.66 25.28
CA PHE A 166 28.19 7.38 24.38
C PHE A 166 26.91 7.31 25.20
N SER A 167 25.87 7.96 24.71
CA SER A 167 24.54 7.78 25.25
C SER A 167 23.63 7.15 24.21
N GLY A 168 22.81 6.22 24.68
CA GLY A 168 21.79 5.61 23.84
C GLY A 168 20.64 6.56 23.57
N MET A 169 19.86 6.22 22.56
CA MET A 169 18.79 7.10 22.16
C MET A 169 17.80 7.25 23.29
N GLY A 170 17.36 8.49 23.52
CA GLY A 170 16.35 8.77 24.52
C GLY A 170 16.89 8.80 25.96
N SER A 171 18.20 8.78 26.13
CA SER A 171 18.77 8.85 27.48
C SER A 171 18.45 10.18 28.17
N ALA A 172 18.22 10.17 29.49
CA ALA A 172 18.06 11.40 30.26
C ALA A 172 19.11 11.46 31.32
N ILE A 173 20.12 12.27 31.06
CA ILE A 173 21.34 12.29 31.87
C ILE A 173 21.29 13.37 32.93
N GLY A 174 21.48 12.97 34.20
CA GLY A 174 21.31 13.91 35.33
C GLY A 174 22.56 14.07 36.17
N LYS A 175 23.58 13.26 35.88
CA LYS A 175 24.84 13.25 36.60
C LYS A 175 25.92 13.12 35.56
N ASP A 176 27.16 13.32 35.97
CA ASP A 176 28.27 13.31 35.01
C ASP A 176 28.45 11.92 34.39
N VAL A 177 28.88 11.90 33.13
CA VAL A 177 29.18 10.65 32.45
C VAL A 177 30.67 10.59 32.31
N PRO A 178 31.33 9.59 32.93
CA PRO A 178 32.78 9.53 32.83
C PRO A 178 33.22 9.24 31.41
N ALA A 179 34.46 9.61 31.09
CA ALA A 179 35.03 9.29 29.81
C ALA A 179 34.85 7.81 29.47
N TYR A 180 34.57 7.56 28.20
CA TYR A 180 34.37 6.19 27.64
C TYR A 180 33.10 5.46 28.02
N VAL A 181 32.34 5.96 29.00
CA VAL A 181 31.22 5.19 29.52
C VAL A 181 29.98 5.28 28.62
N THR A 182 29.30 4.14 28.49
CA THR A 182 28.05 4.10 27.78
C THR A 182 26.91 4.17 28.76
N VAL A 183 25.95 5.03 28.50
CA VAL A 183 24.77 5.15 29.33
C VAL A 183 23.49 5.03 28.49
N PHE A 184 22.42 4.58 29.13
CA PHE A 184 21.14 4.34 28.50
C PHE A 184 20.02 4.62 29.48
N GLY A 185 18.89 5.05 28.94
CA GLY A 185 17.66 5.08 29.70
C GLY A 185 17.29 6.40 30.31
N ASN A 186 16.10 6.43 30.87
CA ASN A 186 15.62 7.56 31.61
C ASN A 186 15.07 7.05 32.95
N PRO A 187 15.76 7.31 34.06
CA PRO A 187 17.05 7.99 34.11
C PRO A 187 18.23 7.17 33.55
N ALA A 188 19.27 7.86 33.09
CA ALA A 188 20.40 7.19 32.50
C ALA A 188 21.16 6.32 33.49
N GLU A 189 21.53 5.15 33.05
CA GLU A 189 22.36 4.24 33.84
C GLU A 189 23.56 3.79 33.04
N ALA A 190 24.66 3.60 33.73
CA ALA A 190 25.89 3.14 33.13
C ALA A 190 25.78 1.66 32.76
N ARG A 191 26.23 1.31 31.55
CA ARG A 191 26.20 -0.07 31.09
C ARG A 191 27.59 -0.68 30.89
N SER A 192 28.44 -0.01 30.13
CA SER A 192 29.75 -0.54 29.81
C SER A 192 30.60 0.59 29.33
N MET A 193 31.60 0.26 28.53
CA MET A 193 32.40 1.27 27.85
C MET A 193 32.29 1.20 26.36
N ASN A 194 32.70 2.30 25.75
CA ASN A 194 32.60 2.47 24.34
C ASN A 194 33.84 1.86 23.66
N PHE A 195 33.93 0.52 23.71
CA PHE A 195 35.05 -0.20 23.13
C PHE A 195 35.18 -0.01 21.62
N GLU A 196 34.05 0.07 20.92
CA GLU A 196 34.10 0.33 19.49
C GLU A 196 34.77 1.66 19.20
N GLY A 197 34.46 2.69 20.00
CA GLY A 197 35.08 4.00 19.82
C GLY A 197 36.58 3.95 20.04
N MET A 198 37.00 3.21 21.06
CA MET A 198 38.42 3.06 21.36
C MET A 198 39.13 2.45 20.13
N ARG A 199 38.52 1.42 19.57
CA ARG A 199 39.14 0.72 18.43
C ARG A 199 39.22 1.63 17.22
N ARG A 200 38.19 2.44 17.01
CA ARG A 200 38.23 3.44 15.96
C ARG A 200 39.36 4.45 16.12
N ARG A 201 39.75 4.74 17.35
CA ARG A 201 40.76 5.76 17.61
C ARG A 201 42.15 5.18 17.58
N GLY A 202 42.21 3.86 17.49
CA GLY A 202 43.48 3.19 17.41
C GLY A 202 44.12 2.97 18.75
N PHE A 203 43.29 2.84 19.80
CA PHE A 203 43.84 2.45 21.10
C PHE A 203 44.46 1.07 20.99
N SER A 204 45.52 0.86 21.76
CA SER A 204 46.15 -0.46 21.80
C SER A 204 45.27 -1.42 22.55
N SER A 205 45.45 -2.72 22.28
CA SER A 205 44.73 -3.75 23.02
C SER A 205 45.03 -3.66 24.52
N GLU A 206 46.26 -3.29 24.87
CA GLU A 206 46.65 -3.15 26.27
C GLU A 206 45.88 -2.00 26.96
N ALA A 207 45.76 -0.87 26.28
CA ALA A 207 44.97 0.26 26.81
C ALA A 207 43.50 -0.08 26.97
N ILE A 208 42.95 -0.73 25.97
CA ILE A 208 41.59 -1.21 26.08
C ILE A 208 41.35 -2.15 27.24
N HIS A 209 42.22 -3.13 27.40
CA HIS A 209 42.18 -4.01 28.55
C HIS A 209 42.29 -3.21 29.87
N ALA A 210 43.18 -2.24 29.93
CA ALA A 210 43.34 -1.41 31.12
C ALA A 210 42.08 -0.58 31.41
N LEU A 211 41.39 -0.13 30.37
CA LEU A 211 40.12 0.62 30.56
C LEU A 211 39.00 -0.30 31.06
N ARG A 212 38.94 -1.53 30.53
CA ARG A 212 37.96 -2.50 31.04
C ARG A 212 38.16 -2.72 32.55
N ARG A 213 39.42 -2.90 32.98
CA ARG A 213 39.71 -3.08 34.39
C ARG A 213 39.35 -1.82 35.18
N ALA A 214 39.54 -0.64 34.58
CA ALA A 214 39.30 0.61 35.29
C ALA A 214 37.81 0.80 35.54
N TYR A 215 36.97 0.34 34.62
CA TYR A 215 35.55 0.41 34.79
C TYR A 215 35.14 -0.42 36.01
N LYS A 216 35.76 -1.58 36.16
CA LYS A 216 35.41 -2.46 37.27
C LYS A 216 35.83 -1.86 38.59
N VAL A 217 36.98 -1.20 38.60
CA VAL A 217 37.46 -0.53 39.79
C VAL A 217 36.48 0.54 40.31
N VAL A 218 35.94 1.32 39.39
CA VAL A 218 35.01 2.38 39.74
C VAL A 218 33.59 1.88 40.05
N TYR A 219 33.12 0.96 39.24
CA TYR A 219 31.70 0.61 39.27
C TYR A 219 31.36 -0.67 40.02
N ARG A 220 32.29 -1.62 40.08
CA ARG A 220 31.92 -3.01 40.39
C ARG A 220 32.64 -3.64 41.56
N GLN A 221 33.32 -2.85 42.36
CA GLN A 221 34.14 -3.40 43.45
C GLN A 221 33.80 -2.74 44.78
N GLY A 222 32.73 -1.96 44.79
CA GLY A 222 32.24 -1.37 46.02
C GLY A 222 33.11 -0.29 46.63
N HIS A 223 34.08 0.22 45.85
CA HIS A 223 34.93 1.31 46.35
C HIS A 223 34.16 2.61 46.40
N THR A 224 34.54 3.48 47.32
CA THR A 224 34.10 4.85 47.26
C THR A 224 34.85 5.46 46.06
N VAL A 225 34.42 6.64 45.65
CA VAL A 225 35.05 7.32 44.53
C VAL A 225 36.49 7.64 44.91
N GLU A 226 36.73 8.05 46.15
CA GLU A 226 38.10 8.31 46.62
C GLU A 226 38.99 7.10 46.52
N GLU A 227 38.48 5.96 46.97
CA GLU A 227 39.26 4.74 46.93
C GLU A 227 39.55 4.36 45.49
N ALA A 228 38.53 4.44 44.64
CA ALA A 228 38.66 4.09 43.24
C ALA A 228 39.75 4.95 42.60
N LEU A 229 39.74 6.24 42.90
CA LEU A 229 40.76 7.15 42.38
C LEU A 229 42.16 6.70 42.81
N ALA A 230 42.30 6.26 44.06
CA ALA A 230 43.58 5.81 44.55
C ALA A 230 44.00 4.51 43.86
N GLU A 231 43.05 3.62 43.64
CA GLU A 231 43.33 2.36 42.99
C GLU A 231 43.68 2.55 41.50
N LEU A 232 43.21 3.63 40.90
CA LEU A 232 43.43 3.87 39.47
C LEU A 232 44.79 4.53 39.21
N ALA A 233 45.45 5.03 40.25
CA ALA A 233 46.62 5.90 40.05
C ALA A 233 47.68 5.19 39.22
N GLU A 234 47.89 3.91 39.49
CA GLU A 234 48.98 3.17 38.88
C GLU A 234 48.74 2.97 37.39
N SER A 235 47.56 2.46 37.05
CA SER A 235 47.16 2.33 35.65
C SER A 235 47.12 3.67 34.92
N ALA A 236 46.69 4.74 35.61
CA ALA A 236 46.56 6.07 34.99
C ALA A 236 47.94 6.63 34.64
N ALA A 237 48.95 6.26 35.43
CA ALA A 237 50.31 6.68 35.16
C ALA A 237 50.92 5.91 33.99
N GLN A 238 50.50 4.66 33.81
CA GLN A 238 50.97 3.84 32.70
C GLN A 238 50.29 4.18 31.39
N PHE A 239 48.98 4.43 31.45
CA PHE A 239 48.20 4.66 30.25
C PHE A 239 47.52 6.04 30.26
N PRO A 240 47.90 6.92 29.32
CA PRO A 240 47.22 8.20 29.20
C PRO A 240 45.70 8.05 29.00
N GLU A 241 45.30 6.99 28.30
CA GLU A 241 43.89 6.69 28.13
C GLU A 241 43.14 6.48 29.47
N VAL A 242 43.78 5.78 30.40
CA VAL A 242 43.20 5.56 31.72
C VAL A 242 43.24 6.85 32.55
N ALA A 243 44.30 7.63 32.42
CA ALA A 243 44.31 8.98 33.00
C ALA A 243 43.09 9.83 32.60
N VAL A 244 42.68 9.74 31.35
CA VAL A 244 41.49 10.49 30.93
C VAL A 244 40.25 10.07 31.72
N PHE A 245 40.13 8.76 31.92
CA PHE A 245 39.02 8.22 32.67
C PHE A 245 39.10 8.73 34.10
N ARG A 246 40.23 8.46 34.72
CA ARG A 246 40.46 8.89 36.13
C ARG A 246 40.19 10.37 36.30
N ASP A 247 40.72 11.20 35.42
CA ASP A 247 40.44 12.62 35.47
C ASP A 247 38.97 12.98 35.41
N SER A 248 38.19 12.24 34.61
CA SER A 248 36.77 12.59 34.48
C SER A 248 36.05 12.25 35.77
N ILE A 249 36.50 11.21 36.46
CA ILE A 249 35.89 10.89 37.75
C ILE A 249 36.29 11.89 38.86
N GLN A 250 37.57 12.24 38.89
CA GLN A 250 38.10 13.28 39.78
C GLN A 250 37.39 14.63 39.67
N SER A 251 37.03 15.04 38.45
CA SER A 251 36.38 16.33 38.24
C SER A 251 34.87 16.31 38.51
N ALA A 252 34.30 15.13 38.79
CA ALA A 252 32.84 15.01 39.01
C ALA A 252 32.48 15.29 40.47
N THR A 253 32.29 16.56 40.79
CA THR A 253 31.94 16.96 42.14
C THR A 253 30.48 16.67 42.54
N ARG A 254 29.60 16.49 41.56
CA ARG A 254 28.19 16.22 41.83
C ARG A 254 27.78 14.76 41.58
N GLY A 255 28.75 13.85 41.62
CA GLY A 255 28.47 12.44 41.38
C GLY A 255 28.51 11.97 39.93
N ILE A 256 28.71 10.67 39.75
CA ILE A 256 28.81 10.08 38.42
C ILE A 256 27.58 9.23 38.15
N THR A 257 27.26 9.07 36.88
CA THR A 257 26.16 8.21 36.48
C THR A 257 26.54 6.77 36.80
N ARG A 258 25.68 6.08 37.55
CA ARG A 258 25.94 4.69 37.90
C ARG A 258 25.00 3.68 37.28
N SER B 2 -1.30 33.54 -9.30
CA SER B 2 -0.50 32.45 -9.96
C SER B 2 -0.13 31.34 -8.96
N LEU B 3 -0.20 30.09 -9.42
CA LEU B 3 0.00 28.92 -8.55
C LEU B 3 1.40 28.85 -7.95
N ILE B 4 2.38 29.33 -8.72
CA ILE B 4 3.76 29.37 -8.27
C ILE B 4 4.06 30.78 -7.82
N ASP B 5 4.30 30.97 -6.52
CA ASP B 5 4.54 32.30 -6.00
C ASP B 5 5.82 32.85 -6.60
N PRO B 6 5.83 34.15 -6.97
CA PRO B 6 7.03 34.72 -7.61
C PRO B 6 8.21 34.88 -6.63
N ARG B 7 7.96 34.69 -5.34
CA ARG B 7 9.02 34.76 -4.35
C ARG B 7 9.62 33.36 -4.06
N ALA B 8 9.06 32.31 -4.68
CA ALA B 8 9.66 30.99 -4.65
C ALA B 8 10.84 30.87 -5.62
N ILE B 9 11.76 29.96 -5.34
CA ILE B 9 12.89 29.69 -6.21
C ILE B 9 12.64 28.34 -6.85
N ILE B 10 12.43 28.32 -8.17
CA ILE B 10 12.20 27.09 -8.89
C ILE B 10 13.39 26.85 -9.81
N ASP B 11 14.18 25.83 -9.52
CA ASP B 11 15.28 25.52 -10.40
C ASP B 11 14.80 25.18 -11.82
N PRO B 12 15.59 25.57 -12.84
CA PRO B 12 15.17 25.29 -14.21
C PRO B 12 15.05 23.81 -14.53
N SER B 13 15.75 22.95 -13.80
CA SER B 13 15.60 21.50 -14.05
C SER B 13 14.41 20.85 -13.34
N ALA B 14 13.80 21.55 -12.40
CA ALA B 14 12.67 20.99 -11.67
C ALA B 14 11.52 20.76 -12.65
N ARG B 15 10.77 19.70 -12.42
CA ARG B 15 9.58 19.42 -13.23
C ARG B 15 8.29 19.43 -12.42
N LEU B 16 7.43 20.40 -12.71
CA LEU B 16 6.22 20.59 -11.93
C LEU B 16 5.03 20.29 -12.85
N ALA B 17 4.17 19.38 -12.41
CA ALA B 17 2.91 19.16 -13.11
C ALA B 17 2.11 20.47 -13.10
N ALA B 18 1.25 20.71 -14.09
CA ALA B 18 0.78 22.08 -14.39
C ALA B 18 -0.02 22.80 -13.27
N ASP B 19 -0.70 22.05 -12.40
CA ASP B 19 -1.50 22.68 -11.33
C ASP B 19 -0.85 22.64 -9.91
N VAL B 20 0.43 22.38 -9.86
CA VAL B 20 1.17 22.38 -8.59
C VAL B 20 1.18 23.79 -8.05
N GLN B 21 1.02 23.92 -6.74
CA GLN B 21 1.17 25.21 -6.07
C GLN B 21 2.42 25.25 -5.23
N VAL B 22 3.13 26.38 -5.26
CA VAL B 22 4.31 26.59 -4.45
C VAL B 22 4.21 27.92 -3.77
N GLY B 23 4.29 27.92 -2.44
CA GLY B 23 4.23 29.13 -1.68
C GLY B 23 5.47 30.02 -1.70
N PRO B 24 5.37 31.19 -1.10
CA PRO B 24 6.49 32.14 -1.08
C PRO B 24 7.66 31.59 -0.31
N TRP B 25 8.86 31.97 -0.75
CA TRP B 25 10.12 31.71 -0.07
C TRP B 25 10.41 30.21 0.06
N SER B 26 9.83 29.43 -0.84
CA SER B 26 10.13 28.01 -0.94
C SER B 26 11.10 27.75 -2.08
N ILE B 27 11.85 26.67 -1.94
CA ILE B 27 12.92 26.35 -2.86
C ILE B 27 12.59 25.00 -3.43
N VAL B 28 12.41 24.93 -4.75
CA VAL B 28 12.30 23.67 -5.42
C VAL B 28 13.58 23.47 -6.21
N GLY B 29 14.43 22.63 -5.67
CA GLY B 29 15.77 22.43 -6.20
C GLY B 29 15.87 21.71 -7.52
N ALA B 30 17.09 21.63 -8.01
CA ALA B 30 17.36 20.84 -9.21
C ALA B 30 16.92 19.39 -9.03
N GLU B 31 16.46 18.80 -10.15
CA GLU B 31 16.07 17.38 -10.18
C GLU B 31 15.01 17.04 -9.13
N VAL B 32 14.14 17.99 -8.83
CA VAL B 32 12.95 17.73 -8.05
C VAL B 32 11.75 17.68 -8.99
N GLU B 33 11.05 16.56 -8.96
CA GLU B 33 9.83 16.41 -9.74
C GLU B 33 8.62 16.37 -8.82
N ILE B 34 7.60 17.16 -9.16
CA ILE B 34 6.37 17.24 -8.35
C ILE B 34 5.13 16.93 -9.20
N GLY B 35 4.30 16.02 -8.68
CA GLY B 35 3.10 15.60 -9.36
C GLY B 35 1.87 16.48 -9.18
N GLU B 36 0.86 16.16 -9.96
CA GLU B 36 -0.33 16.97 -10.08
C GLU B 36 -1.09 17.13 -8.78
N GLY B 37 -1.47 18.37 -8.52
CA GLY B 37 -2.31 18.68 -7.39
C GLY B 37 -1.55 18.85 -6.09
N THR B 38 -0.24 18.66 -6.12
CA THR B 38 0.56 18.80 -4.90
C THR B 38 0.68 20.27 -4.53
N VAL B 39 0.44 20.56 -3.26
CA VAL B 39 0.63 21.86 -2.69
C VAL B 39 1.86 21.96 -1.78
N ILE B 40 2.79 22.83 -2.15
CA ILE B 40 3.96 23.12 -1.34
C ILE B 40 3.68 24.42 -0.64
N GLY B 41 3.78 24.43 0.68
CA GLY B 41 3.62 25.67 1.46
C GLY B 41 4.73 26.70 1.30
N PRO B 42 4.71 27.74 2.12
CA PRO B 42 5.77 28.70 2.18
C PRO B 42 6.94 28.15 2.97
N HIS B 43 8.13 28.73 2.80
CA HIS B 43 9.31 28.37 3.57
C HIS B 43 9.68 26.87 3.55
N VAL B 44 9.47 26.21 2.41
CA VAL B 44 9.79 24.79 2.28
C VAL B 44 11.07 24.65 1.47
N VAL B 45 11.95 23.74 1.87
CA VAL B 45 13.16 23.45 1.10
C VAL B 45 13.07 22.05 0.53
N LEU B 46 12.99 21.96 -0.80
CA LEU B 46 13.03 20.68 -1.49
C LEU B 46 14.34 20.53 -2.27
N LYS B 47 15.02 19.42 -2.03
CA LYS B 47 16.29 19.15 -2.69
C LYS B 47 16.19 17.79 -3.36
N GLY B 48 16.89 17.65 -4.48
CA GLY B 48 16.79 16.44 -5.32
C GLY B 48 18.09 15.66 -5.34
N PRO B 49 18.12 14.54 -6.06
CA PRO B 49 17.02 14.05 -6.89
C PRO B 49 15.88 13.44 -6.08
N THR B 50 14.68 13.95 -6.31
CA THR B 50 13.53 13.62 -5.49
C THR B 50 12.31 13.63 -6.37
N LYS B 51 11.50 12.60 -6.26
CA LYS B 51 10.22 12.57 -6.95
C LYS B 51 9.12 12.62 -5.90
N ILE B 52 8.25 13.60 -6.04
CA ILE B 52 7.03 13.70 -5.26
C ILE B 52 5.82 13.46 -6.17
N GLY B 53 4.88 12.62 -5.70
CA GLY B 53 3.70 12.27 -6.49
C GLY B 53 2.59 13.29 -6.44
N LYS B 54 1.37 12.77 -6.59
CA LYS B 54 0.15 13.60 -6.72
C LYS B 54 -0.60 13.86 -5.44
N HIS B 55 -1.19 15.05 -5.35
CA HIS B 55 -2.08 15.44 -4.29
C HIS B 55 -1.45 15.33 -2.90
N ASN B 56 -0.17 15.66 -2.83
CA ASN B 56 0.49 15.81 -1.54
C ASN B 56 0.36 17.20 -1.00
N ARG B 57 0.68 17.34 0.26
CA ARG B 57 0.70 18.62 0.88
C ARG B 57 1.93 18.68 1.79
N ILE B 58 2.77 19.71 1.62
CA ILE B 58 3.99 19.87 2.40
C ILE B 58 4.04 21.23 3.06
N TYR B 59 4.04 21.23 4.40
CA TYR B 59 3.98 22.43 5.20
C TYR B 59 5.31 23.14 5.40
N GLN B 60 5.20 24.39 5.79
CA GLN B 60 6.33 25.26 6.10
C GLN B 60 7.41 24.65 6.99
N PHE B 61 8.64 25.00 6.64
CA PHE B 61 9.85 24.78 7.46
C PHE B 61 10.30 23.33 7.37
N SER B 62 9.69 22.59 6.46
CA SER B 62 10.14 21.26 6.14
C SER B 62 11.36 21.28 5.23
N SER B 63 12.23 20.29 5.40
CA SER B 63 13.38 20.08 4.53
C SER B 63 13.30 18.68 3.98
N VAL B 64 12.99 18.58 2.69
CA VAL B 64 12.64 17.35 2.06
C VAL B 64 13.63 17.06 0.94
N GLY B 65 14.45 16.03 1.12
CA GLY B 65 15.46 15.68 0.14
C GLY B 65 16.89 16.10 0.43
N GLU B 66 17.20 16.50 1.67
CA GLU B 66 18.58 16.78 2.03
C GLU B 66 19.45 15.52 2.13
N ASP B 67 20.75 15.70 1.95
CA ASP B 67 21.71 14.64 2.24
C ASP B 67 21.64 14.25 3.70
N THR B 68 21.87 12.99 4.00
CA THR B 68 22.05 12.61 5.40
C THR B 68 23.38 13.15 5.90
N PRO B 69 23.44 13.50 7.19
CA PRO B 69 24.70 13.92 7.74
C PRO B 69 25.52 12.71 8.16
N ASP B 70 24.91 11.54 8.06
CA ASP B 70 25.60 10.32 8.44
C ASP B 70 26.92 10.27 7.70
N LEU B 71 28.00 10.05 8.47
CA LEU B 71 29.35 10.12 7.94
C LEU B 71 29.67 9.09 6.84
N LYS B 72 28.88 8.01 6.75
CA LYS B 72 29.04 7.08 5.63
C LYS B 72 28.61 7.61 4.24
N TYR B 73 27.83 8.68 4.22
CA TYR B 73 27.44 9.30 2.95
C TYR B 73 28.57 10.21 2.49
N LYS B 74 28.94 10.08 1.20
CA LYS B 74 30.06 10.83 0.64
C LYS B 74 29.70 11.56 -0.66
N GLY B 75 28.46 12.05 -0.78
CA GLY B 75 28.09 12.91 -1.92
C GLY B 75 27.56 12.16 -3.14
N GLU B 76 27.29 10.87 -2.99
CA GLU B 76 26.79 10.06 -4.11
C GLU B 76 25.38 10.44 -4.60
N PRO B 77 25.05 10.09 -5.88
CA PRO B 77 23.69 10.32 -6.39
C PRO B 77 22.74 9.32 -5.75
N THR B 78 21.90 9.83 -4.87
CA THR B 78 20.91 9.00 -4.21
C THR B 78 19.59 9.72 -4.27
N ARG B 79 18.51 9.00 -4.01
CA ARG B 79 17.18 9.51 -4.32
C ARG B 79 16.24 9.48 -3.13
N LEU B 80 15.16 10.24 -3.29
CA LEU B 80 14.00 10.16 -2.42
C LEU B 80 12.79 10.05 -3.34
N VAL B 81 11.92 9.10 -3.03
CA VAL B 81 10.62 8.95 -3.71
C VAL B 81 9.47 9.00 -2.74
N ILE B 82 8.55 9.93 -2.99
CA ILE B 82 7.33 10.05 -2.23
C ILE B 82 6.14 9.80 -3.17
N GLY B 83 5.16 9.09 -2.67
CA GLY B 83 3.97 8.70 -3.46
C GLY B 83 2.90 9.78 -3.47
N ASP B 84 1.65 9.35 -3.39
CA ASP B 84 0.50 10.26 -3.48
C ASP B 84 -0.29 10.46 -2.20
N HIS B 85 -1.01 11.57 -2.12
CA HIS B 85 -1.95 11.85 -1.05
C HIS B 85 -1.30 11.76 0.35
N ASN B 86 -0.05 12.22 0.45
CA ASN B 86 0.60 12.35 1.74
C ASN B 86 0.50 13.74 2.29
N VAL B 87 0.52 13.85 3.62
CA VAL B 87 0.55 15.11 4.28
C VAL B 87 1.80 15.16 5.15
N ILE B 88 2.67 16.13 4.85
CA ILE B 88 3.92 16.32 5.57
C ILE B 88 3.79 17.65 6.26
N ARG B 89 3.73 17.62 7.60
CA ARG B 89 3.50 18.81 8.39
C ARG B 89 4.74 19.68 8.65
N GLU B 90 4.61 20.63 9.56
CA GLU B 90 5.63 21.63 9.81
C GLU B 90 6.96 21.05 10.26
N GLY B 91 8.06 21.52 9.67
CA GLY B 91 9.37 21.21 10.15
C GLY B 91 9.83 19.77 10.00
N VAL B 92 9.17 19.01 9.15
CA VAL B 92 9.58 17.61 8.93
C VAL B 92 10.87 17.58 8.14
N THR B 93 11.78 16.68 8.50
CA THR B 93 13.03 16.45 7.76
C THR B 93 13.03 15.04 7.16
N ILE B 94 13.33 14.96 5.85
CA ILE B 94 13.30 13.71 5.13
C ILE B 94 14.56 13.65 4.28
N HIS B 95 15.44 12.71 4.59
CA HIS B 95 16.71 12.62 3.90
C HIS B 95 16.67 11.58 2.77
N ARG B 96 17.50 11.80 1.75
CA ARG B 96 17.70 10.82 0.68
C ARG B 96 18.52 9.60 1.15
N GLY B 97 18.57 8.59 0.30
CA GLY B 97 19.26 7.35 0.68
C GLY B 97 20.78 7.42 0.62
N THR B 98 21.40 6.26 0.81
CA THR B 98 22.86 6.10 0.74
C THR B 98 23.18 4.91 -0.19
N VAL B 99 24.35 4.95 -0.81
CA VAL B 99 24.70 3.89 -1.75
C VAL B 99 24.93 2.55 -1.05
N GLN B 100 25.26 2.58 0.23
CA GLN B 100 25.49 1.38 1.01
C GLN B 100 24.27 0.49 1.08
N ASP B 101 23.06 1.04 0.93
CA ASP B 101 21.83 0.25 1.03
C ASP B 101 21.25 0.14 -0.38
N ARG B 102 20.24 0.92 -0.74
CA ARG B 102 19.66 0.87 -2.09
C ARG B 102 19.61 2.26 -2.71
N ALA B 103 20.30 3.24 -2.12
CA ALA B 103 20.37 4.58 -2.68
C ALA B 103 19.00 5.26 -2.80
N GLU B 104 18.06 4.91 -1.92
CA GLU B 104 16.76 5.53 -1.98
C GLU B 104 16.05 5.50 -0.63
N THR B 105 15.46 6.62 -0.27
CA THR B 105 14.44 6.70 0.77
C THR B 105 13.10 6.71 0.06
N THR B 106 12.17 5.91 0.55
CA THR B 106 10.88 5.71 -0.09
C THR B 106 9.70 5.93 0.88
N ILE B 107 8.71 6.70 0.43
CA ILE B 107 7.48 6.89 1.15
C ILE B 107 6.33 6.59 0.18
N GLY B 108 5.39 5.77 0.64
CA GLY B 108 4.21 5.38 -0.21
C GLY B 108 3.12 6.45 -0.31
N ASP B 109 1.88 6.01 -0.10
CA ASP B 109 0.69 6.87 -0.26
C ASP B 109 -0.10 7.03 1.03
N HIS B 110 -0.84 8.13 1.13
CA HIS B 110 -1.84 8.33 2.17
C HIS B 110 -1.25 8.29 3.59
N ASN B 111 0.01 8.65 3.67
CA ASN B 111 0.66 8.85 4.98
C ASN B 111 0.41 10.22 5.55
N LEU B 112 0.42 10.29 6.89
CA LEU B 112 0.39 11.52 7.61
C LEU B 112 1.63 11.62 8.51
N ILE B 113 2.50 12.58 8.21
CA ILE B 113 3.76 12.74 8.93
C ILE B 113 3.68 14.07 9.61
N MET B 114 3.51 14.04 10.93
CA MET B 114 3.29 15.25 11.70
C MET B 114 4.52 16.08 12.02
N ALA B 115 4.31 17.21 12.69
CA ALA B 115 5.37 18.19 12.87
C ALA B 115 6.66 17.67 13.48
N TYR B 116 7.78 18.03 12.84
CA TYR B 116 9.12 17.76 13.33
C TYR B 116 9.47 16.28 13.38
N ALA B 117 8.67 15.46 12.72
CA ALA B 117 9.10 14.12 12.46
C ALA B 117 10.36 14.10 11.63
N HIS B 118 11.11 13.00 11.74
CA HIS B 118 12.36 12.84 11.00
C HIS B 118 12.31 11.47 10.32
N ILE B 119 12.58 11.47 9.01
CA ILE B 119 12.65 10.25 8.24
C ILE B 119 14.06 10.10 7.69
N GLY B 120 14.84 9.26 8.35
CA GLY B 120 16.26 9.15 8.07
C GLY B 120 16.54 8.39 6.77
N HIS B 121 17.78 8.50 6.33
CA HIS B 121 18.20 7.89 5.10
C HIS B 121 17.81 6.43 4.97
N ASP B 122 17.40 6.06 3.75
CA ASP B 122 17.13 4.69 3.37
C ASP B 122 15.93 4.08 4.10
N SER B 123 15.16 4.90 4.78
CA SER B 123 13.93 4.42 5.38
C SER B 123 12.88 4.17 4.28
N VAL B 124 11.95 3.28 4.59
CA VAL B 124 10.89 2.87 3.67
C VAL B 124 9.59 2.90 4.44
N ILE B 125 8.74 3.86 4.12
CA ILE B 125 7.42 3.94 4.70
C ILE B 125 6.39 3.47 3.67
N GLY B 126 5.50 2.61 4.10
CA GLY B 126 4.42 2.10 3.24
C GLY B 126 3.28 3.09 3.06
N ASN B 127 2.05 2.61 3.23
CA ASN B 127 0.87 3.39 2.99
C ASN B 127 0.08 3.53 4.25
N HIS B 128 -0.64 4.63 4.38
CA HIS B 128 -1.63 4.83 5.43
C HIS B 128 -1.03 4.88 6.84
N CYS B 129 0.26 5.17 6.92
CA CYS B 129 0.92 5.28 8.20
C CYS B 129 0.71 6.64 8.81
N ILE B 130 0.76 6.70 10.14
CA ILE B 130 0.73 7.96 10.84
C ILE B 130 1.95 8.07 11.74
N LEU B 131 2.78 9.07 11.48
CA LEU B 131 3.92 9.38 12.37
C LEU B 131 3.56 10.65 13.07
N VAL B 132 3.30 10.54 14.37
CA VAL B 132 2.94 11.68 15.19
C VAL B 132 4.16 12.55 15.51
N ASN B 133 3.92 13.80 15.92
CA ASN B 133 4.99 14.82 16.15
C ASN B 133 6.30 14.23 16.67
N ASN B 134 7.40 14.60 16.06
CA ASN B 134 8.74 14.32 16.55
C ASN B 134 9.07 12.81 16.61
N THR B 135 8.33 11.99 15.86
CA THR B 135 8.74 10.63 15.62
C THR B 135 10.04 10.65 14.82
N ALA B 136 11.03 9.86 15.21
CA ALA B 136 12.33 9.94 14.54
C ALA B 136 12.76 8.56 14.10
N LEU B 137 12.92 8.39 12.78
CA LEU B 137 13.39 7.13 12.23
C LEU B 137 14.84 7.33 11.87
N ALA B 138 15.74 6.65 12.57
CA ALA B 138 17.17 6.95 12.49
C ALA B 138 17.85 6.66 11.17
N GLY B 139 17.38 5.67 10.45
CA GLY B 139 18.03 5.28 9.18
C GLY B 139 17.75 3.83 8.89
N HIS B 140 17.47 3.51 7.62
CA HIS B 140 17.18 2.13 7.18
C HIS B 140 15.92 1.53 7.86
N VAL B 141 15.00 2.36 8.34
CA VAL B 141 13.87 1.89 9.09
C VAL B 141 12.71 1.59 8.13
N HIS B 142 12.11 0.42 8.28
CA HIS B 142 10.97 0.05 7.43
C HIS B 142 9.70 0.12 8.24
N VAL B 143 8.75 0.95 7.80
CA VAL B 143 7.46 1.05 8.46
C VAL B 143 6.40 0.54 7.49
N ASP B 144 5.78 -0.58 7.84
CA ASP B 144 4.76 -1.17 6.99
C ASP B 144 3.39 -0.50 7.14
N ASP B 145 2.46 -0.90 6.28
CA ASP B 145 1.21 -0.18 6.15
C ASP B 145 0.39 -0.09 7.42
N TRP B 146 -0.24 1.09 7.59
CA TRP B 146 -1.20 1.35 8.63
C TRP B 146 -0.58 1.52 10.03
N ALA B 147 0.72 1.38 10.13
CA ALA B 147 1.37 1.59 11.44
C ALA B 147 1.15 3.00 11.97
N ILE B 148 0.98 3.11 13.28
CA ILE B 148 0.85 4.38 13.95
C ILE B 148 1.93 4.52 15.00
N LEU B 149 2.73 5.57 14.87
CA LEU B 149 3.78 5.85 15.84
C LEU B 149 3.44 7.12 16.56
N SER B 150 3.10 6.99 17.83
CA SER B 150 2.69 8.16 18.62
C SER B 150 3.84 9.16 18.83
N GLY B 151 3.49 10.32 19.39
CA GLY B 151 4.46 11.41 19.53
C GLY B 151 5.78 11.00 20.15
N TYR B 152 6.89 11.50 19.60
CA TYR B 152 8.22 11.31 20.17
C TYR B 152 8.54 9.81 20.30
N THR B 153 8.07 9.04 19.34
CA THR B 153 8.57 7.68 19.17
C THR B 153 9.93 7.72 18.47
N LEU B 154 10.89 7.00 19.04
CA LEU B 154 12.25 6.96 18.52
C LEU B 154 12.48 5.58 18.02
N VAL B 155 12.99 5.46 16.78
CA VAL B 155 13.22 4.16 16.17
C VAL B 155 14.68 4.04 15.72
N HIS B 156 15.36 3.05 16.30
CA HIS B 156 16.79 2.80 16.06
C HIS B 156 17.02 2.40 14.61
N GLN B 157 18.19 2.72 14.10
CA GLN B 157 18.58 2.22 12.76
C GLN B 157 18.27 0.76 12.53
N TYR B 158 17.88 0.45 11.28
CA TYR B 158 17.58 -0.92 10.84
C TYR B 158 16.32 -1.58 11.41
N CYS B 159 15.65 -0.94 12.37
CA CYS B 159 14.44 -1.53 12.90
C CYS B 159 13.28 -1.57 11.89
N ARG B 160 12.48 -2.62 12.01
CA ARG B 160 11.26 -2.75 11.25
C ARG B 160 10.07 -2.56 12.15
N ILE B 161 9.06 -1.86 11.63
CA ILE B 161 7.84 -1.57 12.33
C ILE B 161 6.71 -2.20 11.52
N GLY B 162 6.04 -3.16 12.13
CA GLY B 162 5.10 -4.00 11.41
C GLY B 162 3.80 -3.32 11.03
N ALA B 163 3.08 -3.96 10.12
CA ALA B 163 1.79 -3.44 9.65
C ALA B 163 0.78 -3.39 10.79
N HIS B 164 0.03 -2.29 10.85
CA HIS B 164 -1.01 -2.09 11.87
C HIS B 164 -0.48 -2.11 13.32
N SER B 165 0.81 -1.90 13.50
CA SER B 165 1.34 -1.80 14.84
C SER B 165 1.06 -0.41 15.43
N PHE B 166 1.37 -0.25 16.70
CA PHE B 166 1.14 0.98 17.40
C PHE B 166 2.15 1.20 18.50
N SER B 167 2.74 2.39 18.52
CA SER B 167 3.64 2.77 19.62
C SER B 167 3.00 3.86 20.40
N GLY B 168 3.11 3.75 21.71
CA GLY B 168 2.72 4.83 22.61
C GLY B 168 3.66 6.02 22.61
N MET B 169 3.18 7.13 23.13
CA MET B 169 3.94 8.35 23.11
C MET B 169 5.23 8.19 23.90
N GLY B 170 6.34 8.58 23.32
CA GLY B 170 7.62 8.52 23.98
C GLY B 170 8.29 7.16 23.95
N SER B 171 7.85 6.27 23.09
CA SER B 171 8.44 4.94 23.01
C SER B 171 9.83 5.01 22.42
N ALA B 172 10.73 4.17 22.90
CA ALA B 172 12.08 4.13 22.33
C ALA B 172 12.32 2.73 21.85
N ILE B 173 12.23 2.56 20.53
CA ILE B 173 12.18 1.26 19.90
C ILE B 173 13.53 0.88 19.38
N GLY B 174 14.11 -0.12 20.01
CA GLY B 174 15.45 -0.58 19.61
C GLY B 174 15.49 -1.93 18.93
N LYS B 175 14.36 -2.63 18.98
CA LYS B 175 14.21 -3.93 18.35
C LYS B 175 12.98 -3.88 17.45
N ASP B 176 12.80 -4.88 16.63
CA ASP B 176 11.69 -4.83 15.66
C ASP B 176 10.34 -4.92 16.39
N VAL B 177 9.30 -4.30 15.80
CA VAL B 177 7.97 -4.41 16.31
C VAL B 177 7.18 -5.24 15.36
N PRO B 178 6.74 -6.42 15.81
CA PRO B 178 5.96 -7.21 14.88
C PRO B 178 4.67 -6.53 14.43
N ALA B 179 4.10 -7.05 13.33
CA ALA B 179 2.79 -6.57 12.88
C ALA B 179 1.74 -6.70 13.96
N TYR B 180 0.89 -5.68 14.08
CA TYR B 180 -0.24 -5.62 15.00
C TYR B 180 0.12 -5.43 16.46
N VAL B 181 1.39 -5.41 16.79
CA VAL B 181 1.78 -5.32 18.20
C VAL B 181 1.74 -3.87 18.70
N THR B 182 1.33 -3.70 19.96
N THR B 182 1.29 -3.69 19.95
CA THR B 182 1.37 -2.40 20.63
CA THR B 182 1.35 -2.38 20.63
C THR B 182 2.57 -2.34 21.56
C THR B 182 2.55 -2.32 21.58
N VAL B 183 3.34 -1.27 21.47
CA VAL B 183 4.52 -1.10 22.34
C VAL B 183 4.49 0.23 23.05
N PHE B 184 5.11 0.30 24.23
CA PHE B 184 5.14 1.51 25.03
C PHE B 184 6.45 1.55 25.79
N GLY B 185 6.91 2.75 26.06
CA GLY B 185 7.99 2.94 27.04
C GLY B 185 9.39 3.04 26.48
N ASN B 186 10.31 3.34 27.40
CA ASN B 186 11.71 3.45 27.05
C ASN B 186 12.50 2.67 28.07
N PRO B 187 13.02 1.50 27.71
CA PRO B 187 12.89 0.90 26.39
C PRO B 187 11.50 0.33 26.08
N ALA B 188 11.18 0.20 24.80
CA ALA B 188 9.83 -0.15 24.40
C ALA B 188 9.52 -1.58 24.83
N GLU B 189 8.32 -1.75 25.37
CA GLU B 189 7.83 -3.06 25.84
C GLU B 189 6.62 -3.43 24.99
N ALA B 190 6.47 -4.71 24.69
CA ALA B 190 5.23 -5.22 24.07
C ALA B 190 4.10 -5.32 25.09
N ARG B 191 2.93 -4.76 24.73
CA ARG B 191 1.70 -4.82 25.55
C ARG B 191 0.49 -5.28 24.73
N SER B 192 0.60 -6.43 24.16
CA SER B 192 -0.49 -7.03 23.39
C SER B 192 -0.67 -6.41 22.02
N MET B 193 -1.81 -6.68 21.41
CA MET B 193 -2.06 -6.24 20.06
C MET B 193 -2.97 -5.06 19.94
N ASN B 194 -2.88 -4.41 18.78
CA ASN B 194 -3.63 -3.21 18.49
C ASN B 194 -5.07 -3.57 18.12
N PHE B 195 -5.79 -4.12 19.10
CA PHE B 195 -7.14 -4.61 18.82
C PHE B 195 -8.08 -3.49 18.44
N GLU B 196 -7.91 -2.32 19.02
CA GLU B 196 -8.80 -1.21 18.66
C GLU B 196 -8.59 -0.80 17.22
N GLY B 197 -7.33 -0.71 16.80
CA GLY B 197 -7.04 -0.42 15.42
C GLY B 197 -7.59 -1.45 14.43
N MET B 198 -7.50 -2.72 14.82
CA MET B 198 -8.02 -3.80 14.02
C MET B 198 -9.54 -3.68 13.85
N ARG B 199 -10.25 -3.43 14.96
CA ARG B 199 -11.71 -3.33 14.92
C ARG B 199 -12.20 -2.14 14.13
N ARG B 200 -11.51 -1.03 14.26
CA ARG B 200 -11.81 0.15 13.49
C ARG B 200 -11.64 -0.06 12.02
N ARG B 201 -10.61 -0.82 11.64
CA ARG B 201 -10.33 -1.10 10.23
C ARG B 201 -11.18 -2.23 9.65
N GLY B 202 -11.89 -2.96 10.50
CA GLY B 202 -12.87 -3.90 10.01
C GLY B 202 -12.31 -5.27 9.84
N PHE B 203 -11.27 -5.61 10.59
CA PHE B 203 -10.79 -6.97 10.60
C PHE B 203 -11.88 -7.91 11.12
N SER B 204 -11.92 -9.14 10.66
CA SER B 204 -12.95 -10.07 11.10
C SER B 204 -12.69 -10.52 12.52
N SER B 205 -13.76 -10.88 13.22
CA SER B 205 -13.62 -11.50 14.53
C SER B 205 -12.74 -12.75 14.51
N GLU B 206 -12.83 -13.55 13.44
CA GLU B 206 -12.06 -14.78 13.36
C GLU B 206 -10.56 -14.49 13.26
N ALA B 207 -10.22 -13.49 12.47
CA ALA B 207 -8.82 -13.12 12.32
C ALA B 207 -8.27 -12.50 13.62
N ILE B 208 -9.07 -11.64 14.25
CA ILE B 208 -8.70 -11.10 15.55
C ILE B 208 -8.43 -12.21 16.57
N HIS B 209 -9.35 -13.16 16.67
CA HIS B 209 -9.13 -14.33 17.53
C HIS B 209 -7.85 -15.11 17.20
N ALA B 210 -7.57 -15.28 15.90
CA ALA B 210 -6.38 -16.06 15.50
C ALA B 210 -5.11 -15.28 15.89
N LEU B 211 -5.15 -13.98 15.69
CA LEU B 211 -4.04 -13.12 16.07
C LEU B 211 -3.79 -13.10 17.57
N ARG B 212 -4.86 -13.17 18.37
CA ARG B 212 -4.70 -13.25 19.83
C ARG B 212 -3.96 -14.52 20.18
N ARG B 213 -4.31 -15.63 19.55
CA ARG B 213 -3.59 -16.87 19.77
C ARG B 213 -2.16 -16.85 19.30
N ALA B 214 -1.91 -16.20 18.17
CA ALA B 214 -0.55 -16.07 17.65
C ALA B 214 0.36 -15.26 18.59
N TYR B 215 -0.19 -14.21 19.16
CA TYR B 215 0.56 -13.40 20.13
C TYR B 215 1.00 -14.27 21.31
N LYS B 216 0.11 -15.10 21.80
CA LYS B 216 0.47 -16.05 22.88
C LYS B 216 1.60 -16.99 22.51
N VAL B 217 1.58 -17.48 21.28
CA VAL B 217 2.60 -18.40 20.84
C VAL B 217 3.98 -17.78 20.85
N VAL B 218 4.06 -16.55 20.41
CA VAL B 218 5.31 -15.88 20.35
C VAL B 218 5.75 -15.41 21.74
N TYR B 219 4.83 -14.83 22.47
CA TYR B 219 5.19 -14.03 23.65
C TYR B 219 4.92 -14.69 25.00
N ARG B 220 4.06 -15.71 25.06
CA ARG B 220 3.57 -16.15 26.36
C ARG B 220 3.71 -17.63 26.65
N GLN B 221 4.50 -18.34 25.87
CA GLN B 221 4.59 -19.80 26.03
C GLN B 221 6.04 -20.25 26.22
N GLY B 222 6.94 -19.29 26.40
CA GLY B 222 8.35 -19.56 26.58
C GLY B 222 9.12 -20.13 25.39
N HIS B 223 8.55 -20.04 24.19
CA HIS B 223 9.22 -20.56 23.01
C HIS B 223 10.37 -19.66 22.62
N THR B 224 11.39 -20.23 22.02
CA THR B 224 12.33 -19.42 21.26
C THR B 224 11.62 -18.93 19.98
N VAL B 225 12.24 -17.98 19.29
CA VAL B 225 11.63 -17.39 18.11
C VAL B 225 11.50 -18.48 17.06
N GLU B 226 12.52 -19.33 16.96
CA GLU B 226 12.49 -20.42 15.97
C GLU B 226 11.39 -21.46 16.26
N GLU B 227 11.13 -21.75 17.53
CA GLU B 227 10.02 -22.65 17.90
C GLU B 227 8.67 -21.99 17.66
N ALA B 228 8.56 -20.72 18.00
CA ALA B 228 7.34 -19.97 17.74
C ALA B 228 7.01 -19.94 16.24
N LEU B 229 8.00 -19.66 15.41
CA LEU B 229 7.77 -19.64 13.95
C LEU B 229 7.23 -20.98 13.46
N ALA B 230 7.77 -22.07 14.03
CA ALA B 230 7.30 -23.41 13.64
C ALA B 230 5.88 -23.63 14.11
N GLU B 231 5.58 -23.13 15.31
CA GLU B 231 4.23 -23.32 15.85
C GLU B 231 3.19 -22.45 15.11
N LEU B 232 3.61 -21.28 14.63
CA LEU B 232 2.70 -20.42 13.85
C LEU B 232 2.33 -20.91 12.44
N ALA B 233 3.10 -21.86 11.90
CA ALA B 233 2.96 -22.21 10.48
C ALA B 233 1.51 -22.55 10.11
N GLU B 234 0.84 -23.29 10.99
CA GLU B 234 -0.53 -23.71 10.73
C GLU B 234 -1.49 -22.56 10.61
N SER B 235 -1.52 -21.71 11.62
CA SER B 235 -2.45 -20.57 11.62
C SER B 235 -2.12 -19.57 10.51
N ALA B 236 -0.84 -19.44 10.21
CA ALA B 236 -0.38 -18.53 9.15
C ALA B 236 -0.88 -19.01 7.78
N ALA B 237 -0.97 -20.32 7.62
CA ALA B 237 -1.50 -20.90 6.37
C ALA B 237 -3.01 -20.71 6.24
N GLN B 238 -3.69 -20.53 7.38
CA GLN B 238 -5.16 -20.34 7.39
C GLN B 238 -5.56 -18.87 7.30
N PHE B 239 -4.80 -17.96 7.93
CA PHE B 239 -5.18 -16.54 7.98
C PHE B 239 -4.08 -15.65 7.44
N PRO B 240 -4.40 -14.82 6.44
CA PRO B 240 -3.38 -13.94 5.89
C PRO B 240 -2.82 -13.01 6.95
N GLU B 241 -3.68 -12.55 7.87
CA GLU B 241 -3.23 -11.67 8.95
C GLU B 241 -2.21 -12.32 9.83
N VAL B 242 -2.42 -13.60 10.12
CA VAL B 242 -1.43 -14.31 10.86
C VAL B 242 -0.14 -14.56 10.08
N ALA B 243 -0.25 -14.72 8.75
CA ALA B 243 0.95 -14.79 7.92
C ALA B 243 1.75 -13.48 7.92
N VAL B 244 1.05 -12.37 7.97
CA VAL B 244 1.71 -11.05 8.05
C VAL B 244 2.48 -10.95 9.37
N PHE B 245 1.85 -11.39 10.45
CA PHE B 245 2.50 -11.44 11.78
C PHE B 245 3.74 -12.33 11.73
N ARG B 246 3.57 -13.57 11.29
CA ARG B 246 4.65 -14.54 11.20
C ARG B 246 5.80 -14.02 10.32
N ASP B 247 5.46 -13.37 9.21
CA ASP B 247 6.49 -12.90 8.30
C ASP B 247 7.28 -11.73 8.93
N SER B 248 6.60 -10.90 9.71
CA SER B 248 7.27 -9.81 10.42
C SER B 248 8.26 -10.36 11.47
N ILE B 249 7.96 -11.50 12.06
CA ILE B 249 8.89 -12.10 13.03
C ILE B 249 10.07 -12.73 12.31
N GLN B 250 9.79 -13.31 11.14
CA GLN B 250 10.82 -14.03 10.39
C GLN B 250 11.85 -13.06 9.78
N SER B 251 11.42 -11.86 9.43
CA SER B 251 12.29 -10.83 8.86
C SER B 251 13.01 -9.94 9.89
N ALA B 252 12.70 -10.09 11.17
CA ALA B 252 13.36 -9.30 12.25
C ALA B 252 14.91 -9.53 12.27
N THR B 253 15.72 -8.45 12.15
CA THR B 253 17.21 -8.56 12.18
C THR B 253 17.78 -8.08 13.50
N ARG B 254 16.98 -7.33 14.25
CA ARG B 254 17.41 -6.85 15.54
C ARG B 254 16.71 -7.52 16.73
N GLY B 255 16.08 -8.68 16.50
CA GLY B 255 15.33 -9.34 17.58
C GLY B 255 13.97 -8.70 17.65
N ILE B 256 13.03 -9.26 18.38
CA ILE B 256 11.74 -8.64 18.49
C ILE B 256 11.51 -8.04 19.86
N THR B 257 10.79 -6.93 19.84
CA THR B 257 10.44 -6.25 21.06
C THR B 257 9.58 -7.17 21.90
N ARG B 258 10.00 -7.38 23.16
CA ARG B 258 9.24 -8.18 24.08
C ARG B 258 8.64 -7.40 25.28
N LEU C 3 7.55 49.47 11.04
CA LEU C 3 7.17 48.43 12.04
C LEU C 3 6.80 47.14 11.35
N ILE C 4 5.94 47.26 10.33
CA ILE C 4 5.62 46.13 9.48
C ILE C 4 6.58 46.06 8.31
N ASP C 5 7.39 45.01 8.29
CA ASP C 5 8.40 44.88 7.26
C ASP C 5 7.70 44.73 5.93
N PRO C 6 8.20 45.44 4.89
CA PRO C 6 7.60 45.28 3.58
C PRO C 6 7.73 43.89 2.96
N ARG C 7 8.57 43.03 3.52
CA ARG C 7 8.72 41.66 3.00
C ARG C 7 7.82 40.68 3.72
N ALA C 8 7.01 41.19 4.65
CA ALA C 8 5.97 40.37 5.27
C ALA C 8 4.73 40.37 4.41
N ILE C 9 3.93 39.32 4.54
CA ILE C 9 2.65 39.22 3.84
C ILE C 9 1.52 39.41 4.86
N ILE C 10 0.78 40.52 4.75
CA ILE C 10 -0.33 40.79 5.68
C ILE C 10 -1.64 40.66 4.92
N ASP C 11 -2.44 39.66 5.25
CA ASP C 11 -3.73 39.50 4.58
C ASP C 11 -4.62 40.74 4.81
N PRO C 12 -5.46 41.08 3.82
CA PRO C 12 -6.31 42.27 3.97
C PRO C 12 -7.32 42.16 5.11
N SER C 13 -7.71 40.93 5.49
CA SER C 13 -8.63 40.76 6.61
C SER C 13 -7.96 40.65 7.97
N ALA C 14 -6.62 40.65 8.03
CA ALA C 14 -5.93 40.71 9.31
C ALA C 14 -6.11 42.06 9.97
N ARG C 15 -5.94 42.08 11.28
CA ARG C 15 -6.20 43.29 12.00
C ARG C 15 -5.09 43.50 13.00
N LEU C 16 -4.27 44.49 12.73
CA LEU C 16 -3.13 44.76 13.57
C LEU C 16 -3.36 46.03 14.32
N ALA C 17 -3.15 45.99 15.63
CA ALA C 17 -3.19 47.18 16.42
C ALA C 17 -2.07 48.03 15.97
N ALA C 18 -2.12 49.26 16.46
CA ALA C 18 -1.02 50.16 16.33
C ALA C 18 0.09 49.53 17.11
N ASP C 19 1.29 49.84 16.66
CA ASP C 19 2.51 49.51 17.37
C ASP C 19 3.00 48.06 17.15
N VAL C 20 2.18 47.25 16.53
CA VAL C 20 2.61 45.89 16.18
C VAL C 20 3.80 45.87 15.20
N GLN C 21 4.81 45.05 15.53
CA GLN C 21 5.93 44.84 14.61
C GLN C 21 5.84 43.46 13.98
N VAL C 22 6.09 43.39 12.67
CA VAL C 22 6.12 42.12 11.95
C VAL C 22 7.39 42.06 11.12
N GLY C 23 8.22 41.05 11.38
CA GLY C 23 9.47 40.89 10.72
C GLY C 23 9.36 40.41 9.29
N PRO C 24 10.50 40.42 8.58
CA PRO C 24 10.52 39.99 7.19
C PRO C 24 10.15 38.52 7.02
N TRP C 25 9.38 38.26 5.96
CA TRP C 25 9.07 36.92 5.49
C TRP C 25 8.14 36.20 6.47
N SER C 26 7.39 36.98 7.23
CA SER C 26 6.32 36.45 8.02
C SER C 26 4.99 36.60 7.33
N ILE C 27 4.08 35.70 7.63
CA ILE C 27 2.73 35.71 7.08
C ILE C 27 1.70 35.91 8.18
N VAL C 28 0.87 36.93 8.00
CA VAL C 28 -0.22 37.18 8.94
C VAL C 28 -1.47 36.92 8.14
N GLY C 29 -2.08 35.77 8.39
CA GLY C 29 -3.13 35.24 7.56
C GLY C 29 -4.47 35.92 7.77
N ALA C 30 -5.46 35.47 7.00
CA ALA C 30 -6.81 35.98 7.11
C ALA C 30 -7.37 35.71 8.50
N GLU C 31 -8.13 36.67 9.02
CA GLU C 31 -8.81 36.54 10.31
C GLU C 31 -7.84 36.37 11.49
N VAL C 32 -6.64 36.89 11.33
CA VAL C 32 -5.72 37.01 12.45
C VAL C 32 -5.77 38.42 12.99
N GLU C 33 -6.00 38.53 14.29
CA GLU C 33 -5.93 39.80 14.99
C GLU C 33 -4.74 39.81 15.92
N ILE C 34 -4.04 40.93 15.95
CA ILE C 34 -2.87 41.09 16.82
C ILE C 34 -2.95 42.37 17.63
N GLY C 35 -2.70 42.26 18.93
CA GLY C 35 -2.85 43.36 19.86
C GLY C 35 -1.62 44.22 20.03
N GLU C 36 -1.82 45.36 20.68
CA GLU C 36 -0.82 46.41 20.76
C GLU C 36 0.49 45.95 21.36
N GLY C 37 1.57 46.41 20.75
CA GLY C 37 2.91 46.17 21.25
C GLY C 37 3.45 44.77 20.94
N THR C 38 2.65 43.92 20.30
CA THR C 38 3.11 42.55 19.99
C THR C 38 4.15 42.56 18.85
N VAL C 39 5.23 41.82 19.07
CA VAL C 39 6.33 41.73 18.13
C VAL C 39 6.37 40.32 17.51
N ILE C 40 6.06 40.25 16.22
CA ILE C 40 6.21 39.04 15.46
C ILE C 40 7.60 39.08 14.82
N GLY C 41 8.43 38.07 15.12
CA GLY C 41 9.71 37.95 14.43
C GLY C 41 9.66 37.72 12.93
N PRO C 42 10.83 37.44 12.36
CA PRO C 42 10.90 37.03 10.96
C PRO C 42 10.52 35.54 10.81
N HIS C 43 10.09 35.13 9.63
CA HIS C 43 9.80 33.73 9.32
C HIS C 43 8.73 33.10 10.22
N VAL C 44 7.71 33.89 10.60
CA VAL C 44 6.61 33.37 11.43
C VAL C 44 5.36 33.19 10.58
N VAL C 45 4.68 32.06 10.72
CA VAL C 45 3.43 31.83 10.03
C VAL C 45 2.27 31.91 11.02
N LEU C 46 1.37 32.88 10.80
CA LEU C 46 0.15 33.01 11.63
C LEU C 46 -1.06 32.73 10.78
N LYS C 47 -1.88 31.77 11.22
CA LYS C 47 -3.13 31.45 10.55
C LYS C 47 -4.33 31.64 11.49
N GLY C 48 -5.52 31.84 10.93
CA GLY C 48 -6.70 32.27 11.73
C GLY C 48 -7.84 31.30 11.54
N PRO C 49 -8.97 31.52 12.22
CA PRO C 49 -9.21 32.68 13.07
C PRO C 49 -8.49 32.63 14.39
N THR C 50 -7.77 33.68 14.69
CA THR C 50 -6.85 33.69 15.80
C THR C 50 -6.81 35.09 16.35
N LYS C 51 -6.80 35.18 17.66
CA LYS C 51 -6.64 36.42 18.31
C LYS C 51 -5.43 36.37 19.18
N ILE C 52 -4.54 37.31 19.01
CA ILE C 52 -3.36 37.46 19.84
C ILE C 52 -3.43 38.79 20.56
N GLY C 53 -3.13 38.80 21.86
CA GLY C 53 -3.26 40.01 22.68
C GLY C 53 -2.09 40.94 22.60
N LYS C 54 -1.77 41.57 23.72
CA LYS C 54 -0.84 42.68 23.78
C LYS C 54 0.52 42.25 24.28
N HIS C 55 1.54 42.95 23.81
CA HIS C 55 2.93 42.82 24.27
C HIS C 55 3.47 41.37 24.23
N ASN C 56 2.99 40.60 23.29
CA ASN C 56 3.54 39.25 23.04
C ASN C 56 4.77 39.32 22.14
N ARG C 57 5.60 38.30 22.24
CA ARG C 57 6.73 38.16 21.34
C ARG C 57 6.70 36.74 20.76
N ILE C 58 6.71 36.65 19.43
CA ILE C 58 6.70 35.35 18.73
C ILE C 58 7.92 35.22 17.82
N TYR C 59 8.73 34.20 18.08
CA TYR C 59 10.06 34.04 17.45
C TYR C 59 9.94 33.24 16.16
N GLN C 60 10.98 33.42 15.35
CA GLN C 60 11.10 32.75 14.05
C GLN C 60 10.77 31.27 14.03
N PHE C 61 10.20 30.87 12.90
CA PHE C 61 9.90 29.47 12.54
C PHE C 61 8.72 28.86 13.31
N SER C 62 7.98 29.70 14.01
CA SER C 62 6.77 29.29 14.71
C SER C 62 5.59 29.26 13.74
N SER C 63 4.69 28.31 13.92
CA SER C 63 3.46 28.19 13.20
C SER C 63 2.37 28.28 14.25
N VAL C 64 1.65 29.38 14.21
CA VAL C 64 0.65 29.69 15.24
C VAL C 64 -0.71 29.83 14.58
N GLY C 65 -1.59 28.85 14.79
CA GLY C 65 -2.97 28.94 14.32
C GLY C 65 -3.29 27.98 13.21
N GLU C 66 -2.38 27.05 12.93
CA GLU C 66 -2.69 25.99 11.99
C GLU C 66 -3.84 25.06 12.46
N ASP C 67 -4.49 24.41 11.49
CA ASP C 67 -5.40 23.30 11.76
C ASP C 67 -4.62 22.16 12.41
N THR C 68 -5.27 21.44 13.31
CA THR C 68 -4.68 20.20 13.78
C THR C 68 -4.70 19.18 12.66
N PRO C 69 -3.63 18.39 12.53
CA PRO C 69 -3.68 17.29 11.59
C PRO C 69 -4.50 16.13 12.13
N ASP C 70 -4.96 16.23 13.38
CA ASP C 70 -5.77 15.17 13.96
C ASP C 70 -6.92 14.90 13.02
N LEU C 71 -7.17 13.62 12.75
CA LEU C 71 -8.15 13.24 11.73
C LEU C 71 -9.60 13.58 12.11
N LYS C 72 -9.85 13.91 13.36
CA LYS C 72 -11.22 14.23 13.76
C LYS C 72 -11.59 15.67 13.37
N TYR C 73 -10.57 16.48 13.13
CA TYR C 73 -10.80 17.86 12.74
C TYR C 73 -11.19 17.84 11.27
N LYS C 74 -12.37 18.31 10.91
CA LYS C 74 -12.78 18.29 9.51
C LYS C 74 -13.10 19.62 8.82
N GLY C 75 -12.28 20.62 8.99
CA GLY C 75 -12.49 21.90 8.34
C GLY C 75 -13.29 22.96 9.05
N GLU C 76 -13.88 22.62 10.18
CA GLU C 76 -14.71 23.54 10.94
C GLU C 76 -14.11 24.85 11.38
N PRO C 77 -14.93 25.88 11.58
CA PRO C 77 -14.39 27.16 12.02
C PRO C 77 -14.03 27.02 13.46
N THR C 78 -12.76 26.93 13.79
CA THR C 78 -12.38 26.80 15.18
C THR C 78 -11.40 27.89 15.46
N ARG C 79 -11.16 28.22 16.70
CA ARG C 79 -10.32 29.32 17.05
C ARG C 79 -9.10 29.06 17.87
N LEU C 80 -8.35 30.12 18.06
CA LEU C 80 -7.19 30.18 18.89
C LEU C 80 -7.14 31.57 19.51
N VAL C 81 -7.04 31.61 20.82
CA VAL C 81 -6.91 32.84 21.55
C VAL C 81 -5.67 32.82 22.40
N ILE C 82 -4.88 33.85 22.27
CA ILE C 82 -3.70 34.05 23.08
C ILE C 82 -3.80 35.40 23.78
N GLY C 83 -3.42 35.44 25.06
CA GLY C 83 -3.52 36.64 25.91
C GLY C 83 -2.36 37.60 25.74
N ASP C 84 -1.84 38.11 26.83
CA ASP C 84 -0.88 39.19 26.83
C ASP C 84 0.45 38.79 27.46
N HIS C 85 1.51 39.49 27.07
CA HIS C 85 2.83 39.33 27.66
C HIS C 85 3.38 37.89 27.61
N ASN C 86 3.02 37.15 26.58
CA ASN C 86 3.57 35.80 26.36
C ASN C 86 4.80 35.87 25.46
N VAL C 87 5.70 34.92 25.67
CA VAL C 87 6.88 34.77 24.82
C VAL C 87 6.78 33.35 24.22
N ILE C 88 6.74 33.30 22.90
CA ILE C 88 6.68 32.06 22.14
C ILE C 88 7.95 31.96 21.31
N ARG C 89 8.80 31.01 21.69
CA ARG C 89 10.14 30.90 21.15
C ARG C 89 10.18 30.15 19.79
N GLU C 90 11.40 29.86 19.35
CA GLU C 90 11.64 29.36 18.00
C GLU C 90 10.91 28.07 17.71
N GLY C 91 10.20 28.02 16.60
CA GLY C 91 9.67 26.77 16.09
C GLY C 91 8.50 26.19 16.88
N VAL C 92 7.82 27.02 17.65
CA VAL C 92 6.67 26.54 18.42
C VAL C 92 5.47 26.36 17.50
N THR C 93 4.73 25.26 17.69
CA THR C 93 3.54 24.99 16.95
C THR C 93 2.30 25.04 17.88
N ILE C 94 1.31 25.83 17.50
CA ILE C 94 0.08 26.00 18.29
C ILE C 94 -1.10 25.84 17.35
N HIS C 95 -1.92 24.83 17.61
CA HIS C 95 -3.04 24.52 16.75
C HIS C 95 -4.34 25.08 17.32
N ARG C 96 -5.28 25.41 16.44
CA ARG C 96 -6.62 25.84 16.83
C ARG C 96 -7.46 24.64 17.33
N GLY C 97 -8.69 24.93 17.78
CA GLY C 97 -9.49 23.91 18.47
C GLY C 97 -10.25 23.05 17.50
N THR C 98 -11.09 22.14 18.05
CA THR C 98 -11.93 21.27 17.27
C THR C 98 -13.38 21.40 17.78
N VAL C 99 -14.34 21.10 16.92
CA VAL C 99 -15.74 21.35 17.26
C VAL C 99 -16.20 20.31 18.28
N GLN C 100 -15.50 19.18 18.32
CA GLN C 100 -15.79 18.11 19.25
C GLN C 100 -15.64 18.53 20.70
N ASP C 101 -14.83 19.55 20.98
CA ASP C 101 -14.66 20.03 22.36
C ASP C 101 -15.34 21.41 22.46
N ARG C 102 -14.59 22.50 22.53
CA ARG C 102 -15.15 23.84 22.64
C ARG C 102 -14.69 24.73 21.48
N ALA C 103 -14.15 24.15 20.40
CA ALA C 103 -13.77 24.90 19.20
C ALA C 103 -12.75 26.00 19.46
N GLU C 104 -11.96 25.89 20.52
CA GLU C 104 -10.97 26.91 20.83
C GLU C 104 -9.75 26.36 21.60
N THR C 105 -8.56 26.70 21.14
CA THR C 105 -7.34 26.60 21.93
C THR C 105 -7.09 27.93 22.58
N THR C 106 -6.70 27.91 23.86
CA THR C 106 -6.63 29.12 24.68
C THR C 106 -5.37 29.19 25.48
N ILE C 107 -4.70 30.33 25.39
CA ILE C 107 -3.53 30.62 26.18
C ILE C 107 -3.76 31.93 26.90
N GLY C 108 -3.39 31.99 28.19
CA GLY C 108 -3.55 33.20 29.00
C GLY C 108 -2.41 34.18 28.86
N ASP C 109 -1.88 34.66 29.99
CA ASP C 109 -0.91 35.75 30.03
C ASP C 109 0.40 35.33 30.65
N HIS C 110 1.47 36.03 30.31
CA HIS C 110 2.76 35.90 30.98
C HIS C 110 3.35 34.47 30.94
N ASN C 111 3.02 33.75 29.88
CA ASN C 111 3.54 32.38 29.67
C ASN C 111 4.80 32.41 28.81
N LEU C 112 5.68 31.46 29.08
CA LEU C 112 6.95 31.35 28.37
C LEU C 112 6.95 29.95 27.76
N ILE C 113 6.87 29.91 26.44
CA ILE C 113 6.74 28.68 25.69
C ILE C 113 8.00 28.55 24.84
N MET C 114 8.92 27.68 25.30
CA MET C 114 10.24 27.58 24.74
C MET C 114 10.28 26.80 23.44
N ALA C 115 11.48 26.74 22.85
CA ALA C 115 11.62 26.30 21.45
C ALA C 115 10.98 24.94 21.19
N TYR C 116 10.27 24.85 20.06
CA TYR C 116 9.74 23.59 19.54
C TYR C 116 8.69 22.92 20.43
N ALA C 117 8.19 23.66 21.42
CA ALA C 117 7.04 23.20 22.16
C ALA C 117 5.84 23.10 21.22
N HIS C 118 4.90 22.23 21.59
CA HIS C 118 3.73 21.96 20.81
C HIS C 118 2.48 22.08 21.68
N ILE C 119 1.57 22.96 21.26
CA ILE C 119 0.32 23.13 22.01
C ILE C 119 -0.81 22.65 21.13
N GLY C 120 -1.25 21.42 21.41
CA GLY C 120 -2.22 20.77 20.60
C GLY C 120 -3.62 21.38 20.71
N HIS C 121 -4.45 20.98 19.78
CA HIS C 121 -5.82 21.45 19.68
C HIS C 121 -6.58 21.36 21.03
N ASP C 122 -7.26 22.44 21.35
CA ASP C 122 -8.25 22.49 22.45
C ASP C 122 -7.56 22.50 23.79
N SER C 123 -6.24 22.66 23.80
CA SER C 123 -5.54 22.90 25.03
C SER C 123 -5.85 24.28 25.62
N VAL C 124 -5.79 24.34 26.95
CA VAL C 124 -6.01 25.57 27.69
C VAL C 124 -4.84 25.80 28.64
N ILE C 125 -4.07 26.86 28.39
CA ILE C 125 -2.98 27.25 29.27
C ILE C 125 -3.39 28.49 30.02
N GLY C 126 -3.12 28.50 31.34
CA GLY C 126 -3.44 29.66 32.20
C GLY C 126 -2.44 30.80 32.10
N ASN C 127 -1.89 31.21 33.24
CA ASN C 127 -0.97 32.32 33.31
C ASN C 127 0.29 31.95 33.99
N HIS C 128 1.36 32.63 33.64
CA HIS C 128 2.65 32.47 34.28
C HIS C 128 3.23 31.04 34.21
N CYS C 129 2.84 30.31 33.19
CA CYS C 129 3.39 28.96 32.99
C CYS C 129 4.69 29.02 32.20
N ILE C 130 5.52 28.01 32.42
CA ILE C 130 6.72 27.83 31.64
C ILE C 130 6.70 26.43 31.02
N LEU C 131 6.71 26.39 29.68
CA LEU C 131 6.86 25.12 28.96
C LEU C 131 8.25 25.12 28.30
N VAL C 132 9.12 24.27 28.82
CA VAL C 132 10.50 24.20 28.39
C VAL C 132 10.56 23.48 27.02
N ASN C 133 11.71 23.63 26.33
CA ASN C 133 11.88 23.13 24.96
C ASN C 133 11.18 21.82 24.72
N ASN C 134 10.46 21.72 23.60
CA ASN C 134 9.90 20.46 23.12
C ASN C 134 8.86 19.79 24.03
N THR C 135 8.30 20.54 24.97
CA THR C 135 7.14 20.09 25.70
C THR C 135 5.99 19.94 24.73
N ALA C 136 5.27 18.82 24.81
CA ALA C 136 4.21 18.58 23.87
C ALA C 136 2.92 18.29 24.58
N LEU C 137 1.92 19.11 24.31
CA LEU C 137 0.57 18.88 24.84
C LEU C 137 -0.28 18.30 23.73
N ALA C 138 -0.64 17.02 23.85
CA ALA C 138 -1.23 16.29 22.73
C ALA C 138 -2.58 16.83 22.24
N GLY C 139 -3.39 17.36 23.15
CA GLY C 139 -4.70 17.81 22.78
C GLY C 139 -5.60 17.81 24.00
N HIS C 140 -6.48 18.81 24.08
CA HIS C 140 -7.41 18.95 25.22
C HIS C 140 -6.71 19.01 26.58
N VAL C 141 -5.44 19.45 26.62
CA VAL C 141 -4.70 19.53 27.88
C VAL C 141 -4.93 20.85 28.58
N HIS C 142 -5.20 20.81 29.88
CA HIS C 142 -5.36 22.03 30.67
C HIS C 142 -4.19 22.21 31.60
N VAL C 143 -3.52 23.35 31.48
CA VAL C 143 -2.37 23.65 32.31
C VAL C 143 -2.71 24.87 33.13
N ASP C 144 -2.79 24.69 34.45
CA ASP C 144 -3.18 25.78 35.34
C ASP C 144 -1.97 26.65 35.72
N ASP C 145 -2.26 27.80 36.33
CA ASP C 145 -1.26 28.82 36.56
C ASP C 145 0.01 28.41 37.25
N TRP C 146 1.11 29.02 36.81
CA TRP C 146 2.44 28.85 37.38
C TRP C 146 3.05 27.45 37.19
N ALA C 147 2.41 26.58 36.44
CA ALA C 147 2.99 25.25 36.20
C ALA C 147 4.26 25.36 35.37
N ILE C 148 5.24 24.52 35.70
CA ILE C 148 6.47 24.43 34.96
C ILE C 148 6.63 23.02 34.41
N LEU C 149 6.79 22.93 33.08
CA LEU C 149 7.02 21.62 32.45
C LEU C 149 8.40 21.63 31.86
N SER C 150 9.28 20.79 32.36
CA SER C 150 10.67 20.79 31.95
C SER C 150 10.79 20.19 30.55
N GLY C 151 12.00 20.29 30.01
CA GLY C 151 12.23 19.96 28.60
C GLY C 151 11.69 18.59 28.22
N TYR C 152 11.12 18.50 27.02
CA TYR C 152 10.64 17.23 26.47
C TYR C 152 9.57 16.49 27.34
N THR C 153 8.81 17.27 28.10
CA THR C 153 7.67 16.72 28.85
C THR C 153 6.51 16.45 27.88
N LEU C 154 6.05 15.21 27.86
CA LEU C 154 4.99 14.82 26.97
C LEU C 154 3.73 14.66 27.79
N VAL C 155 2.64 15.26 27.33
CA VAL C 155 1.36 15.19 28.08
C VAL C 155 0.27 14.61 27.21
N HIS C 156 -0.24 13.46 27.63
CA HIS C 156 -1.35 12.76 26.94
C HIS C 156 -2.66 13.57 26.87
N GLN C 157 -3.43 13.32 25.82
CA GLN C 157 -4.71 13.98 25.64
C GLN C 157 -5.56 13.96 26.89
N TYR C 158 -6.20 15.09 27.15
CA TYR C 158 -7.20 15.25 28.23
C TYR C 158 -6.61 15.41 29.62
N CYS C 159 -5.30 15.33 29.77
CA CYS C 159 -4.71 15.48 31.09
C CYS C 159 -4.80 16.91 31.59
N ARG C 160 -4.86 17.04 32.92
CA ARG C 160 -4.83 18.32 33.58
C ARG C 160 -3.59 18.45 34.42
N ILE C 161 -2.90 19.57 34.25
CA ILE C 161 -1.67 19.86 34.93
C ILE C 161 -1.97 20.94 35.93
N GLY C 162 -1.80 20.64 37.22
CA GLY C 162 -2.21 21.54 38.29
C GLY C 162 -1.40 22.80 38.45
N ALA C 163 -1.98 23.77 39.15
CA ALA C 163 -1.27 25.00 39.47
C ALA C 163 0.00 24.75 40.23
N HIS C 164 1.08 25.45 39.85
CA HIS C 164 2.37 25.35 40.52
C HIS C 164 3.03 23.98 40.44
N SER C 165 2.48 23.10 39.63
CA SER C 165 3.11 21.79 39.48
C SER C 165 4.36 21.82 38.57
N PHE C 166 5.16 20.78 38.70
CA PHE C 166 6.49 20.75 38.05
C PHE C 166 6.74 19.36 37.51
N SER C 167 7.15 19.28 36.26
CA SER C 167 7.60 18.02 35.71
C SER C 167 9.10 18.11 35.43
N GLY C 168 9.79 17.00 35.68
CA GLY C 168 11.17 16.85 35.34
C GLY C 168 11.38 16.56 33.86
N MET C 169 12.61 16.79 33.42
CA MET C 169 12.86 16.67 32.00
C MET C 169 12.57 15.27 31.51
N GLY C 170 11.88 15.17 30.39
CA GLY C 170 11.59 13.90 29.79
C GLY C 170 10.42 13.15 30.39
N SER C 171 9.69 13.80 31.30
CA SER C 171 8.49 13.16 31.88
C SER C 171 7.43 12.84 30.85
N ALA C 172 6.78 11.70 30.98
CA ALA C 172 5.65 11.35 30.13
C ALA C 172 4.44 11.21 31.04
N ILE C 173 3.53 12.15 30.90
CA ILE C 173 2.42 12.32 31.80
C ILE C 173 1.16 11.78 31.17
N GLY C 174 0.56 10.79 31.81
CA GLY C 174 -0.61 10.10 31.27
C GLY C 174 -1.85 10.26 32.13
N LYS C 175 -1.67 10.78 33.34
CA LYS C 175 -2.77 11.04 34.28
C LYS C 175 -2.65 12.46 34.77
N ASP C 176 -3.68 12.95 35.46
CA ASP C 176 -3.64 14.31 35.96
C ASP C 176 -2.56 14.55 37.02
N VAL C 177 -1.97 15.72 36.99
CA VAL C 177 -0.94 16.08 37.98
C VAL C 177 -1.55 17.07 38.91
N PRO C 178 -1.68 16.70 40.21
CA PRO C 178 -2.28 17.66 41.14
C PRO C 178 -1.48 18.94 41.33
N ALA C 179 -2.16 20.03 41.68
CA ALA C 179 -1.48 21.26 42.02
C ALA C 179 -0.31 21.03 42.95
N TYR C 180 0.80 21.71 42.66
CA TYR C 180 2.02 21.73 43.46
C TYR C 180 2.92 20.49 43.31
N VAL C 181 2.39 19.42 42.72
CA VAL C 181 3.11 18.16 42.74
C VAL C 181 4.25 18.17 41.72
N THR C 182 5.37 17.55 42.13
CA THR C 182 6.50 17.35 41.24
C THR C 182 6.48 15.91 40.70
N VAL C 183 6.58 15.76 39.38
CA VAL C 183 6.58 14.44 38.77
C VAL C 183 7.81 14.25 37.89
N PHE C 184 8.23 12.99 37.75
CA PHE C 184 9.42 12.65 36.98
C PHE C 184 9.23 11.32 36.30
N GLY C 185 9.87 11.17 35.14
CA GLY C 185 9.98 9.85 34.54
C GLY C 185 8.99 9.50 33.45
N ASN C 186 9.22 8.34 32.85
CA ASN C 186 8.31 7.79 31.86
C ASN C 186 8.08 6.33 32.27
N PRO C 187 6.91 5.98 32.80
CA PRO C 187 5.80 6.90 33.04
C PRO C 187 6.00 7.78 34.25
N ALA C 188 5.32 8.91 34.28
CA ALA C 188 5.60 9.92 35.27
C ALA C 188 5.14 9.40 36.64
N GLU C 189 5.90 9.75 37.65
CA GLU C 189 5.57 9.36 39.00
C GLU C 189 5.78 10.54 39.94
N ALA C 190 4.87 10.65 40.90
CA ALA C 190 4.92 11.72 41.88
C ALA C 190 6.11 11.58 42.82
N ARG C 191 6.79 12.67 43.10
CA ARG C 191 7.94 12.64 44.00
C ARG C 191 7.72 13.48 45.25
N SER C 192 7.36 14.75 45.09
CA SER C 192 7.25 15.65 46.24
C SER C 192 6.42 16.83 45.79
N MET C 193 6.58 17.96 46.50
CA MET C 193 5.90 19.18 46.11
C MET C 193 6.89 20.26 45.67
N ASN C 194 6.36 21.23 44.94
CA ASN C 194 7.14 22.32 44.39
C ASN C 194 7.25 23.48 45.39
N PHE C 195 7.98 23.20 46.46
CA PHE C 195 8.19 24.19 47.51
C PHE C 195 8.79 25.50 46.95
N GLU C 196 9.63 25.39 45.94
CA GLU C 196 10.22 26.61 45.38
C GLU C 196 9.13 27.51 44.81
N GLY C 197 8.12 26.91 44.18
CA GLY C 197 7.03 27.66 43.58
C GLY C 197 6.16 28.32 44.63
N MET C 198 6.04 27.67 45.79
CA MET C 198 5.32 28.24 46.93
C MET C 198 6.06 29.45 47.51
N ARG C 199 7.37 29.32 47.60
CA ARG C 199 8.16 30.42 48.14
C ARG C 199 8.16 31.60 47.16
N ARG C 200 8.14 31.31 45.86
CA ARG C 200 8.04 32.37 44.84
C ARG C 200 6.75 33.15 44.94
N ARG C 201 5.70 32.51 45.45
CA ARG C 201 4.41 33.17 45.58
C ARG C 201 4.28 33.87 46.93
N GLY C 202 5.25 33.68 47.80
CA GLY C 202 5.21 34.27 49.13
C GLY C 202 4.31 33.54 50.11
N PHE C 203 4.06 32.27 49.87
CA PHE C 203 3.24 31.50 50.78
C PHE C 203 3.81 31.60 52.18
N SER C 204 2.93 31.61 53.16
CA SER C 204 3.33 31.61 54.55
C SER C 204 3.91 30.24 54.93
N SER C 205 4.75 30.21 55.95
CA SER C 205 5.34 28.98 56.45
C SER C 205 4.21 28.01 56.89
N GLU C 206 3.11 28.56 57.42
CA GLU C 206 1.97 27.74 57.83
C GLU C 206 1.29 27.06 56.65
N ALA C 207 1.08 27.81 55.56
CA ALA C 207 0.51 27.23 54.35
C ALA C 207 1.42 26.15 53.74
N ILE C 208 2.72 26.37 53.80
CA ILE C 208 3.67 25.42 53.22
C ILE C 208 3.65 24.14 54.05
N HIS C 209 3.56 24.31 55.37
CA HIS C 209 3.51 23.15 56.27
C HIS C 209 2.19 22.39 56.05
N ALA C 210 1.11 23.12 55.81
CA ALA C 210 -0.16 22.47 55.53
C ALA C 210 -0.13 21.70 54.22
N LEU C 211 0.54 22.25 53.20
CA LEU C 211 0.68 21.54 51.94
C LEU C 211 1.55 20.28 52.05
N ARG C 212 2.63 20.34 52.83
CA ARG C 212 3.49 19.19 53.06
C ARG C 212 2.66 18.07 53.68
N ARG C 213 1.80 18.44 54.62
CA ARG C 213 0.94 17.48 55.26
C ARG C 213 -0.12 16.94 54.30
N ALA C 214 -0.64 17.80 53.44
CA ALA C 214 -1.63 17.38 52.44
C ALA C 214 -1.05 16.35 51.45
N TYR C 215 0.22 16.52 51.08
CA TYR C 215 0.86 15.61 50.16
C TYR C 215 0.90 14.22 50.82
N LYS C 216 1.21 14.18 52.10
CA LYS C 216 1.30 12.91 52.84
C LYS C 216 -0.06 12.24 52.94
N VAL C 217 -1.11 13.04 53.09
CA VAL C 217 -2.46 12.50 53.13
C VAL C 217 -2.82 11.78 51.84
N VAL C 218 -2.38 12.32 50.70
CA VAL C 218 -2.83 11.81 49.43
C VAL C 218 -1.94 10.66 49.02
N TYR C 219 -0.65 10.78 49.29
CA TYR C 219 0.34 9.91 48.69
C TYR C 219 0.99 8.90 49.64
N ARG C 220 1.03 9.21 50.94
CA ARG C 220 1.85 8.41 51.86
C ARG C 220 1.15 7.82 53.08
N GLN C 221 -0.18 7.74 53.06
CA GLN C 221 -0.92 7.15 54.18
C GLN C 221 -1.87 6.04 53.75
N GLY C 222 -1.70 5.54 52.53
CA GLY C 222 -2.47 4.41 52.04
C GLY C 222 -3.95 4.69 51.81
N HIS C 223 -4.34 5.96 51.77
CA HIS C 223 -5.73 6.29 51.50
C HIS C 223 -6.12 6.11 50.04
N THR C 224 -7.38 5.77 49.78
CA THR C 224 -7.94 5.92 48.44
C THR C 224 -8.06 7.44 48.21
N VAL C 225 -8.23 7.82 46.96
CA VAL C 225 -8.51 9.22 46.63
C VAL C 225 -9.73 9.76 47.42
N GLU C 226 -10.80 8.97 47.49
CA GLU C 226 -12.00 9.40 48.22
C GLU C 226 -11.67 9.70 49.67
N GLU C 227 -10.91 8.81 50.28
CA GLU C 227 -10.61 8.95 51.70
C GLU C 227 -9.73 10.17 51.89
N ALA C 228 -8.80 10.35 50.97
CA ALA C 228 -7.87 11.47 51.05
C ALA C 228 -8.63 12.79 50.93
N LEU C 229 -9.56 12.86 50.00
CA LEU C 229 -10.40 14.05 49.84
C LEU C 229 -11.13 14.37 51.14
N ALA C 230 -11.63 13.33 51.81
CA ALA C 230 -12.41 13.54 53.04
C ALA C 230 -11.48 14.03 54.14
N GLU C 231 -10.30 13.45 54.20
CA GLU C 231 -9.31 13.88 55.18
C GLU C 231 -8.82 15.32 54.95
N LEU C 232 -8.83 15.79 53.69
CA LEU C 232 -8.30 17.11 53.37
C LEU C 232 -9.27 18.24 53.66
N ALA C 233 -10.55 17.88 53.83
CA ALA C 233 -11.61 18.90 53.89
C ALA C 233 -11.34 20.00 54.91
N GLU C 234 -10.87 19.60 56.09
CA GLU C 234 -10.61 20.55 57.17
C GLU C 234 -9.50 21.54 56.81
N SER C 235 -8.36 21.03 56.35
CA SER C 235 -7.22 21.89 56.00
C SER C 235 -7.58 22.78 54.81
N ALA C 236 -8.34 22.24 53.86
CA ALA C 236 -8.73 22.97 52.66
C ALA C 236 -9.63 24.15 53.00
N ALA C 237 -10.44 24.00 54.05
CA ALA C 237 -11.32 25.07 54.49
C ALA C 237 -10.52 26.16 55.20
N GLN C 238 -9.41 25.78 55.80
CA GLN C 238 -8.57 26.73 56.49
C GLN C 238 -7.57 27.45 55.59
N PHE C 239 -7.00 26.72 54.62
CA PHE C 239 -6.00 27.31 53.74
C PHE C 239 -6.46 27.26 52.29
N PRO C 240 -6.68 28.44 51.67
CA PRO C 240 -6.98 28.46 50.25
C PRO C 240 -5.93 27.70 49.39
N GLU C 241 -4.68 27.74 49.80
CA GLU C 241 -3.61 27.03 49.09
C GLU C 241 -3.83 25.53 49.11
N VAL C 242 -4.34 25.00 50.22
CA VAL C 242 -4.70 23.58 50.27
C VAL C 242 -5.96 23.29 49.47
N ALA C 243 -6.87 24.26 49.39
CA ALA C 243 -8.12 24.04 48.63
C ALA C 243 -7.80 23.88 47.14
N VAL C 244 -6.82 24.64 46.67
CA VAL C 244 -6.32 24.47 45.30
C VAL C 244 -5.85 23.02 45.03
N PHE C 245 -5.12 22.47 46.00
CA PHE C 245 -4.63 21.09 45.90
C PHE C 245 -5.79 20.09 45.90
N ARG C 246 -6.67 20.23 46.89
CA ARG C 246 -7.82 19.34 47.01
C ARG C 246 -8.71 19.42 45.77
N ASP C 247 -8.94 20.61 45.26
CA ASP C 247 -9.80 20.78 44.08
C ASP C 247 -9.21 20.16 42.83
N SER C 248 -7.88 20.18 42.73
CA SER C 248 -7.20 19.52 41.60
C SER C 248 -7.37 18.02 41.67
N ILE C 249 -7.44 17.47 42.89
CA ILE C 249 -7.60 16.04 43.02
C ILE C 249 -9.05 15.64 42.73
N GLN C 250 -9.98 16.45 43.21
CA GLN C 250 -11.40 16.21 43.04
C GLN C 250 -11.80 16.25 41.56
N SER C 251 -11.26 17.22 40.81
CA SER C 251 -11.53 17.33 39.39
C SER C 251 -10.87 16.26 38.53
N ALA C 252 -10.02 15.41 39.12
CA ALA C 252 -9.35 14.36 38.35
C ALA C 252 -10.20 13.11 38.23
N THR C 253 -11.08 13.11 37.24
CA THR C 253 -11.98 11.96 37.06
C THR C 253 -11.28 10.72 36.50
N ARG C 254 -10.11 10.90 35.90
CA ARG C 254 -9.41 9.76 35.27
C ARG C 254 -8.15 9.35 36.06
N GLY C 255 -8.12 9.67 37.35
CA GLY C 255 -7.00 9.29 38.21
C GLY C 255 -5.87 10.32 38.27
N ILE C 256 -5.10 10.26 39.35
CA ILE C 256 -3.97 11.16 39.55
C ILE C 256 -2.68 10.42 39.37
N THR C 257 -1.67 11.18 38.96
CA THR C 257 -0.33 10.64 38.85
C THR C 257 0.17 10.24 40.22
N ARG C 258 0.55 8.98 40.30
CA ARG C 258 1.17 8.41 41.46
C ARG C 258 2.53 7.93 40.99
N SER D 2 -38.11 7.99 -19.89
CA SER D 2 -37.39 8.34 -18.62
C SER D 2 -35.99 7.69 -18.58
N LEU D 3 -35.01 8.46 -18.13
CA LEU D 3 -33.61 8.00 -18.09
C LEU D 3 -33.38 6.76 -17.21
N ILE D 4 -34.19 6.64 -16.16
CA ILE D 4 -34.08 5.50 -15.25
C ILE D 4 -35.23 4.57 -15.60
N ASP D 5 -34.88 3.40 -16.12
CA ASP D 5 -35.89 2.44 -16.48
C ASP D 5 -36.67 1.98 -15.25
N PRO D 6 -38.00 1.80 -15.37
CA PRO D 6 -38.78 1.41 -14.21
C PRO D 6 -38.51 -0.02 -13.78
N ARG D 7 -37.88 -0.79 -14.65
CA ARG D 7 -37.62 -2.19 -14.33
C ARG D 7 -36.27 -2.33 -13.62
N ALA D 8 -35.55 -1.23 -13.46
CA ALA D 8 -34.35 -1.17 -12.63
C ALA D 8 -34.70 -1.04 -11.15
N ILE D 9 -33.76 -1.43 -10.29
CA ILE D 9 -33.94 -1.37 -8.84
C ILE D 9 -32.91 -0.39 -8.29
N ILE D 10 -33.38 0.78 -7.85
CA ILE D 10 -32.49 1.81 -7.35
C ILE D 10 -32.64 1.90 -5.83
N ASP D 11 -31.61 1.53 -5.09
CA ASP D 11 -31.69 1.64 -3.63
C ASP D 11 -31.93 3.09 -3.20
N PRO D 12 -32.66 3.28 -2.10
CA PRO D 12 -32.94 4.66 -1.66
C PRO D 12 -31.69 5.41 -1.22
N SER D 13 -30.63 4.69 -0.86
CA SER D 13 -29.39 5.38 -0.50
C SER D 13 -28.43 5.59 -1.68
N ALA D 14 -28.76 5.10 -2.87
CA ALA D 14 -27.95 5.41 -4.07
C ALA D 14 -28.12 6.88 -4.47
N ARG D 15 -27.11 7.44 -5.10
CA ARG D 15 -27.14 8.86 -5.50
C ARG D 15 -26.81 8.95 -6.96
N LEU D 16 -27.76 9.44 -7.75
CA LEU D 16 -27.57 9.52 -9.20
C LEU D 16 -27.62 10.98 -9.64
N ALA D 17 -26.60 11.39 -10.37
CA ALA D 17 -26.53 12.73 -10.94
C ALA D 17 -27.43 12.98 -12.13
N ALA D 18 -27.32 14.21 -12.62
CA ALA D 18 -27.98 14.57 -13.87
C ALA D 18 -27.52 13.73 -15.06
N ASP D 19 -28.46 13.46 -15.96
CA ASP D 19 -28.28 12.73 -17.18
C ASP D 19 -27.78 11.30 -16.99
N VAL D 20 -27.86 10.78 -15.78
CA VAL D 20 -27.62 9.33 -15.58
C VAL D 20 -28.74 8.51 -16.21
N GLN D 21 -28.35 7.49 -16.98
CA GLN D 21 -29.28 6.50 -17.48
C GLN D 21 -29.05 5.14 -16.85
N VAL D 22 -30.13 4.48 -16.47
CA VAL D 22 -30.03 3.10 -16.00
C VAL D 22 -31.00 2.24 -16.79
N GLY D 23 -30.50 1.18 -17.40
CA GLY D 23 -31.30 0.26 -18.15
C GLY D 23 -32.11 -0.76 -17.35
N PRO D 24 -33.01 -1.46 -18.05
CA PRO D 24 -33.90 -2.41 -17.40
C PRO D 24 -33.16 -3.53 -16.73
N TRP D 25 -33.70 -3.97 -15.61
CA TRP D 25 -33.25 -5.13 -14.87
C TRP D 25 -31.83 -4.93 -14.31
N SER D 26 -31.44 -3.68 -14.11
CA SER D 26 -30.21 -3.37 -13.42
C SER D 26 -30.48 -3.06 -11.97
N ILE D 27 -29.47 -3.28 -11.13
CA ILE D 27 -29.54 -2.98 -9.69
C ILE D 27 -28.49 -1.98 -9.30
N VAL D 28 -28.91 -0.83 -8.80
CA VAL D 28 -28.00 0.16 -8.23
C VAL D 28 -28.14 0.10 -6.72
N GLY D 29 -27.14 -0.50 -6.08
CA GLY D 29 -27.24 -0.91 -4.69
C GLY D 29 -27.04 0.25 -3.75
N ALA D 30 -27.23 -0.05 -2.46
CA ALA D 30 -26.98 0.92 -1.42
C ALA D 30 -25.57 1.48 -1.49
N GLU D 31 -25.46 2.78 -1.21
CA GLU D 31 -24.16 3.46 -1.15
C GLU D 31 -23.40 3.45 -2.49
N VAL D 32 -24.15 3.43 -3.58
CA VAL D 32 -23.58 3.58 -4.91
C VAL D 32 -23.88 4.99 -5.41
N GLU D 33 -22.83 5.71 -5.77
CA GLU D 33 -22.95 7.04 -6.31
C GLU D 33 -22.54 6.99 -7.75
N ILE D 34 -23.34 7.65 -8.60
CA ILE D 34 -23.07 7.66 -10.05
C ILE D 34 -23.10 9.08 -10.59
N GLY D 35 -22.00 9.46 -11.23
CA GLY D 35 -21.82 10.81 -11.74
C GLY D 35 -22.48 11.12 -13.05
N GLU D 36 -22.48 12.41 -13.36
CA GLU D 36 -23.22 12.96 -14.46
C GLU D 36 -22.97 12.28 -15.78
N GLY D 37 -24.03 11.92 -16.50
CA GLY D 37 -23.88 11.46 -17.88
C GLY D 37 -23.50 10.00 -17.99
N THR D 38 -23.34 9.32 -16.87
CA THR D 38 -22.99 7.90 -16.90
C THR D 38 -24.18 7.06 -17.32
N VAL D 39 -23.90 6.13 -18.22
CA VAL D 39 -24.91 5.23 -18.76
C VAL D 39 -24.67 3.83 -18.24
N ILE D 40 -25.64 3.31 -17.49
CA ILE D 40 -25.65 1.95 -17.02
C ILE D 40 -26.59 1.16 -17.94
N GLY D 41 -26.08 0.12 -18.57
CA GLY D 41 -26.88 -0.74 -19.43
C GLY D 41 -27.92 -1.56 -18.71
N PRO D 42 -28.53 -2.50 -19.42
CA PRO D 42 -29.46 -3.43 -18.82
C PRO D 42 -28.69 -4.55 -18.16
N HIS D 43 -29.32 -5.24 -17.21
CA HIS D 43 -28.74 -6.39 -16.57
C HIS D 43 -27.39 -6.12 -15.88
N VAL D 44 -27.21 -4.93 -15.29
CA VAL D 44 -25.97 -4.59 -14.60
C VAL D 44 -26.20 -4.64 -13.09
N VAL D 45 -25.24 -5.19 -12.35
CA VAL D 45 -25.31 -5.19 -10.90
C VAL D 45 -24.24 -4.27 -10.35
N LEU D 46 -24.67 -3.22 -9.65
CA LEU D 46 -23.75 -2.33 -8.97
C LEU D 46 -23.95 -2.44 -7.48
N LYS D 47 -22.86 -2.69 -6.78
CA LYS D 47 -22.88 -2.82 -5.33
C LYS D 47 -21.90 -1.83 -4.74
N GLY D 48 -22.19 -1.36 -3.54
CA GLY D 48 -21.40 -0.31 -2.88
C GLY D 48 -20.71 -0.80 -1.62
N PRO D 49 -19.96 0.09 -0.94
CA PRO D 49 -19.80 1.49 -1.29
C PRO D 49 -18.92 1.68 -2.52
N THR D 50 -19.43 2.47 -3.45
CA THR D 50 -18.81 2.60 -4.74
C THR D 50 -19.12 3.99 -5.26
N LYS D 51 -18.09 4.68 -5.76
CA LYS D 51 -18.28 5.97 -6.42
C LYS D 51 -17.85 5.89 -7.88
N ILE D 52 -18.77 6.18 -8.77
CA ILE D 52 -18.54 6.14 -10.20
C ILE D 52 -18.64 7.59 -10.66
N GLY D 53 -17.69 8.02 -11.48
CA GLY D 53 -17.67 9.38 -11.99
C GLY D 53 -18.56 9.65 -13.20
N LYS D 54 -18.13 10.59 -14.01
CA LYS D 54 -18.93 11.17 -15.08
C LYS D 54 -18.67 10.52 -16.44
N HIS D 55 -19.74 10.44 -17.24
CA HIS D 55 -19.67 10.01 -18.62
C HIS D 55 -19.06 8.61 -18.81
N ASN D 56 -19.32 7.72 -17.88
CA ASN D 56 -18.95 6.33 -18.03
C ASN D 56 -20.02 5.56 -18.76
N ARG D 57 -19.67 4.38 -19.20
CA ARG D 57 -20.63 3.50 -19.81
C ARG D 57 -20.34 2.08 -19.32
N ILE D 58 -21.34 1.46 -18.75
CA ILE D 58 -21.21 0.10 -18.21
C ILE D 58 -22.20 -0.82 -18.87
N TYR D 59 -21.69 -1.83 -19.55
CA TYR D 59 -22.50 -2.76 -20.32
C TYR D 59 -23.13 -3.92 -19.50
N GLN D 60 -24.08 -4.57 -20.14
CA GLN D 60 -24.85 -5.68 -19.57
C GLN D 60 -23.99 -6.81 -18.99
N PHE D 61 -24.55 -7.43 -17.96
CA PHE D 61 -24.00 -8.59 -17.28
C PHE D 61 -22.74 -8.32 -16.46
N SER D 62 -22.31 -7.06 -16.39
CA SER D 62 -21.24 -6.64 -15.48
C SER D 62 -21.65 -6.61 -14.00
N SER D 63 -20.73 -7.01 -13.12
CA SER D 63 -20.90 -6.92 -11.66
C SER D 63 -19.80 -6.03 -11.13
N VAL D 64 -20.18 -4.82 -10.72
CA VAL D 64 -19.26 -3.81 -10.35
C VAL D 64 -19.48 -3.43 -8.89
N GLY D 65 -18.47 -3.71 -8.06
CA GLY D 65 -18.55 -3.41 -6.65
C GLY D 65 -18.84 -4.59 -5.73
N GLU D 66 -18.80 -5.81 -6.23
CA GLU D 66 -18.92 -6.98 -5.35
C GLU D 66 -17.71 -7.18 -4.42
N ASP D 67 -17.91 -7.93 -3.34
CA ASP D 67 -16.85 -8.36 -2.45
C ASP D 67 -16.00 -9.37 -3.17
N THR D 68 -14.72 -9.42 -2.86
CA THR D 68 -13.91 -10.49 -3.37
C THR D 68 -14.30 -11.79 -2.65
N PRO D 69 -14.30 -12.92 -3.35
CA PRO D 69 -14.94 -14.10 -2.79
C PRO D 69 -14.25 -14.91 -1.67
N ASP D 70 -12.93 -14.90 -1.66
CA ASP D 70 -12.24 -15.77 -0.72
C ASP D 70 -12.50 -15.31 0.73
N LEU D 71 -12.93 -16.24 1.58
CA LEU D 71 -13.27 -15.91 2.98
C LEU D 71 -12.10 -15.37 3.79
N LYS D 72 -10.87 -15.61 3.35
CA LYS D 72 -9.68 -15.11 4.06
C LYS D 72 -9.55 -13.57 3.97
N TYR D 73 -10.19 -12.95 2.98
CA TYR D 73 -10.20 -11.49 2.80
C TYR D 73 -11.50 -10.87 3.40
N LYS D 74 -12.09 -11.58 4.35
CA LYS D 74 -13.28 -11.02 5.02
C LYS D 74 -12.98 -9.74 5.84
N GLY D 75 -13.85 -8.73 5.72
CA GLY D 75 -13.66 -7.43 6.39
C GLY D 75 -14.35 -6.26 5.70
N GLU D 76 -14.81 -5.27 6.46
CA GLU D 76 -15.54 -4.08 5.93
C GLU D 76 -15.27 -2.88 6.83
N PRO D 77 -15.42 -1.65 6.35
CA PRO D 77 -15.88 -1.33 5.00
C PRO D 77 -14.74 -1.29 4.02
N THR D 78 -14.99 -1.62 2.75
CA THR D 78 -14.06 -1.32 1.69
C THR D 78 -14.77 -0.72 0.46
N ARG D 79 -13.98 -0.07 -0.38
CA ARG D 79 -14.55 0.82 -1.40
C ARG D 79 -14.06 0.49 -2.82
N LEU D 80 -14.81 1.04 -3.78
CA LEU D 80 -14.42 1.04 -5.19
C LEU D 80 -14.65 2.45 -5.68
N VAL D 81 -13.63 3.00 -6.33
CA VAL D 81 -13.73 4.32 -6.96
C VAL D 81 -13.36 4.21 -8.43
N ILE D 82 -14.25 4.73 -9.27
CA ILE D 82 -14.06 4.75 -10.71
C ILE D 82 -14.19 6.23 -11.15
N GLY D 83 -13.28 6.64 -12.03
CA GLY D 83 -13.23 8.00 -12.54
C GLY D 83 -14.21 8.25 -13.68
N ASP D 84 -13.76 8.99 -14.67
CA ASP D 84 -14.61 9.51 -15.71
C ASP D 84 -14.27 8.92 -17.10
N HIS D 85 -15.26 8.94 -18.00
CA HIS D 85 -15.08 8.56 -19.37
C HIS D 85 -14.54 7.14 -19.61
N ASN D 86 -14.85 6.24 -18.70
CA ASN D 86 -14.47 4.83 -18.87
C ASN D 86 -15.57 4.06 -19.61
N VAL D 87 -15.15 3.01 -20.28
CA VAL D 87 -16.07 2.07 -20.90
C VAL D 87 -15.79 0.73 -20.31
N ILE D 88 -16.81 0.15 -19.73
CA ILE D 88 -16.70 -1.18 -19.10
C ILE D 88 -17.68 -2.07 -19.85
N ARG D 89 -17.15 -3.02 -20.58
CA ARG D 89 -17.91 -3.85 -21.47
C ARG D 89 -18.62 -5.06 -20.80
N GLU D 90 -19.18 -5.93 -21.63
CA GLU D 90 -20.04 -6.98 -21.18
C GLU D 90 -19.37 -7.88 -20.14
N GLY D 91 -20.08 -8.18 -19.05
CA GLY D 91 -19.66 -9.25 -18.17
C GLY D 91 -18.43 -8.96 -17.31
N VAL D 92 -17.99 -7.71 -17.28
CA VAL D 92 -16.81 -7.33 -16.50
C VAL D 92 -17.10 -7.42 -15.00
N THR D 93 -16.16 -8.03 -14.26
CA THR D 93 -16.24 -8.05 -12.79
C THR D 93 -15.16 -7.17 -12.15
N ILE D 94 -15.61 -6.26 -11.28
CA ILE D 94 -14.73 -5.38 -10.56
C ILE D 94 -15.06 -5.50 -9.08
N HIS D 95 -14.08 -5.95 -8.29
CA HIS D 95 -14.28 -6.11 -6.86
C HIS D 95 -13.72 -4.93 -6.07
N ARG D 96 -14.33 -4.69 -4.92
CA ARG D 96 -13.88 -3.65 -4.00
C ARG D 96 -12.59 -4.10 -3.34
N GLY D 97 -11.98 -3.19 -2.60
CA GLY D 97 -10.71 -3.54 -1.90
C GLY D 97 -10.88 -4.43 -0.66
N THR D 98 -9.79 -4.58 0.09
CA THR D 98 -9.79 -5.45 1.27
C THR D 98 -9.09 -4.72 2.40
N VAL D 99 -9.53 -4.98 3.63
CA VAL D 99 -8.94 -4.30 4.78
C VAL D 99 -7.48 -4.74 5.03
N GLN D 100 -7.10 -5.86 4.45
CA GLN D 100 -5.74 -6.42 4.52
C GLN D 100 -4.73 -5.67 3.60
N ASP D 101 -5.22 -4.69 2.84
CA ASP D 101 -4.39 -3.91 1.93
C ASP D 101 -4.86 -2.43 1.83
N ARG D 102 -5.39 -2.01 0.67
CA ARG D 102 -5.72 -0.60 0.45
C ARG D 102 -7.11 -0.19 0.91
N ALA D 103 -7.95 -1.20 1.16
CA ALA D 103 -9.40 -1.02 1.39
C ALA D 103 -10.11 -0.32 0.22
N GLU D 104 -9.45 -0.24 -0.91
CA GLU D 104 -10.04 0.44 -2.07
C GLU D 104 -9.47 -0.16 -3.35
N THR D 105 -10.36 -0.37 -4.31
CA THR D 105 -9.98 -0.66 -5.70
C THR D 105 -10.27 0.64 -6.46
N THR D 106 -9.32 1.06 -7.28
CA THR D 106 -9.32 2.41 -7.89
C THR D 106 -9.09 2.34 -9.41
N ILE D 107 -9.94 3.03 -10.16
CA ILE D 107 -9.83 3.10 -11.60
C ILE D 107 -9.91 4.58 -11.96
N GLY D 108 -9.01 5.01 -12.84
CA GLY D 108 -8.93 6.41 -13.25
C GLY D 108 -9.89 6.73 -14.36
N ASP D 109 -9.41 7.44 -15.37
CA ASP D 109 -10.24 7.99 -16.48
C ASP D 109 -9.89 7.42 -17.83
N HIS D 110 -10.85 7.46 -18.78
CA HIS D 110 -10.60 7.15 -20.17
C HIS D 110 -10.07 5.72 -20.43
N ASN D 111 -10.42 4.78 -19.53
CA ASN D 111 -10.03 3.41 -19.69
C ASN D 111 -11.07 2.63 -20.50
N LEU D 112 -10.58 1.63 -21.22
CA LEU D 112 -11.43 0.70 -21.90
C LEU D 112 -11.20 -0.70 -21.34
N ILE D 113 -12.21 -1.23 -20.67
CA ILE D 113 -12.14 -2.57 -20.06
C ILE D 113 -13.10 -3.46 -20.83
N MET D 114 -12.56 -4.38 -21.61
CA MET D 114 -13.35 -5.18 -22.52
C MET D 114 -13.99 -6.41 -21.88
N ALA D 115 -14.80 -7.12 -22.65
CA ALA D 115 -15.70 -8.13 -22.09
C ALA D 115 -15.02 -9.16 -21.17
N TYR D 116 -15.67 -9.42 -20.04
CA TYR D 116 -15.30 -10.49 -19.12
C TYR D 116 -13.91 -10.30 -18.47
N ALA D 117 -13.35 -9.13 -18.64
CA ALA D 117 -12.17 -8.74 -17.86
C ALA D 117 -12.50 -8.74 -16.36
N HIS D 118 -11.47 -8.94 -15.53
CA HIS D 118 -11.63 -9.07 -14.10
C HIS D 118 -10.64 -8.18 -13.38
N ILE D 119 -11.16 -7.24 -12.63
CA ILE D 119 -10.33 -6.35 -11.86
C ILE D 119 -10.42 -6.71 -10.38
N GLY D 120 -9.45 -7.50 -9.95
CA GLY D 120 -9.42 -8.01 -8.59
C GLY D 120 -9.17 -6.97 -7.51
N HIS D 121 -9.56 -7.35 -6.31
CA HIS D 121 -9.49 -6.46 -5.16
C HIS D 121 -8.16 -5.72 -4.97
N ASP D 122 -8.26 -4.45 -4.61
CA ASP D 122 -7.13 -3.58 -4.32
C ASP D 122 -6.30 -3.20 -5.54
N SER D 123 -6.78 -3.52 -6.73
CA SER D 123 -6.08 -3.08 -7.93
C SER D 123 -6.26 -1.57 -8.17
N VAL D 124 -5.32 -0.99 -8.90
CA VAL D 124 -5.28 0.45 -9.21
C VAL D 124 -4.99 0.56 -10.71
N ILE D 125 -5.96 1.08 -11.45
CA ILE D 125 -5.76 1.35 -12.85
C ILE D 125 -5.71 2.87 -13.02
N GLY D 126 -4.78 3.34 -13.86
CA GLY D 126 -4.58 4.73 -14.12
C GLY D 126 -5.55 5.19 -15.20
N ASN D 127 -5.02 5.87 -16.23
CA ASN D 127 -5.82 6.52 -17.24
C ASN D 127 -5.42 6.03 -18.62
N HIS D 128 -6.38 6.00 -19.51
CA HIS D 128 -6.14 5.64 -20.92
C HIS D 128 -5.64 4.22 -21.14
N CYS D 129 -5.91 3.34 -20.19
CA CYS D 129 -5.54 1.94 -20.37
C CYS D 129 -6.56 1.17 -21.21
N ILE D 130 -6.07 0.11 -21.87
CA ILE D 130 -6.95 -0.85 -22.52
C ILE D 130 -6.72 -2.27 -22.01
N LEU D 131 -7.75 -2.85 -21.41
CA LEU D 131 -7.72 -4.25 -20.97
C LEU D 131 -8.62 -5.02 -21.89
N VAL D 132 -8.02 -5.85 -22.72
CA VAL D 132 -8.74 -6.62 -23.71
C VAL D 132 -9.45 -7.81 -23.07
N ASN D 133 -10.40 -8.41 -23.80
CA ASN D 133 -11.27 -9.44 -23.26
C ASN D 133 -10.61 -10.42 -22.32
N ASN D 134 -11.26 -10.66 -21.18
CA ASN D 134 -10.86 -11.71 -20.24
C ASN D 134 -9.50 -11.47 -19.56
N THR D 135 -8.94 -10.28 -19.72
CA THR D 135 -7.76 -9.90 -18.92
C THR D 135 -8.11 -10.00 -17.43
N ALA D 136 -7.23 -10.65 -16.65
CA ALA D 136 -7.55 -10.85 -15.25
C ALA D 136 -6.43 -10.30 -14.40
N LEU D 137 -6.80 -9.36 -13.53
CA LEU D 137 -5.87 -8.82 -12.55
C LEU D 137 -6.20 -9.47 -11.22
N ALA D 138 -5.35 -10.39 -10.77
CA ALA D 138 -5.68 -11.24 -9.63
C ALA D 138 -5.92 -10.51 -8.31
N GLY D 139 -5.27 -9.38 -8.10
CA GLY D 139 -5.43 -8.65 -6.85
C GLY D 139 -4.21 -7.82 -6.57
N HIS D 140 -4.42 -6.60 -6.08
CA HIS D 140 -3.32 -5.70 -5.73
C HIS D 140 -2.45 -5.29 -6.94
N VAL D 141 -3.01 -5.33 -8.14
CA VAL D 141 -2.25 -5.02 -9.36
C VAL D 141 -2.35 -3.53 -9.69
N HIS D 142 -1.23 -2.92 -10.04
CA HIS D 142 -1.20 -1.51 -10.45
C HIS D 142 -0.91 -1.43 -11.93
N VAL D 143 -1.82 -0.81 -12.67
CA VAL D 143 -1.65 -0.63 -14.11
C VAL D 143 -1.54 0.87 -14.38
N ASP D 144 -0.39 1.30 -14.89
CA ASP D 144 -0.13 2.70 -15.10
C ASP D 144 -0.63 3.14 -16.49
N ASP D 145 -0.65 4.45 -16.69
CA ASP D 145 -1.32 5.04 -17.84
C ASP D 145 -0.91 4.45 -19.19
N TRP D 146 -1.90 4.39 -20.10
CA TRP D 146 -1.73 3.98 -21.48
C TRP D 146 -1.29 2.51 -21.68
N ALA D 147 -1.22 1.71 -20.62
CA ALA D 147 -0.88 0.32 -20.80
C ALA D 147 -1.96 -0.40 -21.61
N ILE D 148 -1.54 -1.38 -22.41
CA ILE D 148 -2.45 -2.24 -23.16
C ILE D 148 -2.17 -3.68 -22.78
N LEU D 149 -3.21 -4.35 -22.27
CA LEU D 149 -3.12 -5.78 -21.96
C LEU D 149 -4.00 -6.56 -22.94
N SER D 150 -3.39 -7.38 -23.78
CA SER D 150 -4.14 -8.09 -24.83
C SER D 150 -4.97 -9.24 -24.25
N GLY D 151 -5.83 -9.84 -25.09
CA GLY D 151 -6.84 -10.78 -24.61
C GLY D 151 -6.29 -11.90 -23.75
N TYR D 152 -6.95 -12.14 -22.61
CA TYR D 152 -6.66 -13.30 -21.77
C TYR D 152 -5.24 -13.15 -21.12
N THR D 153 -4.80 -11.90 -21.00
CA THR D 153 -3.60 -11.63 -20.16
C THR D 153 -3.97 -11.87 -18.69
N LEU D 154 -3.17 -12.70 -18.02
CA LEU D 154 -3.32 -12.96 -16.60
C LEU D 154 -2.18 -12.29 -15.82
N VAL D 155 -2.54 -11.50 -14.82
CA VAL D 155 -1.55 -10.78 -14.02
C VAL D 155 -1.62 -11.26 -12.58
N HIS D 156 -0.52 -11.86 -12.13
CA HIS D 156 -0.36 -12.31 -10.74
C HIS D 156 -0.50 -11.19 -9.70
N GLN D 157 -0.93 -11.58 -8.50
N GLN D 157 -0.91 -11.58 -8.49
CA GLN D 157 -1.14 -10.64 -7.41
CA GLN D 157 -1.09 -10.60 -7.43
C GLN D 157 0.11 -9.80 -7.12
C GLN D 157 0.16 -9.75 -7.23
N TYR D 158 -0.08 -8.48 -6.95
CA TYR D 158 0.98 -7.52 -6.58
C TYR D 158 1.85 -7.02 -7.71
N CYS D 159 1.65 -7.53 -8.94
CA CYS D 159 2.45 -7.05 -10.06
C CYS D 159 2.09 -5.64 -10.50
N ARG D 160 3.07 -4.98 -11.08
CA ARG D 160 2.90 -3.61 -11.56
C ARG D 160 3.14 -3.62 -13.06
N ILE D 161 2.25 -2.98 -13.80
CA ILE D 161 2.27 -2.92 -15.24
C ILE D 161 2.55 -1.52 -15.63
N GLY D 162 3.70 -1.29 -16.24
CA GLY D 162 4.17 0.06 -16.51
C GLY D 162 3.41 0.85 -17.53
N ALA D 163 3.56 2.17 -17.42
CA ALA D 163 2.97 3.05 -18.40
C ALA D 163 3.37 2.66 -19.84
N HIS D 164 2.40 2.69 -20.74
CA HIS D 164 2.65 2.45 -22.16
C HIS D 164 3.18 1.05 -22.50
N SER D 165 3.08 0.11 -21.55
CA SER D 165 3.50 -1.24 -21.80
C SER D 165 2.42 -2.04 -22.56
N PHE D 166 2.84 -3.19 -23.08
CA PHE D 166 1.98 -4.00 -23.90
C PHE D 166 2.20 -5.45 -23.59
N SER D 167 1.13 -6.19 -23.36
CA SER D 167 1.22 -7.64 -23.28
C SER D 167 0.52 -8.25 -24.49
N GLY D 168 1.15 -9.29 -25.05
CA GLY D 168 0.52 -10.13 -26.08
C GLY D 168 -0.59 -11.02 -25.55
N MET D 169 -1.43 -11.50 -26.46
CA MET D 169 -2.55 -12.27 -26.07
C MET D 169 -2.15 -13.54 -25.37
N GLY D 170 -2.80 -13.80 -24.24
CA GLY D 170 -2.52 -15.01 -23.49
C GLY D 170 -1.26 -14.97 -22.62
N SER D 171 -0.67 -13.79 -22.49
CA SER D 171 0.46 -13.63 -21.56
C SER D 171 0.09 -13.97 -20.12
N ALA D 172 1.03 -14.58 -19.38
CA ALA D 172 0.86 -14.80 -17.95
C ALA D 172 1.98 -14.08 -17.23
N ILE D 173 1.65 -12.96 -16.59
CA ILE D 173 2.61 -12.04 -16.04
C ILE D 173 2.79 -12.25 -14.56
N GLY D 174 4.03 -12.57 -14.16
CA GLY D 174 4.30 -12.95 -12.76
C GLY D 174 5.28 -12.02 -12.08
N LYS D 175 5.89 -11.13 -12.86
CA LYS D 175 6.79 -10.09 -12.34
C LYS D 175 6.41 -8.76 -12.95
N ASP D 176 6.99 -7.69 -12.47
CA ASP D 176 6.60 -6.38 -12.92
C ASP D 176 6.98 -6.17 -14.37
N VAL D 177 6.21 -5.36 -15.09
CA VAL D 177 6.51 -5.03 -16.45
C VAL D 177 6.88 -3.55 -16.48
N PRO D 178 8.13 -3.26 -16.90
CA PRO D 178 8.50 -1.88 -16.93
C PRO D 178 7.72 -1.06 -17.94
N ALA D 179 7.67 0.26 -17.75
CA ALA D 179 7.07 1.15 -18.74
C ALA D 179 7.62 0.91 -20.15
N TYR D 180 6.72 0.96 -21.13
CA TYR D 180 7.01 0.76 -22.53
C TYR D 180 7.35 -0.64 -22.98
N VAL D 181 7.55 -1.57 -22.07
CA VAL D 181 8.06 -2.88 -22.47
C VAL D 181 6.91 -3.77 -23.01
N THR D 182 7.21 -4.48 -24.09
CA THR D 182 6.32 -5.50 -24.64
C THR D 182 6.67 -6.89 -24.10
N VAL D 183 5.66 -7.61 -23.61
CA VAL D 183 5.87 -8.96 -23.07
C VAL D 183 4.93 -9.93 -23.75
N PHE D 184 5.34 -11.21 -23.77
CA PHE D 184 4.57 -12.25 -24.47
C PHE D 184 4.79 -13.58 -23.77
N GLY D 185 3.81 -14.46 -23.88
CA GLY D 185 3.96 -15.83 -23.42
C GLY D 185 3.53 -16.18 -22.01
N ASN D 186 3.60 -17.47 -21.73
CA ASN D 186 3.33 -18.01 -20.42
C ASN D 186 4.42 -19.02 -20.04
N PRO D 187 5.36 -18.63 -19.16
CA PRO D 187 5.41 -17.31 -18.51
C PRO D 187 5.83 -16.17 -19.42
N ALA D 188 5.42 -14.96 -19.07
CA ALA D 188 5.72 -13.81 -19.89
C ALA D 188 7.22 -13.52 -19.96
N GLU D 189 7.65 -13.10 -21.14
CA GLU D 189 9.03 -12.71 -21.35
C GLU D 189 9.05 -11.37 -22.07
N ALA D 190 10.06 -10.56 -21.74
CA ALA D 190 10.27 -9.27 -22.41
C ALA D 190 10.80 -9.43 -23.81
N ARG D 191 10.24 -8.67 -24.74
CA ARG D 191 10.65 -8.78 -26.13
C ARG D 191 11.28 -7.51 -26.63
N SER D 192 10.59 -6.38 -26.51
CA SER D 192 11.09 -5.13 -27.05
C SER D 192 10.31 -4.03 -26.37
N MET D 193 10.24 -2.88 -27.02
CA MET D 193 9.39 -1.77 -26.56
C MET D 193 8.24 -1.43 -27.49
N ASN D 194 7.28 -0.72 -26.93
CA ASN D 194 6.07 -0.37 -27.62
C ASN D 194 6.24 0.90 -28.43
N PHE D 195 7.06 0.82 -29.47
CA PHE D 195 7.41 2.00 -30.27
C PHE D 195 6.19 2.58 -30.98
N GLU D 196 5.27 1.74 -31.39
CA GLU D 196 4.00 2.22 -31.97
C GLU D 196 3.24 3.11 -30.99
N GLY D 197 3.18 2.70 -29.73
CA GLY D 197 2.54 3.51 -28.71
C GLY D 197 3.22 4.88 -28.55
N MET D 198 4.55 4.88 -28.55
CA MET D 198 5.30 6.13 -28.39
C MET D 198 4.95 7.08 -29.54
N ARG D 199 4.86 6.53 -30.73
CA ARG D 199 4.61 7.37 -31.90
C ARG D 199 3.20 7.93 -31.86
N ARG D 200 2.24 7.11 -31.43
CA ARG D 200 0.88 7.60 -31.20
C ARG D 200 0.81 8.75 -30.20
N ARG D 201 1.69 8.76 -29.21
CA ARG D 201 1.67 9.81 -28.19
C ARG D 201 2.43 11.06 -28.60
N GLY D 202 3.14 10.96 -29.72
CA GLY D 202 3.86 12.09 -30.26
C GLY D 202 5.21 12.27 -29.64
N PHE D 203 5.81 11.18 -29.18
CA PHE D 203 7.16 11.26 -28.65
C PHE D 203 8.07 11.73 -29.78
N SER D 204 9.09 12.49 -29.42
CA SER D 204 10.09 12.92 -30.38
C SER D 204 10.95 11.72 -30.78
N SER D 205 11.58 11.82 -31.94
CA SER D 205 12.56 10.81 -32.36
C SER D 205 13.65 10.65 -31.32
N GLU D 206 14.11 11.77 -30.77
CA GLU D 206 15.19 11.75 -29.80
C GLU D 206 14.81 10.96 -28.54
N ALA D 207 13.57 11.12 -28.10
CA ALA D 207 13.08 10.39 -26.92
C ALA D 207 12.95 8.89 -27.22
N ILE D 208 12.50 8.58 -28.42
CA ILE D 208 12.36 7.20 -28.82
C ILE D 208 13.75 6.54 -28.86
N HIS D 209 14.73 7.27 -29.39
CA HIS D 209 16.09 6.73 -29.48
C HIS D 209 16.69 6.58 -28.09
N ALA D 210 16.37 7.51 -27.21
CA ALA D 210 16.81 7.39 -25.82
C ALA D 210 16.19 6.16 -25.13
N LEU D 211 14.91 5.89 -25.41
CA LEU D 211 14.24 4.72 -24.81
C LEU D 211 14.77 3.40 -25.34
N ARG D 212 15.13 3.37 -26.61
CA ARG D 212 15.81 2.20 -27.17
C ARG D 212 17.15 1.92 -26.45
N ARG D 213 17.91 2.98 -26.16
CA ARG D 213 19.19 2.83 -25.44
C ARG D 213 18.97 2.42 -23.97
N ALA D 214 17.91 2.95 -23.37
CA ALA D 214 17.57 2.57 -22.02
C ALA D 214 17.24 1.07 -21.89
N TYR D 215 16.49 0.54 -22.86
CA TYR D 215 16.13 -0.88 -22.83
C TYR D 215 17.39 -1.77 -22.82
N LYS D 216 18.33 -1.42 -23.68
CA LYS D 216 19.64 -2.11 -23.66
C LYS D 216 20.35 -2.05 -22.32
N VAL D 217 20.34 -0.90 -21.66
CA VAL D 217 20.97 -0.78 -20.34
C VAL D 217 20.39 -1.77 -19.34
N VAL D 218 19.08 -1.95 -19.37
CA VAL D 218 18.43 -2.74 -18.36
C VAL D 218 18.54 -4.23 -18.73
N TYR D 219 18.45 -4.54 -20.01
CA TYR D 219 18.15 -5.91 -20.42
C TYR D 219 19.31 -6.60 -21.11
N ARG D 220 20.20 -5.82 -21.73
CA ARG D 220 21.18 -6.40 -22.63
C ARG D 220 22.65 -6.10 -22.29
N GLN D 221 22.95 -5.68 -21.06
CA GLN D 221 24.34 -5.36 -20.69
C GLN D 221 24.79 -6.03 -19.40
N GLY D 222 24.00 -6.98 -18.92
CA GLY D 222 24.32 -7.74 -17.72
C GLY D 222 24.34 -6.97 -16.40
N HIS D 223 23.77 -5.76 -16.36
CA HIS D 223 23.73 -5.01 -15.11
C HIS D 223 22.76 -5.59 -14.12
N THR D 224 23.07 -5.50 -12.83
CA THR D 224 22.03 -5.68 -11.85
C THR D 224 21.02 -4.52 -12.03
N VAL D 225 19.86 -4.67 -11.43
CA VAL D 225 18.85 -3.63 -11.45
C VAL D 225 19.37 -2.34 -10.80
N GLU D 226 20.11 -2.49 -9.69
CA GLU D 226 20.76 -1.36 -9.01
C GLU D 226 21.71 -0.62 -9.93
N GLU D 227 22.52 -1.36 -10.67
CA GLU D 227 23.48 -0.73 -11.58
C GLU D 227 22.76 -0.03 -12.69
N ALA D 228 21.74 -0.69 -13.25
CA ALA D 228 21.04 -0.18 -14.42
C ALA D 228 20.39 1.14 -14.03
N LEU D 229 19.82 1.18 -12.81
CA LEU D 229 19.20 2.40 -12.32
C LEU D 229 20.20 3.53 -12.23
N ALA D 230 21.37 3.23 -11.68
CA ALA D 230 22.44 4.22 -11.64
C ALA D 230 22.87 4.66 -13.04
N GLU D 231 22.95 3.73 -13.98
CA GLU D 231 23.37 4.08 -15.36
C GLU D 231 22.30 4.95 -16.08
N LEU D 232 21.04 4.80 -15.69
CA LEU D 232 19.94 5.49 -16.40
C LEU D 232 19.76 6.93 -15.89
N ALA D 233 20.38 7.25 -14.75
CA ALA D 233 20.14 8.54 -14.11
C ALA D 233 20.30 9.71 -15.05
N GLU D 234 21.38 9.69 -15.82
CA GLU D 234 21.65 10.81 -16.73
C GLU D 234 20.54 10.99 -17.76
N SER D 235 20.24 9.93 -18.51
CA SER D 235 19.26 10.01 -19.59
C SER D 235 17.87 10.34 -19.02
N ALA D 236 17.58 9.83 -17.83
CA ALA D 236 16.32 10.09 -17.15
C ALA D 236 16.18 11.57 -16.80
N ALA D 237 17.29 12.22 -16.45
CA ALA D 237 17.28 13.67 -16.15
C ALA D 237 17.12 14.51 -17.42
N GLN D 238 17.50 13.96 -18.55
CA GLN D 238 17.35 14.67 -19.82
C GLN D 238 16.01 14.44 -20.52
N PHE D 239 15.47 13.23 -20.41
CA PHE D 239 14.20 12.90 -21.06
C PHE D 239 13.17 12.45 -20.04
N PRO D 240 12.09 13.23 -19.88
CA PRO D 240 11.02 12.76 -18.99
C PRO D 240 10.50 11.37 -19.35
N GLU D 241 10.55 11.02 -20.63
CA GLU D 241 10.06 9.71 -21.10
C GLU D 241 10.94 8.59 -20.57
N VAL D 242 12.25 8.83 -20.51
CA VAL D 242 13.15 7.87 -19.88
C VAL D 242 12.97 7.82 -18.36
N ALA D 243 12.67 8.95 -17.75
CA ALA D 243 12.41 8.96 -16.31
C ALA D 243 11.24 8.05 -15.97
N VAL D 244 10.29 7.95 -16.89
CA VAL D 244 9.13 7.10 -16.61
C VAL D 244 9.59 5.64 -16.57
N PHE D 245 10.49 5.32 -17.49
CA PHE D 245 11.03 3.95 -17.58
C PHE D 245 11.87 3.63 -16.35
N ARG D 246 12.80 4.52 -16.03
CA ARG D 246 13.60 4.38 -14.78
C ARG D 246 12.75 4.27 -13.51
N ASP D 247 11.77 5.14 -13.34
CA ASP D 247 10.87 5.04 -12.20
C ASP D 247 10.15 3.70 -12.09
N SER D 248 9.75 3.14 -13.24
CA SER D 248 9.02 1.86 -13.18
C SER D 248 9.94 0.73 -12.74
N ILE D 249 11.22 0.86 -13.05
CA ILE D 249 12.15 -0.17 -12.63
C ILE D 249 12.50 -0.02 -11.14
N GLN D 250 12.58 1.24 -10.69
CA GLN D 250 12.83 1.57 -9.29
C GLN D 250 11.74 1.04 -8.38
N SER D 251 10.50 1.17 -8.82
CA SER D 251 9.40 0.76 -7.99
C SER D 251 9.20 -0.77 -7.97
N ALA D 252 9.98 -1.50 -8.79
CA ALA D 252 9.87 -2.96 -8.84
C ALA D 252 10.74 -3.63 -7.78
N THR D 253 10.18 -3.74 -6.59
CA THR D 253 10.88 -4.42 -5.51
C THR D 253 10.95 -5.96 -5.62
N ARG D 254 10.08 -6.58 -6.41
CA ARG D 254 10.06 -8.04 -6.54
C ARG D 254 10.57 -8.54 -7.91
N GLY D 255 11.38 -7.72 -8.57
CA GLY D 255 11.97 -8.10 -9.85
C GLY D 255 11.13 -7.72 -11.07
N ILE D 256 11.82 -7.63 -12.21
CA ILE D 256 11.19 -7.23 -13.47
C ILE D 256 11.09 -8.42 -14.40
N THR D 257 10.12 -8.38 -15.29
CA THR D 257 9.98 -9.39 -16.32
C THR D 257 11.15 -9.28 -17.28
N ARG D 258 11.86 -10.40 -17.43
CA ARG D 258 13.00 -10.45 -18.35
C ARG D 258 12.80 -11.29 -19.60
N SER E 2 -39.10 -9.33 0.87
CA SER E 2 -39.54 -10.68 0.51
C SER E 2 -38.39 -11.66 0.27
N LEU E 3 -38.67 -12.95 0.48
CA LEU E 3 -37.72 -14.02 0.26
C LEU E 3 -37.72 -14.39 -1.22
N ILE E 4 -38.87 -14.76 -1.75
CA ILE E 4 -38.96 -15.04 -3.17
C ILE E 4 -39.47 -13.79 -3.86
N ASP E 5 -38.56 -13.14 -4.58
CA ASP E 5 -38.91 -11.90 -5.25
C ASP E 5 -40.04 -12.16 -6.24
N PRO E 6 -41.05 -11.26 -6.28
CA PRO E 6 -42.16 -11.45 -7.20
C PRO E 6 -41.77 -11.38 -8.68
N ARG E 7 -40.56 -10.90 -8.97
CA ARG E 7 -40.11 -10.82 -10.35
C ARG E 7 -39.35 -12.07 -10.75
N ALA E 8 -39.18 -13.02 -9.83
CA ALA E 8 -38.60 -14.33 -10.17
C ALA E 8 -39.66 -15.25 -10.76
N ILE E 9 -39.23 -16.22 -11.54
CA ILE E 9 -40.12 -17.21 -12.10
C ILE E 9 -39.82 -18.52 -11.38
N ILE E 10 -40.83 -19.06 -10.70
CA ILE E 10 -40.67 -20.34 -10.01
C ILE E 10 -41.59 -21.38 -10.62
N ASP E 11 -41.03 -22.42 -11.24
CA ASP E 11 -41.86 -23.40 -11.91
C ASP E 11 -42.73 -24.09 -10.86
N PRO E 12 -43.95 -24.49 -11.24
CA PRO E 12 -44.82 -25.16 -10.27
C PRO E 12 -44.25 -26.47 -9.76
N SER E 13 -43.42 -27.16 -10.55
CA SER E 13 -42.80 -28.38 -10.06
C SER E 13 -41.49 -28.19 -9.27
N ALA E 14 -41.01 -26.96 -9.11
CA ALA E 14 -39.83 -26.72 -8.26
C ALA E 14 -40.21 -26.92 -6.78
N ARG E 15 -39.27 -27.33 -5.97
CA ARG E 15 -39.51 -27.51 -4.57
C ARG E 15 -38.50 -26.75 -3.77
N LEU E 16 -38.92 -25.71 -3.08
CA LEU E 16 -38.01 -24.91 -2.34
C LEU E 16 -38.36 -24.84 -0.89
N ALA E 17 -37.38 -24.95 -0.04
CA ALA E 17 -37.63 -24.82 1.38
C ALA E 17 -38.22 -23.45 1.59
N ALA E 18 -39.07 -23.35 2.60
CA ALA E 18 -39.77 -22.12 2.84
C ALA E 18 -38.93 -20.86 3.04
N ASP E 19 -37.70 -21.02 3.50
CA ASP E 19 -36.87 -19.86 3.76
C ASP E 19 -35.83 -19.52 2.72
N VAL E 20 -35.90 -20.20 1.62
CA VAL E 20 -35.03 -19.99 0.44
C VAL E 20 -35.33 -18.61 -0.15
N GLN E 21 -34.26 -17.88 -0.47
CA GLN E 21 -34.37 -16.55 -1.05
C GLN E 21 -34.01 -16.63 -2.53
N VAL E 22 -34.81 -15.98 -3.35
CA VAL E 22 -34.62 -16.00 -4.80
C VAL E 22 -34.78 -14.56 -5.27
N GLY E 23 -33.76 -14.06 -5.95
CA GLY E 23 -33.70 -12.67 -6.31
C GLY E 23 -34.50 -12.40 -7.58
N PRO E 24 -34.67 -11.12 -7.89
CA PRO E 24 -35.42 -10.74 -9.05
C PRO E 24 -34.82 -11.28 -10.34
N TRP E 25 -35.71 -11.64 -11.26
CA TRP E 25 -35.38 -12.04 -12.63
C TRP E 25 -34.56 -13.33 -12.68
N SER E 26 -34.77 -14.17 -11.70
CA SER E 26 -34.18 -15.48 -11.69
C SER E 26 -35.24 -16.47 -12.08
N ILE E 27 -34.78 -17.57 -12.64
CA ILE E 27 -35.66 -18.66 -13.05
C ILE E 27 -35.31 -19.92 -12.28
N VAL E 28 -36.29 -20.47 -11.56
CA VAL E 28 -36.11 -21.77 -10.94
C VAL E 28 -36.99 -22.74 -11.73
N GLY E 29 -36.34 -23.59 -12.51
CA GLY E 29 -37.00 -24.42 -13.48
C GLY E 29 -37.68 -25.65 -12.90
N ALA E 30 -38.28 -26.41 -13.77
CA ALA E 30 -38.99 -27.63 -13.39
C ALA E 30 -38.00 -28.59 -12.80
N GLU E 31 -38.40 -29.27 -11.72
CA GLU E 31 -37.64 -30.39 -11.15
C GLU E 31 -36.34 -29.88 -10.53
N VAL E 32 -36.34 -28.62 -10.12
CA VAL E 32 -35.27 -28.08 -9.32
C VAL E 32 -35.70 -28.04 -7.86
N GLU E 33 -34.89 -28.66 -7.01
CA GLU E 33 -35.11 -28.65 -5.57
C GLU E 33 -34.03 -27.85 -4.89
N ILE E 34 -34.42 -27.00 -3.95
CA ILE E 34 -33.50 -26.13 -3.23
C ILE E 34 -33.73 -26.25 -1.72
N GLY E 35 -32.63 -26.39 -0.99
CA GLY E 35 -32.69 -26.65 0.44
C GLY E 35 -32.64 -25.40 1.28
N GLU E 36 -32.95 -25.59 2.55
CA GLU E 36 -33.12 -24.51 3.48
C GLU E 36 -31.92 -23.57 3.57
N GLY E 37 -32.23 -22.30 3.66
CA GLY E 37 -31.20 -21.29 3.89
C GLY E 37 -30.36 -20.97 2.63
N THR E 38 -30.67 -21.61 1.52
CA THR E 38 -30.00 -21.25 0.26
C THR E 38 -30.49 -19.88 -0.26
N VAL E 39 -29.54 -19.10 -0.75
CA VAL E 39 -29.82 -17.80 -1.34
C VAL E 39 -29.42 -17.81 -2.82
N ILE E 40 -30.44 -17.69 -3.69
CA ILE E 40 -30.24 -17.51 -5.12
C ILE E 40 -30.29 -16.00 -5.41
N GLY E 41 -29.27 -15.49 -6.08
CA GLY E 41 -29.18 -14.06 -6.41
C GLY E 41 -30.16 -13.69 -7.50
N PRO E 42 -30.06 -12.42 -7.97
CA PRO E 42 -30.80 -12.01 -9.14
C PRO E 42 -30.17 -12.57 -10.41
N HIS E 43 -30.96 -12.69 -11.48
CA HIS E 43 -30.43 -13.10 -12.81
C HIS E 43 -29.74 -14.47 -12.79
N VAL E 44 -30.29 -15.40 -12.04
CA VAL E 44 -29.77 -16.76 -12.05
C VAL E 44 -30.72 -17.67 -12.82
N VAL E 45 -30.20 -18.54 -13.67
CA VAL E 45 -31.00 -19.58 -14.32
C VAL E 45 -30.69 -20.97 -13.76
N LEU E 46 -31.73 -21.59 -13.14
CA LEU E 46 -31.60 -22.94 -12.64
C LEU E 46 -32.45 -23.87 -13.44
N LYS E 47 -31.87 -24.95 -13.92
CA LYS E 47 -32.57 -25.94 -14.72
C LYS E 47 -32.37 -27.33 -14.10
N GLY E 48 -33.37 -28.20 -14.26
CA GLY E 48 -33.40 -29.49 -13.59
C GLY E 48 -33.36 -30.64 -14.57
N PRO E 49 -33.35 -31.89 -14.08
CA PRO E 49 -33.49 -32.22 -12.66
C PRO E 49 -32.22 -31.95 -11.86
N THR E 50 -32.38 -31.21 -10.76
CA THR E 50 -31.24 -30.69 -10.03
C THR E 50 -31.66 -30.62 -8.57
N LYS E 51 -30.78 -31.09 -7.68
CA LYS E 51 -30.96 -30.94 -6.25
C LYS E 51 -29.85 -30.05 -5.72
N ILE E 52 -30.24 -28.97 -5.03
CA ILE E 52 -29.33 -28.07 -4.37
C ILE E 52 -29.63 -28.12 -2.88
N GLY E 53 -28.58 -28.36 -2.08
CA GLY E 53 -28.74 -28.50 -0.63
C GLY E 53 -28.94 -27.22 0.14
N LYS E 54 -28.46 -27.24 1.39
CA LYS E 54 -28.69 -26.17 2.35
C LYS E 54 -27.59 -25.13 2.39
N HIS E 55 -27.99 -23.88 2.67
CA HIS E 55 -27.07 -22.80 2.97
C HIS E 55 -26.08 -22.51 1.84
N ASN E 56 -26.50 -22.73 0.61
CA ASN E 56 -25.70 -22.33 -0.54
C ASN E 56 -25.95 -20.88 -0.92
N ARG E 57 -25.05 -20.32 -1.72
CA ARG E 57 -25.23 -18.99 -2.26
C ARG E 57 -24.83 -19.02 -3.75
N ILE E 58 -25.74 -18.61 -4.62
CA ILE E 58 -25.52 -18.65 -6.07
C ILE E 58 -25.71 -17.22 -6.60
N TYR E 59 -24.65 -16.71 -7.21
CA TYR E 59 -24.61 -15.30 -7.68
C TYR E 59 -25.17 -15.12 -9.08
N GLN E 60 -25.43 -13.86 -9.39
CA GLN E 60 -25.96 -13.45 -10.65
C GLN E 60 -25.22 -13.99 -11.86
N PHE E 61 -26.03 -14.19 -12.91
CA PHE E 61 -25.61 -14.58 -14.25
C PHE E 61 -25.05 -16.00 -14.34
N SER E 62 -25.28 -16.81 -13.30
CA SER E 62 -24.92 -18.20 -13.30
C SER E 62 -26.02 -19.01 -14.00
N SER E 63 -25.61 -20.10 -14.67
CA SER E 63 -26.52 -21.06 -15.30
C SER E 63 -26.16 -22.41 -14.71
N VAL E 64 -27.08 -22.94 -13.90
CA VAL E 64 -26.82 -24.12 -13.12
C VAL E 64 -27.86 -25.17 -13.45
N GLY E 65 -27.42 -26.24 -14.09
CA GLY E 65 -28.26 -27.35 -14.46
C GLY E 65 -28.62 -27.44 -15.93
N GLU E 66 -27.97 -26.65 -16.78
CA GLU E 66 -28.19 -26.77 -18.22
C GLU E 66 -27.67 -28.08 -18.76
N ASP E 67 -28.22 -28.47 -19.90
CA ASP E 67 -27.69 -29.59 -20.66
C ASP E 67 -26.30 -29.26 -21.10
N THR E 68 -25.45 -30.28 -21.20
CA THR E 68 -24.18 -30.06 -21.88
C THR E 68 -24.44 -29.87 -23.36
N PRO E 69 -23.69 -28.96 -24.00
CA PRO E 69 -23.74 -28.90 -25.45
C PRO E 69 -22.96 -30.04 -26.12
N ASP E 70 -22.21 -30.81 -25.33
CA ASP E 70 -21.44 -31.92 -25.89
C ASP E 70 -22.39 -32.76 -26.75
N LEU E 71 -21.95 -33.06 -27.96
CA LEU E 71 -22.80 -33.73 -28.94
C LEU E 71 -23.21 -35.17 -28.58
N LYS E 72 -22.55 -35.76 -27.59
CA LYS E 72 -22.94 -37.11 -27.16
C LYS E 72 -24.18 -37.13 -26.27
N TYR E 73 -24.55 -35.96 -25.74
CA TYR E 73 -25.81 -35.85 -24.98
C TYR E 73 -27.00 -35.74 -25.95
N LYS E 74 -28.05 -36.51 -25.70
CA LYS E 74 -29.22 -36.60 -26.60
C LYS E 74 -30.56 -36.40 -25.87
N GLY E 75 -30.58 -35.56 -24.85
CA GLY E 75 -31.84 -35.20 -24.18
C GLY E 75 -32.28 -36.12 -23.04
N GLU E 76 -31.40 -37.01 -22.59
CA GLU E 76 -31.73 -37.97 -21.53
C GLU E 76 -31.89 -37.29 -20.14
N PRO E 77 -32.60 -37.94 -19.19
CA PRO E 77 -32.98 -37.30 -17.91
C PRO E 77 -31.88 -37.34 -16.80
N THR E 78 -30.78 -36.69 -17.10
CA THR E 78 -29.59 -36.71 -16.25
C THR E 78 -29.71 -35.64 -15.17
N ARG E 79 -28.82 -35.71 -14.19
CA ARG E 79 -29.01 -34.95 -12.98
C ARG E 79 -27.81 -34.11 -12.62
N LEU E 80 -28.07 -33.18 -11.72
CA LEU E 80 -27.04 -32.43 -11.05
C LEU E 80 -27.40 -32.47 -9.58
N VAL E 81 -26.41 -32.80 -8.75
CA VAL E 81 -26.54 -32.69 -7.30
C VAL E 81 -25.48 -31.79 -6.69
N ILE E 82 -25.93 -30.83 -5.88
CA ILE E 82 -25.06 -29.92 -5.18
C ILE E 82 -25.37 -29.95 -3.69
N GLY E 83 -24.33 -30.13 -2.90
CA GLY E 83 -24.46 -30.26 -1.44
C GLY E 83 -24.75 -28.97 -0.72
N ASP E 84 -24.12 -28.80 0.44
CA ASP E 84 -24.38 -27.71 1.35
C ASP E 84 -23.23 -26.71 1.46
N HIS E 85 -23.56 -25.48 1.81
CA HIS E 85 -22.59 -24.46 2.19
C HIS E 85 -21.60 -24.14 1.05
N ASN E 86 -22.06 -24.26 -0.19
CA ASN E 86 -21.24 -23.88 -1.36
C ASN E 86 -21.52 -22.44 -1.75
N VAL E 87 -20.53 -21.82 -2.36
CA VAL E 87 -20.66 -20.47 -2.90
C VAL E 87 -20.28 -20.53 -4.38
N ILE E 88 -21.26 -20.21 -5.23
CA ILE E 88 -21.10 -20.24 -6.66
C ILE E 88 -21.22 -18.80 -7.15
N ARG E 89 -20.10 -18.26 -7.63
CA ARG E 89 -20.02 -16.84 -7.96
C ARG E 89 -20.56 -16.48 -9.33
N GLU E 90 -20.29 -15.23 -9.75
CA GLU E 90 -20.89 -14.68 -10.92
C GLU E 90 -20.60 -15.49 -12.18
N GLY E 91 -21.63 -15.73 -12.97
CA GLY E 91 -21.48 -16.34 -14.29
C GLY E 91 -20.99 -17.77 -14.41
N VAL E 92 -21.06 -18.52 -13.30
CA VAL E 92 -20.60 -19.89 -13.33
C VAL E 92 -21.57 -20.74 -14.15
N THR E 93 -21.02 -21.66 -14.93
CA THR E 93 -21.84 -22.63 -15.66
C THR E 93 -21.61 -24.02 -15.11
N ILE E 94 -22.69 -24.73 -14.82
CA ILE E 94 -22.62 -26.08 -14.29
C ILE E 94 -23.61 -26.92 -15.08
N HIS E 95 -23.12 -27.93 -15.74
CA HIS E 95 -23.96 -28.77 -16.57
C HIS E 95 -24.29 -30.08 -15.86
N ARG E 96 -25.43 -30.66 -16.25
CA ARG E 96 -25.83 -31.98 -15.74
C ARG E 96 -25.08 -33.09 -16.47
N GLY E 97 -25.23 -34.31 -15.98
CA GLY E 97 -24.42 -35.45 -16.47
C GLY E 97 -24.90 -36.00 -17.80
N THR E 98 -24.28 -37.11 -18.21
CA THR E 98 -24.58 -37.78 -19.47
C THR E 98 -24.76 -39.28 -19.19
N VAL E 99 -25.58 -39.95 -19.98
CA VAL E 99 -25.92 -41.35 -19.66
C VAL E 99 -24.72 -42.25 -19.91
N GLN E 100 -23.77 -41.73 -20.67
CA GLN E 100 -22.56 -42.47 -21.01
C GLN E 100 -21.66 -42.70 -19.79
N ASP E 101 -21.82 -41.91 -18.74
CA ASP E 101 -21.03 -42.08 -17.50
C ASP E 101 -21.95 -42.56 -16.37
N ARG E 102 -22.35 -41.69 -15.44
CA ARG E 102 -23.29 -42.07 -14.37
C ARG E 102 -24.53 -41.20 -14.38
N ALA E 103 -24.75 -40.40 -15.41
CA ALA E 103 -25.92 -39.54 -15.52
C ALA E 103 -26.03 -38.49 -14.42
N GLU E 104 -24.90 -38.11 -13.82
CA GLU E 104 -24.96 -37.11 -12.76
C GLU E 104 -23.66 -36.30 -12.67
N THR E 105 -23.81 -34.99 -12.60
CA THR E 105 -22.74 -34.13 -12.12
C THR E 105 -22.96 -33.92 -10.63
N THR E 106 -21.88 -33.91 -9.85
CA THR E 106 -21.97 -33.93 -8.40
C THR E 106 -20.97 -32.96 -7.77
N ILE E 107 -21.48 -32.12 -6.88
CA ILE E 107 -20.67 -31.24 -6.09
C ILE E 107 -21.02 -31.46 -4.63
N GLY E 108 -19.98 -31.59 -3.81
CA GLY E 108 -20.16 -31.75 -2.38
C GLY E 108 -20.45 -30.49 -1.61
N ASP E 109 -19.79 -30.35 -0.47
CA ASP E 109 -20.05 -29.28 0.49
C ASP E 109 -18.89 -28.29 0.61
N HIS E 110 -19.21 -27.07 1.00
CA HIS E 110 -18.19 -26.08 1.42
C HIS E 110 -17.21 -25.67 0.30
N ASN E 111 -17.61 -25.89 -0.95
CA ASN E 111 -16.83 -25.47 -2.12
C ASN E 111 -17.05 -24.01 -2.50
N LEU E 112 -16.01 -23.42 -3.05
CA LEU E 112 -16.03 -22.03 -3.52
C LEU E 112 -15.68 -22.07 -5.01
N ILE E 113 -16.66 -21.77 -5.83
CA ILE E 113 -16.49 -21.78 -7.28
C ILE E 113 -16.60 -20.33 -7.75
N MET E 114 -15.45 -19.76 -8.11
CA MET E 114 -15.41 -18.35 -8.48
C MET E 114 -15.88 -18.03 -9.88
N ALA E 115 -15.94 -16.73 -10.17
CA ALA E 115 -16.58 -16.26 -11.38
C ALA E 115 -16.17 -16.95 -12.68
N TYR E 116 -17.18 -17.22 -13.50
CA TYR E 116 -17.03 -17.75 -14.82
C TYR E 116 -16.37 -19.13 -14.87
N ALA E 117 -16.22 -19.77 -13.73
CA ALA E 117 -15.76 -21.16 -13.75
C ALA E 117 -16.77 -22.00 -14.52
N HIS E 118 -16.31 -23.15 -15.01
CA HIS E 118 -17.13 -24.07 -15.76
C HIS E 118 -16.98 -25.47 -15.22
N ILE E 119 -18.11 -26.06 -14.79
CA ILE E 119 -18.10 -27.43 -14.32
C ILE E 119 -18.86 -28.26 -15.36
N GLY E 120 -18.09 -28.98 -16.15
CA GLY E 120 -18.61 -29.74 -17.25
C GLY E 120 -19.33 -31.01 -16.80
N HIS E 121 -20.03 -31.60 -17.75
CA HIS E 121 -20.87 -32.75 -17.48
C HIS E 121 -20.10 -33.88 -16.82
N ASP E 122 -20.76 -34.49 -15.84
CA ASP E 122 -20.28 -35.69 -15.17
C ASP E 122 -19.12 -35.44 -14.24
N SER E 123 -18.75 -34.18 -14.09
CA SER E 123 -17.69 -33.88 -13.13
C SER E 123 -18.16 -34.17 -11.70
N VAL E 124 -17.19 -34.51 -10.84
CA VAL E 124 -17.45 -34.79 -9.45
C VAL E 124 -16.50 -33.93 -8.63
N ILE E 125 -17.05 -33.02 -7.86
CA ILE E 125 -16.25 -32.19 -6.97
C ILE E 125 -16.58 -32.62 -5.55
N GLY E 126 -15.53 -32.89 -4.76
CA GLY E 126 -15.71 -33.20 -3.36
C GLY E 126 -16.08 -32.02 -2.49
N ASN E 127 -15.33 -31.85 -1.39
CA ASN E 127 -15.62 -30.87 -0.37
C ASN E 127 -14.45 -29.94 -0.15
N HIS E 128 -14.78 -28.70 0.20
CA HIS E 128 -13.79 -27.72 0.61
C HIS E 128 -12.84 -27.34 -0.52
N CYS E 129 -13.26 -27.57 -1.77
CA CYS E 129 -12.43 -27.16 -2.93
C CYS E 129 -12.59 -25.68 -3.26
N ILE E 130 -11.57 -25.13 -3.92
CA ILE E 130 -11.63 -23.76 -4.43
C ILE E 130 -11.25 -23.76 -5.92
N LEU E 131 -12.22 -23.42 -6.76
CA LEU E 131 -11.98 -23.19 -8.17
C LEU E 131 -11.98 -21.69 -8.45
N VAL E 132 -10.81 -21.15 -8.76
CA VAL E 132 -10.65 -19.71 -8.96
C VAL E 132 -11.24 -19.32 -10.33
N ASN E 133 -11.39 -18.03 -10.55
CA ASN E 133 -12.04 -17.52 -11.79
C ASN E 133 -11.65 -18.27 -13.05
N ASN E 134 -12.65 -18.67 -13.84
CA ASN E 134 -12.47 -19.17 -15.19
C ASN E 134 -11.77 -20.51 -15.25
N THR E 135 -11.73 -21.21 -14.12
CA THR E 135 -11.29 -22.60 -14.13
C THR E 135 -12.31 -23.36 -14.98
N ALA E 136 -11.85 -24.31 -15.80
CA ALA E 136 -12.76 -25.04 -16.66
C ALA E 136 -12.51 -26.51 -16.56
N LEU E 137 -13.53 -27.25 -16.17
CA LEU E 137 -13.43 -28.72 -16.05
C LEU E 137 -14.19 -29.30 -17.22
N ALA E 138 -13.47 -29.83 -18.18
CA ALA E 138 -14.08 -30.15 -19.51
C ALA E 138 -15.17 -31.20 -19.48
N GLY E 139 -15.08 -32.15 -18.57
CA GLY E 139 -16.11 -33.17 -18.49
C GLY E 139 -15.51 -34.42 -17.85
N HIS E 140 -16.27 -35.05 -16.96
CA HIS E 140 -15.86 -36.29 -16.32
C HIS E 140 -14.64 -36.04 -15.42
N VAL E 141 -14.47 -34.80 -14.97
CA VAL E 141 -13.32 -34.48 -14.08
C VAL E 141 -13.66 -34.73 -12.62
N HIS E 142 -12.78 -35.43 -11.90
CA HIS E 142 -12.96 -35.66 -10.48
C HIS E 142 -11.99 -34.77 -9.71
N VAL E 143 -12.53 -33.92 -8.85
CA VAL E 143 -11.71 -33.06 -8.00
C VAL E 143 -11.95 -33.47 -6.56
N ASP E 144 -10.90 -34.00 -5.92
CA ASP E 144 -11.02 -34.47 -4.55
C ASP E 144 -10.83 -33.33 -3.54
N ASP E 145 -11.09 -33.65 -2.28
CA ASP E 145 -11.27 -32.63 -1.25
C ASP E 145 -10.06 -31.70 -1.12
N TRP E 146 -10.39 -30.44 -0.87
CA TRP E 146 -9.43 -29.40 -0.52
C TRP E 146 -8.54 -28.98 -1.67
N ALA E 147 -8.79 -29.48 -2.85
CA ALA E 147 -8.00 -29.04 -3.99
C ALA E 147 -8.24 -27.57 -4.31
N ILE E 148 -7.19 -26.89 -4.75
CA ILE E 148 -7.27 -25.48 -5.15
C ILE E 148 -6.77 -25.35 -6.58
N LEU E 149 -7.63 -24.86 -7.45
CA LEU E 149 -7.29 -24.63 -8.86
C LEU E 149 -7.30 -23.14 -9.12
N SER E 150 -6.13 -22.59 -9.43
CA SER E 150 -6.00 -21.16 -9.57
C SER E 150 -6.67 -20.66 -10.83
N GLY E 151 -6.67 -19.35 -11.01
CA GLY E 151 -7.40 -18.74 -12.13
C GLY E 151 -7.03 -19.32 -13.50
N TYR E 152 -8.06 -19.57 -14.33
CA TYR E 152 -7.85 -19.98 -15.70
C TYR E 152 -7.13 -21.35 -15.83
N THR E 153 -7.33 -22.19 -14.83
CA THR E 153 -6.82 -23.58 -14.91
C THR E 153 -7.76 -24.36 -15.79
N LEU E 154 -7.21 -24.96 -16.81
CA LEU E 154 -7.99 -25.80 -17.76
C LEU E 154 -7.69 -27.27 -17.47
N VAL E 155 -8.76 -28.08 -17.34
CA VAL E 155 -8.61 -29.51 -17.02
C VAL E 155 -9.28 -30.33 -18.11
N HIS E 156 -8.48 -31.16 -18.75
CA HIS E 156 -8.94 -32.05 -19.83
C HIS E 156 -9.90 -33.09 -19.31
N GLN E 157 -10.77 -33.56 -20.21
CA GLN E 157 -11.73 -34.61 -19.85
C GLN E 157 -11.10 -35.82 -19.19
N TYR E 158 -11.78 -36.35 -18.17
CA TYR E 158 -11.43 -37.57 -17.48
C TYR E 158 -10.30 -37.40 -16.44
N CYS E 159 -9.69 -36.23 -16.35
CA CYS E 159 -8.57 -36.07 -15.40
C CYS E 159 -9.05 -36.06 -13.96
N ARG E 160 -8.19 -36.53 -13.08
CA ARG E 160 -8.46 -36.54 -11.66
C ARG E 160 -7.50 -35.55 -11.02
N ILE E 161 -8.06 -34.73 -10.14
CA ILE E 161 -7.30 -33.74 -9.40
C ILE E 161 -7.29 -34.17 -7.94
N GLY E 162 -6.11 -34.49 -7.43
CA GLY E 162 -5.98 -35.10 -6.10
C GLY E 162 -6.32 -34.19 -4.93
N ALA E 163 -6.61 -34.83 -3.81
CA ALA E 163 -6.91 -34.12 -2.58
C ALA E 163 -5.74 -33.20 -2.20
N HIS E 164 -6.06 -31.96 -1.84
CA HIS E 164 -5.08 -31.00 -1.34
C HIS E 164 -4.07 -30.57 -2.38
N SER E 165 -4.32 -30.87 -3.66
CA SER E 165 -3.43 -30.41 -4.71
C SER E 165 -3.68 -28.93 -5.07
N PHE E 166 -2.78 -28.39 -5.86
CA PHE E 166 -2.82 -26.95 -6.19
C PHE E 166 -2.32 -26.77 -7.59
N SER E 167 -3.01 -25.93 -8.36
CA SER E 167 -2.56 -25.56 -9.69
C SER E 167 -2.36 -24.07 -9.72
N GLY E 168 -1.26 -23.65 -10.32
CA GLY E 168 -0.99 -22.26 -10.57
C GLY E 168 -1.86 -21.65 -11.66
N MET E 169 -1.90 -20.33 -11.67
CA MET E 169 -2.75 -19.63 -12.63
C MET E 169 -2.38 -19.97 -14.08
N GLY E 170 -3.38 -20.30 -14.88
CA GLY E 170 -3.18 -20.61 -16.27
C GLY E 170 -2.70 -22.01 -16.59
N SER E 171 -2.75 -22.92 -15.63
CA SER E 171 -2.24 -24.27 -15.83
C SER E 171 -3.15 -24.97 -16.83
N ALA E 172 -2.58 -25.79 -17.70
CA ALA E 172 -3.36 -26.63 -18.55
C ALA E 172 -3.04 -28.09 -18.22
N ILE E 173 -4.00 -28.77 -17.61
CA ILE E 173 -3.81 -30.06 -17.03
C ILE E 173 -4.38 -31.11 -17.94
N GLY E 174 -3.51 -32.03 -18.37
CA GLY E 174 -3.91 -33.10 -19.29
C GLY E 174 -3.72 -34.51 -18.73
N LYS E 175 -3.16 -34.60 -17.54
CA LYS E 175 -2.94 -35.88 -16.87
C LYS E 175 -3.36 -35.71 -15.44
N ASP E 176 -3.60 -36.81 -14.74
CA ASP E 176 -3.94 -36.72 -13.34
C ASP E 176 -2.90 -35.95 -12.48
N VAL E 177 -3.42 -35.25 -11.48
CA VAL E 177 -2.57 -34.56 -10.54
C VAL E 177 -2.68 -35.35 -9.25
N PRO E 178 -1.55 -35.89 -8.77
CA PRO E 178 -1.63 -36.64 -7.49
C PRO E 178 -1.98 -35.73 -6.29
N ALA E 179 -2.54 -36.34 -5.26
CA ALA E 179 -2.84 -35.62 -4.05
C ALA E 179 -1.60 -34.82 -3.61
N TYR E 180 -1.86 -33.63 -3.07
CA TYR E 180 -0.86 -32.72 -2.51
C TYR E 180 0.02 -32.04 -3.53
N VAL E 181 0.04 -32.52 -4.77
CA VAL E 181 1.03 -31.98 -5.71
C VAL E 181 0.67 -30.58 -6.23
N THR E 182 1.67 -29.72 -6.33
CA THR E 182 1.54 -28.39 -6.97
C THR E 182 2.00 -28.42 -8.44
N VAL E 183 1.12 -28.00 -9.35
CA VAL E 183 1.45 -27.99 -10.75
C VAL E 183 1.34 -26.59 -11.34
N PHE E 184 2.11 -26.34 -12.40
CA PHE E 184 2.14 -25.05 -13.05
C PHE E 184 2.36 -25.19 -14.53
N GLY E 185 1.84 -24.24 -15.30
CA GLY E 185 2.19 -24.13 -16.71
C GLY E 185 1.29 -24.84 -17.71
N ASN E 186 1.60 -24.58 -18.98
CA ASN E 186 0.89 -25.17 -20.10
C ASN E 186 1.93 -25.70 -21.06
N PRO E 187 2.15 -27.00 -21.09
CA PRO E 187 1.45 -28.00 -20.27
C PRO E 187 1.86 -28.03 -18.80
N ALA E 188 0.95 -28.46 -17.95
CA ALA E 188 1.20 -28.43 -16.54
C ALA E 188 2.37 -29.34 -16.21
N GLU E 189 3.19 -28.89 -15.28
CA GLU E 189 4.28 -29.70 -14.77
C GLU E 189 4.32 -29.65 -13.24
N ALA E 190 4.70 -30.77 -12.65
CA ALA E 190 4.80 -30.87 -11.22
C ALA E 190 5.97 -30.07 -10.69
N ARG E 191 5.76 -29.39 -9.57
CA ARG E 191 6.82 -28.58 -8.96
C ARG E 191 7.19 -29.06 -7.55
N SER E 192 6.21 -29.21 -6.67
CA SER E 192 6.47 -29.56 -5.27
C SER E 192 5.20 -30.06 -4.68
N MET E 193 5.12 -30.03 -3.35
CA MET E 193 3.89 -30.32 -2.65
C MET E 193 3.29 -29.10 -1.95
N ASN E 194 2.00 -29.23 -1.71
CA ASN E 194 1.23 -28.17 -1.10
C ASN E 194 1.36 -28.26 0.42
N PHE E 195 2.55 -27.90 0.87
CA PHE E 195 2.79 -27.84 2.32
C PHE E 195 1.87 -26.90 3.08
N GLU E 196 1.53 -25.77 2.47
CA GLU E 196 0.62 -24.83 3.12
C GLU E 196 -0.74 -25.50 3.41
N GLY E 197 -1.21 -26.33 2.47
CA GLY E 197 -2.47 -27.02 2.64
C GLY E 197 -2.42 -28.07 3.74
N MET E 198 -1.28 -28.72 3.89
CA MET E 198 -1.09 -29.72 4.95
C MET E 198 -1.14 -29.01 6.31
N ARG E 199 -0.47 -27.88 6.38
CA ARG E 199 -0.44 -27.10 7.61
C ARG E 199 -1.81 -26.62 8.01
N ARG E 200 -2.58 -26.14 7.06
CA ARG E 200 -3.93 -25.70 7.32
C ARG E 200 -4.80 -26.80 7.87
N ARG E 201 -4.54 -28.05 7.48
CA ARG E 201 -5.34 -29.18 7.94
C ARG E 201 -4.88 -29.69 9.30
N GLY E 202 -3.77 -29.17 9.79
CA GLY E 202 -3.21 -29.63 11.04
C GLY E 202 -2.39 -30.90 10.98
N PHE E 203 -1.81 -31.21 9.82
CA PHE E 203 -0.97 -32.39 9.71
C PHE E 203 0.15 -32.28 10.71
N SER E 204 0.56 -33.42 11.26
CA SER E 204 1.74 -33.47 12.12
C SER E 204 3.01 -33.22 11.31
N SER E 205 4.07 -32.78 11.99
CA SER E 205 5.37 -32.56 11.34
C SER E 205 5.85 -33.84 10.73
N GLU E 206 5.57 -34.96 11.38
CA GLU E 206 6.04 -36.26 10.92
C GLU E 206 5.38 -36.61 9.60
N ALA E 207 4.08 -36.36 9.50
CA ALA E 207 3.34 -36.66 8.27
C ALA E 207 3.84 -35.76 7.13
N ILE E 208 4.13 -34.51 7.46
CA ILE E 208 4.61 -33.55 6.45
C ILE E 208 5.98 -33.98 5.95
N HIS E 209 6.84 -34.38 6.87
CA HIS E 209 8.15 -34.95 6.48
C HIS E 209 8.03 -36.23 5.66
N ALA E 210 7.10 -37.11 6.02
CA ALA E 210 6.87 -38.31 5.25
C ALA E 210 6.39 -37.97 3.83
N LEU E 211 5.60 -36.92 3.71
CA LEU E 211 5.07 -36.54 2.38
C LEU E 211 6.14 -35.91 1.52
N ARG E 212 7.01 -35.10 2.13
CA ARG E 212 8.16 -34.54 1.41
C ARG E 212 9.01 -35.66 0.86
N ARG E 213 9.24 -36.68 1.66
CA ARG E 213 9.97 -37.82 1.19
C ARG E 213 9.24 -38.60 0.10
N ALA E 214 7.91 -38.67 0.19
CA ALA E 214 7.11 -39.42 -0.79
C ALA E 214 7.16 -38.72 -2.16
N TYR E 215 7.10 -37.40 -2.14
CA TYR E 215 7.28 -36.65 -3.39
C TYR E 215 8.61 -36.99 -4.07
N LYS E 216 9.70 -36.97 -3.30
CA LYS E 216 11.01 -37.35 -3.85
C LYS E 216 11.03 -38.74 -4.45
N VAL E 217 10.42 -39.71 -3.77
CA VAL E 217 10.35 -41.04 -4.28
C VAL E 217 9.74 -41.07 -5.69
N VAL E 218 8.65 -40.31 -5.88
CA VAL E 218 7.88 -40.41 -7.10
C VAL E 218 8.58 -39.62 -8.19
N TYR E 219 9.07 -38.44 -7.84
CA TYR E 219 9.48 -37.45 -8.82
C TYR E 219 10.98 -37.20 -8.98
N ARG E 220 11.78 -37.55 -7.98
CA ARG E 220 13.18 -37.14 -7.98
C ARG E 220 14.21 -38.23 -7.77
N GLN E 221 13.81 -39.49 -7.90
CA GLN E 221 14.75 -40.61 -7.77
C GLN E 221 14.80 -41.54 -9.00
N GLY E 222 14.24 -41.08 -10.11
CA GLY E 222 14.35 -41.81 -11.37
C GLY E 222 13.57 -43.10 -11.39
N HIS E 223 12.61 -43.27 -10.50
CA HIS E 223 11.79 -44.47 -10.51
C HIS E 223 10.70 -44.42 -11.56
N THR E 224 10.29 -45.58 -12.06
CA THR E 224 9.06 -45.67 -12.80
C THR E 224 7.94 -45.51 -11.75
N VAL E 225 6.73 -45.23 -12.22
CA VAL E 225 5.58 -45.21 -11.33
C VAL E 225 5.45 -46.53 -10.54
N GLU E 226 5.61 -47.67 -11.21
CA GLU E 226 5.52 -48.97 -10.56
C GLU E 226 6.52 -49.11 -9.42
N GLU E 227 7.76 -48.69 -9.67
CA GLU E 227 8.80 -48.79 -8.66
C GLU E 227 8.51 -47.85 -7.49
N ALA E 228 8.05 -46.65 -7.83
CA ALA E 228 7.71 -45.68 -6.81
C ALA E 228 6.59 -46.22 -5.91
N LEU E 229 5.56 -46.81 -6.52
CA LEU E 229 4.45 -47.37 -5.74
C LEU E 229 4.97 -48.41 -4.76
N ALA E 230 5.90 -49.24 -5.22
CA ALA E 230 6.46 -50.30 -4.35
C ALA E 230 7.29 -49.70 -3.23
N GLU E 231 8.07 -48.66 -3.54
CA GLU E 231 8.85 -47.96 -2.52
C GLU E 231 7.96 -47.22 -1.48
N LEU E 232 6.79 -46.72 -1.90
CA LEU E 232 5.89 -46.02 -0.98
C LEU E 232 5.11 -46.91 -0.01
N ALA E 233 5.03 -48.21 -0.29
CA ALA E 233 4.12 -49.10 0.46
C ALA E 233 4.28 -49.03 1.97
N GLU E 234 5.53 -49.00 2.40
CA GLU E 234 5.83 -48.90 3.81
C GLU E 234 5.30 -47.62 4.46
N SER E 235 5.61 -46.47 3.87
CA SER E 235 5.24 -45.19 4.45
C SER E 235 3.72 -45.03 4.40
N ALA E 236 3.12 -45.57 3.35
CA ALA E 236 1.69 -45.47 3.16
C ALA E 236 0.95 -46.24 4.25
N ALA E 237 1.55 -47.35 4.68
CA ALA E 237 0.96 -48.17 5.74
C ALA E 237 1.08 -47.47 7.10
N GLN E 238 2.14 -46.71 7.30
CA GLN E 238 2.33 -45.94 8.53
C GLN E 238 1.48 -44.68 8.60
N PHE E 239 1.34 -43.98 7.47
CA PHE E 239 0.70 -42.66 7.48
C PHE E 239 -0.48 -42.67 6.52
N PRO E 240 -1.71 -42.57 7.04
CA PRO E 240 -2.87 -42.40 6.16
C PRO E 240 -2.69 -41.25 5.15
N GLU E 241 -2.09 -40.15 5.59
CA GLU E 241 -1.78 -39.03 4.67
C GLU E 241 -0.94 -39.47 3.45
N VAL E 242 0.03 -40.34 3.65
CA VAL E 242 0.84 -40.87 2.53
C VAL E 242 0.07 -41.89 1.70
N ALA E 243 -0.85 -42.60 2.33
CA ALA E 243 -1.71 -43.53 1.59
C ALA E 243 -2.59 -42.78 0.59
N VAL E 244 -3.05 -41.60 0.97
CA VAL E 244 -3.84 -40.75 0.08
C VAL E 244 -3.04 -40.42 -1.19
N PHE E 245 -1.76 -40.12 -1.00
CA PHE E 245 -0.85 -39.82 -2.10
C PHE E 245 -0.61 -41.05 -2.99
N ARG E 246 -0.26 -42.18 -2.35
CA ARG E 246 0.01 -43.43 -3.06
C ARG E 246 -1.21 -43.90 -3.82
N ASP E 247 -2.39 -43.82 -3.19
CA ASP E 247 -3.63 -44.20 -3.87
C ASP E 247 -3.95 -43.34 -5.08
N SER E 248 -3.69 -42.02 -4.99
CA SER E 248 -3.93 -41.15 -6.11
C SER E 248 -3.01 -41.52 -7.26
N ILE E 249 -1.85 -42.08 -6.98
CA ILE E 249 -0.91 -42.43 -8.05
C ILE E 249 -1.29 -43.76 -8.68
N GLN E 250 -1.62 -44.71 -7.83
CA GLN E 250 -2.16 -45.99 -8.25
C GLN E 250 -3.40 -45.90 -9.13
N SER E 251 -4.28 -44.94 -8.86
CA SER E 251 -5.54 -44.85 -9.58
C SER E 251 -5.37 -44.18 -10.90
N ALA E 252 -4.21 -43.57 -11.10
CA ALA E 252 -4.00 -42.79 -12.32
C ALA E 252 -3.67 -43.69 -13.50
N THR E 253 -4.70 -44.20 -14.13
CA THR E 253 -4.47 -45.12 -15.23
C THR E 253 -3.74 -44.44 -16.40
N ARG E 254 -4.08 -43.19 -16.64
CA ARG E 254 -3.62 -42.53 -17.84
C ARG E 254 -2.38 -41.66 -17.58
N GLY E 255 -1.63 -41.97 -16.52
CA GLY E 255 -0.38 -41.27 -16.23
C GLY E 255 -0.57 -40.08 -15.30
N ILE E 256 0.49 -39.74 -14.59
CA ILE E 256 0.50 -38.58 -13.70
C ILE E 256 1.22 -37.41 -14.33
N THR E 257 0.81 -36.21 -13.92
CA THR E 257 1.51 -35.02 -14.28
C THR E 257 2.93 -35.04 -13.70
N ARG E 258 3.90 -34.89 -14.58
CA ARG E 258 5.28 -34.90 -14.24
C ARG E 258 5.65 -33.55 -14.81
N SER F 2 -47.68 -18.21 -24.62
CA SER F 2 -47.33 -17.42 -25.83
C SER F 2 -45.82 -17.50 -26.13
N LEU F 3 -45.48 -17.57 -27.41
CA LEU F 3 -44.10 -17.81 -27.85
C LEU F 3 -43.17 -16.65 -27.47
N ILE F 4 -43.65 -15.43 -27.64
CA ILE F 4 -42.93 -14.28 -27.16
C ILE F 4 -43.35 -13.96 -25.72
N ASP F 5 -42.41 -14.05 -24.78
CA ASP F 5 -42.71 -13.71 -23.42
C ASP F 5 -43.06 -12.24 -23.26
N PRO F 6 -44.11 -11.94 -22.47
CA PRO F 6 -44.51 -10.53 -22.31
C PRO F 6 -43.49 -9.67 -21.54
N ARG F 7 -42.51 -10.33 -20.91
CA ARG F 7 -41.45 -9.59 -20.22
C ARG F 7 -40.22 -9.31 -21.11
N ALA F 8 -40.28 -9.75 -22.37
CA ALA F 8 -39.25 -9.43 -23.34
C ALA F 8 -39.52 -8.06 -23.95
N ILE F 9 -38.48 -7.39 -24.40
CA ILE F 9 -38.62 -6.11 -25.10
C ILE F 9 -38.38 -6.37 -26.58
N ILE F 10 -39.41 -6.15 -27.40
CA ILE F 10 -39.30 -6.37 -28.83
C ILE F 10 -39.44 -5.01 -29.52
N ASP F 11 -38.38 -4.53 -30.15
CA ASP F 11 -38.44 -3.22 -30.77
C ASP F 11 -39.48 -3.28 -31.90
N PRO F 12 -40.16 -2.15 -32.15
CA PRO F 12 -41.18 -2.15 -33.20
C PRO F 12 -40.61 -2.38 -34.58
N SER F 13 -39.33 -2.10 -34.79
CA SER F 13 -38.70 -2.39 -36.09
C SER F 13 -38.12 -3.81 -36.23
N ALA F 14 -38.14 -4.61 -35.18
CA ALA F 14 -37.68 -6.01 -35.29
C ALA F 14 -38.67 -6.81 -36.12
N ARG F 15 -38.16 -7.80 -36.84
CA ARG F 15 -39.00 -8.72 -37.58
C ARG F 15 -38.79 -10.14 -37.14
N LEU F 16 -39.85 -10.73 -36.60
CA LEU F 16 -39.81 -12.11 -36.14
C LEU F 16 -40.71 -12.98 -37.02
N ALA F 17 -40.15 -14.07 -37.54
CA ALA F 17 -40.96 -15.09 -38.20
C ALA F 17 -41.97 -15.69 -37.19
N ALA F 18 -43.11 -16.21 -37.67
CA ALA F 18 -44.28 -16.36 -36.76
C ALA F 18 -44.09 -17.31 -35.56
N ASP F 19 -43.23 -18.32 -35.68
CA ASP F 19 -43.04 -19.30 -34.60
C ASP F 19 -41.75 -19.11 -33.75
N VAL F 20 -41.12 -17.98 -33.92
CA VAL F 20 -39.98 -17.61 -33.07
C VAL F 20 -40.38 -17.51 -31.59
N GLN F 21 -39.56 -18.10 -30.73
CA GLN F 21 -39.76 -17.98 -29.29
C GLN F 21 -38.73 -17.02 -28.67
N VAL F 22 -39.18 -16.20 -27.74
CA VAL F 22 -38.30 -15.25 -27.03
C VAL F 22 -38.62 -15.32 -25.56
N GLY F 23 -37.61 -15.61 -24.75
CA GLY F 23 -37.75 -15.71 -23.31
C GLY F 23 -37.89 -14.41 -22.55
N PRO F 24 -38.19 -14.48 -21.26
CA PRO F 24 -38.33 -13.31 -20.44
C PRO F 24 -37.05 -12.53 -20.31
N TRP F 25 -37.20 -11.21 -20.29
CA TRP F 25 -36.14 -10.28 -20.02
C TRP F 25 -35.08 -10.29 -21.11
N SER F 26 -35.48 -10.70 -22.30
CA SER F 26 -34.62 -10.57 -23.46
C SER F 26 -34.99 -9.32 -24.26
N ILE F 27 -34.00 -8.81 -25.00
CA ILE F 27 -34.16 -7.61 -25.79
C ILE F 27 -33.90 -7.96 -27.23
N VAL F 28 -34.89 -7.75 -28.09
CA VAL F 28 -34.73 -7.88 -29.51
C VAL F 28 -34.77 -6.47 -30.07
N GLY F 29 -33.61 -5.95 -30.39
CA GLY F 29 -33.43 -4.55 -30.73
C GLY F 29 -33.92 -4.17 -32.09
N ALA F 30 -33.82 -2.88 -32.37
CA ALA F 30 -34.17 -2.35 -33.68
C ALA F 30 -33.36 -3.03 -34.77
N GLU F 31 -34.01 -3.31 -35.89
CA GLU F 31 -33.36 -3.82 -37.11
C GLU F 31 -32.79 -5.22 -36.91
N VAL F 32 -33.36 -5.94 -35.96
CA VAL F 32 -33.03 -7.34 -35.77
C VAL F 32 -34.11 -8.19 -36.45
N GLU F 33 -33.68 -9.07 -37.34
CA GLU F 33 -34.58 -10.01 -37.99
C GLU F 33 -34.27 -11.42 -37.55
N ILE F 34 -35.31 -12.17 -37.20
CA ILE F 34 -35.13 -13.55 -36.71
C ILE F 34 -35.98 -14.52 -37.54
N GLY F 35 -35.35 -15.59 -38.01
CA GLY F 35 -36.00 -16.55 -38.86
C GLY F 35 -36.76 -17.65 -38.13
N GLU F 36 -37.53 -18.39 -38.93
CA GLU F 36 -38.44 -19.38 -38.43
C GLU F 36 -37.80 -20.40 -37.49
N GLY F 37 -38.51 -20.71 -36.41
CA GLY F 37 -38.12 -21.81 -35.54
C GLY F 37 -36.98 -21.44 -34.59
N THR F 38 -36.44 -20.25 -34.75
CA THR F 38 -35.40 -19.81 -33.80
C THR F 38 -35.94 -19.59 -32.37
N VAL F 39 -35.18 -20.10 -31.39
CA VAL F 39 -35.49 -19.95 -29.97
C VAL F 39 -34.45 -19.07 -29.23
N ILE F 40 -34.92 -17.91 -28.76
CA ILE F 40 -34.10 -17.01 -27.97
C ILE F 40 -34.43 -17.25 -26.50
N GLY F 41 -33.41 -17.56 -25.70
CA GLY F 41 -33.61 -17.79 -24.27
C GLY F 41 -33.95 -16.52 -23.50
N PRO F 42 -33.99 -16.63 -22.16
CA PRO F 42 -34.16 -15.49 -21.29
C PRO F 42 -32.85 -14.72 -21.16
N HIS F 43 -32.93 -13.44 -20.81
CA HIS F 43 -31.75 -12.61 -20.55
C HIS F 43 -30.78 -12.54 -21.73
N VAL F 44 -31.30 -12.48 -22.96
CA VAL F 44 -30.46 -12.33 -24.15
C VAL F 44 -30.57 -10.91 -24.65
N VAL F 45 -29.44 -10.33 -25.08
CA VAL F 45 -29.44 -9.02 -25.72
C VAL F 45 -29.07 -9.11 -27.19
N LEU F 46 -30.06 -8.83 -28.07
CA LEU F 46 -29.83 -8.80 -29.51
C LEU F 46 -29.89 -7.39 -29.99
N LYS F 47 -28.85 -7.00 -30.71
CA LYS F 47 -28.77 -5.66 -31.25
C LYS F 47 -28.55 -5.75 -32.76
N GLY F 48 -28.92 -4.70 -33.49
CA GLY F 48 -28.95 -4.76 -34.96
C GLY F 48 -28.12 -3.64 -35.55
N PRO F 49 -28.01 -3.57 -36.87
CA PRO F 49 -28.70 -4.45 -37.83
C PRO F 49 -28.15 -5.84 -37.92
N THR F 50 -29.00 -6.81 -37.66
CA THR F 50 -28.59 -8.19 -37.54
C THR F 50 -29.67 -9.07 -38.16
N LYS F 51 -29.24 -10.07 -38.91
CA LYS F 51 -30.15 -11.07 -39.43
C LYS F 51 -29.77 -12.42 -38.84
N ILE F 52 -30.73 -13.12 -38.27
CA ILE F 52 -30.57 -14.45 -37.71
C ILE F 52 -31.50 -15.36 -38.47
N GLY F 53 -30.98 -16.49 -38.95
CA GLY F 53 -31.75 -17.41 -39.77
C GLY F 53 -32.65 -18.32 -38.98
N LYS F 54 -32.81 -19.53 -39.50
CA LYS F 54 -33.85 -20.43 -39.04
C LYS F 54 -33.29 -21.43 -38.08
N HIS F 55 -34.14 -21.86 -37.15
CA HIS F 55 -33.86 -22.97 -36.26
C HIS F 55 -32.56 -22.81 -35.45
N ASN F 56 -32.25 -21.57 -35.13
CA ASN F 56 -31.15 -21.29 -34.18
C ASN F 56 -31.61 -21.32 -32.74
N ARG F 57 -30.65 -21.47 -31.82
CA ARG F 57 -30.93 -21.43 -30.41
C ARG F 57 -29.86 -20.55 -29.75
N ILE F 58 -30.29 -19.55 -29.01
CA ILE F 58 -29.40 -18.59 -28.35
C ILE F 58 -29.73 -18.60 -26.88
N TYR F 59 -28.72 -18.96 -26.08
CA TYR F 59 -28.85 -19.03 -24.60
C TYR F 59 -28.65 -17.74 -23.84
N GLN F 60 -29.19 -17.73 -22.63
CA GLN F 60 -29.06 -16.65 -21.69
C GLN F 60 -27.67 -15.98 -21.63
N PHE F 61 -27.73 -14.67 -21.35
CA PHE F 61 -26.60 -13.81 -21.06
C PHE F 61 -25.67 -13.58 -22.25
N SER F 62 -26.14 -13.95 -23.43
CA SER F 62 -25.44 -13.68 -24.68
C SER F 62 -25.73 -12.27 -25.16
N SER F 63 -24.75 -11.67 -25.84
CA SER F 63 -24.89 -10.33 -26.37
C SER F 63 -24.51 -10.44 -27.82
N VAL F 64 -25.53 -10.45 -28.67
CA VAL F 64 -25.38 -10.76 -30.08
C VAL F 64 -25.74 -9.54 -30.91
N GLY F 65 -24.73 -9.00 -31.59
CA GLY F 65 -24.94 -7.80 -32.39
C GLY F 65 -24.51 -6.49 -31.81
N GLU F 66 -23.71 -6.52 -30.73
CA GLU F 66 -23.16 -5.27 -30.18
C GLU F 66 -22.08 -4.67 -31.08
N ASP F 67 -21.86 -3.38 -30.91
CA ASP F 67 -20.76 -2.67 -31.54
C ASP F 67 -19.46 -3.22 -30.97
N THR F 68 -18.42 -3.24 -31.80
CA THR F 68 -17.11 -3.52 -31.25
C THR F 68 -16.65 -2.35 -30.40
N PRO F 69 -15.92 -2.63 -29.31
CA PRO F 69 -15.28 -1.55 -28.57
C PRO F 69 -14.03 -1.05 -29.29
N ASP F 70 -13.64 -1.70 -30.37
CA ASP F 70 -12.44 -1.27 -31.12
C ASP F 70 -12.61 0.19 -31.50
N LEU F 71 -11.59 0.98 -31.22
CA LEU F 71 -11.68 2.44 -31.33
C LEU F 71 -11.85 2.92 -32.76
N LYS F 72 -11.59 2.05 -33.73
CA LYS F 72 -11.77 2.42 -35.14
C LYS F 72 -13.25 2.45 -35.53
N TYR F 73 -14.12 1.84 -34.72
CA TYR F 73 -15.56 1.87 -35.00
C TYR F 73 -16.14 3.20 -34.46
N LYS F 74 -16.93 3.88 -35.29
CA LYS F 74 -17.47 5.20 -34.98
C LYS F 74 -18.99 5.31 -35.21
N GLY F 75 -19.73 4.24 -34.91
CA GLY F 75 -21.19 4.30 -35.00
C GLY F 75 -21.85 3.99 -36.34
N GLU F 76 -21.08 3.49 -37.31
CA GLU F 76 -21.59 3.23 -38.68
C GLU F 76 -22.59 2.03 -38.72
N PRO F 77 -23.44 1.95 -39.78
CA PRO F 77 -24.50 0.91 -39.89
C PRO F 77 -24.06 -0.49 -40.40
N THR F 78 -23.21 -1.12 -39.64
CA THR F 78 -22.57 -2.38 -40.01
C THR F 78 -23.46 -3.50 -39.54
N ARG F 79 -23.15 -4.72 -39.98
CA ARG F 79 -24.10 -5.79 -39.85
C ARG F 79 -23.52 -7.03 -39.19
N LEU F 80 -24.44 -7.89 -38.80
CA LEU F 80 -24.13 -9.25 -38.38
C LEU F 80 -25.14 -10.16 -39.04
N VAL F 81 -24.64 -11.20 -39.70
CA VAL F 81 -25.51 -12.21 -40.34
C VAL F 81 -25.19 -13.58 -39.81
N ILE F 82 -26.21 -14.25 -39.28
CA ILE F 82 -26.10 -15.58 -38.77
C ILE F 82 -27.04 -16.45 -39.59
N GLY F 83 -26.57 -17.64 -39.96
CA GLY F 83 -27.32 -18.59 -40.79
C GLY F 83 -28.30 -19.42 -39.98
N ASP F 84 -28.35 -20.70 -40.30
CA ASP F 84 -29.39 -21.58 -39.79
C ASP F 84 -28.82 -22.70 -38.91
N HIS F 85 -29.63 -23.20 -37.99
CA HIS F 85 -29.31 -24.38 -37.21
C HIS F 85 -28.06 -24.21 -36.33
N ASN F 86 -27.81 -22.99 -35.89
CA ASN F 86 -26.67 -22.74 -34.95
C ASN F 86 -27.13 -22.84 -33.53
N VAL F 87 -26.20 -23.15 -32.64
CA VAL F 87 -26.42 -23.09 -31.20
C VAL F 87 -25.38 -22.16 -30.62
N ILE F 88 -25.87 -21.13 -29.93
CA ILE F 88 -25.04 -20.15 -29.27
C ILE F 88 -25.34 -20.22 -27.80
N ARG F 89 -24.34 -20.66 -27.03
CA ARG F 89 -24.52 -20.97 -25.62
C ARG F 89 -24.41 -19.75 -24.70
N GLU F 90 -24.33 -20.01 -23.41
CA GLU F 90 -24.41 -18.95 -22.42
C GLU F 90 -23.29 -17.94 -22.56
N GLY F 91 -23.65 -16.67 -22.46
CA GLY F 91 -22.66 -15.61 -22.33
C GLY F 91 -21.82 -15.31 -23.54
N VAL F 92 -22.21 -15.83 -24.70
CA VAL F 92 -21.44 -15.61 -25.90
C VAL F 92 -21.57 -14.14 -26.31
N THR F 93 -20.47 -13.56 -26.78
CA THR F 93 -20.49 -12.20 -27.37
C THR F 93 -20.13 -12.22 -28.86
N ILE F 94 -20.96 -11.60 -29.68
CA ILE F 94 -20.76 -11.55 -31.11
C ILE F 94 -20.92 -10.12 -31.58
N HIS F 95 -19.86 -9.51 -32.13
CA HIS F 95 -19.91 -8.13 -32.52
C HIS F 95 -20.11 -7.98 -34.03
N ARG F 96 -20.79 -6.90 -34.41
CA ARG F 96 -20.97 -6.57 -35.82
C ARG F 96 -19.66 -6.10 -36.46
N GLY F 97 -19.68 -5.92 -37.76
CA GLY F 97 -18.49 -5.56 -38.49
C GLY F 97 -18.14 -4.07 -38.38
N THR F 98 -17.12 -3.69 -39.14
CA THR F 98 -16.64 -2.31 -39.20
C THR F 98 -16.57 -1.87 -40.66
N VAL F 99 -16.70 -0.57 -40.91
CA VAL F 99 -16.63 -0.08 -42.28
C VAL F 99 -15.24 -0.15 -42.88
N GLN F 100 -14.23 -0.17 -42.02
CA GLN F 100 -12.84 -0.33 -42.44
C GLN F 100 -12.57 -1.65 -43.10
N ASP F 101 -13.26 -2.71 -42.72
CA ASP F 101 -13.06 -4.01 -43.35
C ASP F 101 -14.30 -4.36 -44.17
N ARG F 102 -15.10 -5.29 -43.64
CA ARG F 102 -16.19 -5.92 -44.41
C ARG F 102 -17.56 -5.24 -44.20
N ALA F 103 -17.65 -4.47 -43.12
CA ALA F 103 -18.93 -3.97 -42.59
C ALA F 103 -19.88 -5.11 -42.19
N GLU F 104 -19.35 -6.30 -42.03
CA GLU F 104 -20.19 -7.42 -41.67
C GLU F 104 -19.39 -8.52 -40.95
N THR F 105 -19.96 -9.01 -39.86
CA THR F 105 -19.57 -10.26 -39.24
C THR F 105 -20.54 -11.33 -39.73
N THR F 106 -20.03 -12.47 -40.14
CA THR F 106 -20.82 -13.53 -40.79
C THR F 106 -20.61 -14.86 -40.12
N ILE F 107 -21.71 -15.54 -39.79
CA ILE F 107 -21.68 -16.89 -39.31
C ILE F 107 -22.61 -17.73 -40.21
N GLY F 108 -22.15 -18.91 -40.58
CA GLY F 108 -22.91 -19.80 -41.47
C GLY F 108 -23.94 -20.64 -40.75
N ASP F 109 -23.91 -21.94 -41.02
CA ASP F 109 -24.94 -22.85 -40.53
C ASP F 109 -24.35 -23.98 -39.67
N HIS F 110 -25.18 -24.55 -38.80
CA HIS F 110 -24.85 -25.76 -38.06
C HIS F 110 -23.58 -25.61 -37.20
N ASN F 111 -23.33 -24.40 -36.74
CA ASN F 111 -22.22 -24.14 -35.81
C ASN F 111 -22.65 -24.31 -34.37
N LEU F 112 -21.70 -24.69 -33.52
CA LEU F 112 -21.91 -24.78 -32.08
C LEU F 112 -20.88 -23.86 -31.38
N ILE F 113 -21.37 -22.78 -30.82
CA ILE F 113 -20.54 -21.80 -30.16
C ILE F 113 -20.82 -21.87 -28.68
N MET F 114 -19.87 -22.43 -27.94
CA MET F 114 -20.06 -22.71 -26.51
C MET F 114 -19.79 -21.55 -25.58
N ALA F 115 -20.08 -21.74 -24.30
CA ALA F 115 -20.20 -20.64 -23.36
C ALA F 115 -19.04 -19.66 -23.40
N TYR F 116 -19.37 -18.38 -23.33
CA TYR F 116 -18.40 -17.30 -23.21
C TYR F 116 -17.41 -17.20 -24.35
N ALA F 117 -17.66 -17.89 -25.45
CA ALA F 117 -16.93 -17.62 -26.66
C ALA F 117 -17.14 -16.17 -27.14
N HIS F 118 -16.14 -15.66 -27.85
CA HIS F 118 -16.19 -14.31 -28.37
C HIS F 118 -15.90 -14.28 -29.86
N ILE F 119 -16.80 -13.67 -30.62
CA ILE F 119 -16.63 -13.56 -32.06
C ILE F 119 -16.50 -12.10 -32.43
N GLY F 120 -15.26 -11.69 -32.71
CA GLY F 120 -14.92 -10.29 -32.86
C GLY F 120 -15.41 -9.74 -34.19
N HIS F 121 -15.39 -8.42 -34.30
CA HIS F 121 -15.82 -7.72 -35.50
C HIS F 121 -15.17 -8.23 -36.78
N ASP F 122 -16.00 -8.37 -37.81
CA ASP F 122 -15.57 -8.71 -39.16
C ASP F 122 -15.11 -10.14 -39.30
N SER F 123 -15.36 -10.98 -38.30
CA SER F 123 -15.00 -12.37 -38.38
C SER F 123 -16.00 -13.11 -39.29
N VAL F 124 -15.53 -14.18 -39.93
CA VAL F 124 -16.35 -15.01 -40.80
C VAL F 124 -16.22 -16.47 -40.35
N ILE F 125 -17.31 -17.04 -39.88
CA ILE F 125 -17.35 -18.46 -39.52
C ILE F 125 -18.18 -19.17 -40.58
N GLY F 126 -17.67 -20.29 -41.08
CA GLY F 126 -18.37 -21.13 -42.03
C GLY F 126 -19.45 -21.99 -41.42
N ASN F 127 -19.44 -23.28 -41.77
CA ASN F 127 -20.48 -24.22 -41.36
C ASN F 127 -19.89 -25.35 -40.58
N HIS F 128 -20.66 -25.87 -39.66
CA HIS F 128 -20.32 -27.02 -38.88
C HIS F 128 -19.07 -26.88 -38.00
N CYS F 129 -18.81 -25.66 -37.61
CA CYS F 129 -17.69 -25.39 -36.71
C CYS F 129 -18.10 -25.57 -35.28
N ILE F 130 -17.11 -25.86 -34.44
CA ILE F 130 -17.36 -25.94 -33.03
C ILE F 130 -16.31 -25.03 -32.37
N LEU F 131 -16.81 -24.07 -31.61
CA LEU F 131 -15.98 -23.21 -30.78
C LEU F 131 -16.31 -23.57 -29.36
N VAL F 132 -15.36 -24.20 -28.68
CA VAL F 132 -15.55 -24.62 -27.29
C VAL F 132 -15.43 -23.41 -26.35
N ASN F 133 -15.91 -23.57 -25.12
CA ASN F 133 -15.95 -22.49 -24.13
C ASN F 133 -14.79 -21.52 -24.24
N ASN F 134 -15.10 -20.24 -24.19
CA ASN F 134 -14.13 -19.19 -24.09
C ASN F 134 -13.13 -19.10 -25.23
N THR F 135 -13.47 -19.65 -26.37
CA THR F 135 -12.70 -19.43 -27.58
C THR F 135 -12.90 -17.96 -27.98
N ALA F 136 -11.83 -17.27 -28.31
CA ALA F 136 -11.91 -15.83 -28.57
C ALA F 136 -11.29 -15.50 -29.90
N LEU F 137 -12.12 -15.06 -30.84
CA LEU F 137 -11.65 -14.60 -32.11
C LEU F 137 -11.54 -13.08 -32.10
N ALA F 138 -10.31 -12.57 -32.18
CA ALA F 138 -10.08 -11.15 -31.91
C ALA F 138 -10.66 -10.14 -32.88
N GLY F 139 -10.87 -10.55 -34.11
CA GLY F 139 -11.31 -9.54 -35.15
C GLY F 139 -10.75 -9.91 -36.50
N HIS F 140 -11.60 -9.87 -37.53
CA HIS F 140 -11.20 -10.23 -38.88
C HIS F 140 -10.72 -11.69 -39.03
N VAL F 141 -11.16 -12.58 -38.14
CA VAL F 141 -10.75 -13.99 -38.17
C VAL F 141 -11.70 -14.79 -39.09
N HIS F 142 -11.12 -15.63 -39.93
CA HIS F 142 -11.90 -16.52 -40.81
C HIS F 142 -11.75 -17.96 -40.37
N VAL F 143 -12.86 -18.56 -39.96
CA VAL F 143 -12.85 -19.96 -39.56
C VAL F 143 -13.62 -20.76 -40.61
N ASP F 144 -12.94 -21.68 -41.27
CA ASP F 144 -13.53 -22.42 -42.35
C ASP F 144 -14.25 -23.67 -41.81
N ASP F 145 -15.00 -24.31 -42.68
CA ASP F 145 -15.90 -25.38 -42.33
C ASP F 145 -15.29 -26.51 -41.53
N TRP F 146 -16.09 -27.00 -40.61
CA TRP F 146 -15.75 -28.12 -39.75
C TRP F 146 -14.61 -27.92 -38.72
N ALA F 147 -14.03 -26.75 -38.67
CA ALA F 147 -12.94 -26.50 -37.70
C ALA F 147 -13.45 -26.65 -36.28
N ILE F 148 -12.60 -27.27 -35.41
CA ILE F 148 -12.91 -27.35 -34.00
C ILE F 148 -11.85 -26.62 -33.22
N LEU F 149 -12.28 -25.65 -32.42
CA LEU F 149 -11.39 -24.91 -31.54
C LEU F 149 -11.70 -25.26 -30.10
N SER F 150 -10.79 -25.98 -29.44
CA SER F 150 -11.03 -26.40 -28.06
C SER F 150 -11.03 -25.25 -27.07
N GLY F 151 -11.42 -25.56 -25.86
CA GLY F 151 -11.64 -24.55 -24.84
C GLY F 151 -10.50 -23.55 -24.71
N TYR F 152 -10.85 -22.28 -24.57
CA TYR F 152 -9.89 -21.22 -24.33
C TYR F 152 -8.83 -21.10 -25.44
N THR F 153 -9.23 -21.37 -26.67
CA THR F 153 -8.39 -21.13 -27.82
C THR F 153 -8.50 -19.64 -28.18
N LEU F 154 -7.36 -18.99 -28.31
CA LEU F 154 -7.30 -17.56 -28.59
C LEU F 154 -6.75 -17.39 -30.00
N VAL F 155 -7.44 -16.61 -30.83
CA VAL F 155 -7.04 -16.38 -32.17
C VAL F 155 -6.83 -14.88 -32.48
N HIS F 156 -5.61 -14.57 -32.89
CA HIS F 156 -5.18 -13.19 -33.16
C HIS F 156 -5.95 -12.60 -34.31
N GLN F 157 -6.05 -11.28 -34.33
CA GLN F 157 -6.66 -10.60 -35.46
C GLN F 157 -6.07 -11.02 -36.80
N TYR F 158 -6.93 -11.22 -37.78
CA TYR F 158 -6.59 -11.50 -39.17
C TYR F 158 -6.18 -12.92 -39.45
N CYS F 159 -6.12 -13.77 -38.43
CA CYS F 159 -5.75 -15.15 -38.65
C CYS F 159 -6.86 -15.91 -39.37
N ARG F 160 -6.45 -16.91 -40.13
CA ARG F 160 -7.35 -17.82 -40.77
C ARG F 160 -7.16 -19.21 -40.18
N ILE F 161 -8.28 -19.87 -39.92
CA ILE F 161 -8.34 -21.19 -39.32
C ILE F 161 -8.92 -22.11 -40.38
N GLY F 162 -8.09 -23.06 -40.85
CA GLY F 162 -8.46 -23.91 -41.97
C GLY F 162 -9.53 -24.95 -41.73
N ALA F 163 -10.11 -25.41 -42.81
CA ALA F 163 -11.17 -26.38 -42.73
C ALA F 163 -10.71 -27.67 -42.08
N HIS F 164 -11.55 -28.27 -41.28
CA HIS F 164 -11.27 -29.51 -40.63
C HIS F 164 -10.07 -29.48 -39.65
N SER F 165 -9.65 -28.28 -39.27
CA SER F 165 -8.51 -28.16 -38.37
C SER F 165 -8.98 -28.39 -36.93
N PHE F 166 -8.02 -28.45 -36.01
CA PHE F 166 -8.31 -28.67 -34.62
C PHE F 166 -7.29 -27.94 -33.79
N SER F 167 -7.76 -27.27 -32.76
CA SER F 167 -6.86 -26.65 -31.79
C SER F 167 -7.14 -27.27 -30.44
N GLY F 168 -6.06 -27.61 -29.75
CA GLY F 168 -6.11 -28.10 -28.39
C GLY F 168 -6.51 -27.03 -27.40
N MET F 169 -6.94 -27.47 -26.23
CA MET F 169 -7.37 -26.55 -25.20
C MET F 169 -6.24 -25.59 -24.80
N GLY F 170 -6.56 -24.33 -24.72
CA GLY F 170 -5.59 -23.30 -24.36
C GLY F 170 -4.65 -22.87 -25.44
N SER F 171 -4.92 -23.17 -26.72
CA SER F 171 -4.01 -22.83 -27.75
C SER F 171 -4.04 -21.32 -28.01
N ALA F 172 -2.90 -20.71 -28.27
CA ALA F 172 -2.85 -19.30 -28.59
C ALA F 172 -2.30 -19.12 -29.96
N ILE F 173 -3.21 -18.86 -30.91
CA ILE F 173 -2.92 -18.93 -32.31
C ILE F 173 -2.64 -17.54 -32.87
N GLY F 174 -1.38 -17.32 -33.23
CA GLY F 174 -0.99 -16.03 -33.83
C GLY F 174 -0.72 -16.02 -35.31
N LYS F 175 -0.65 -17.21 -35.91
CA LYS F 175 -0.43 -17.35 -37.34
C LYS F 175 -1.53 -18.26 -37.91
N ASP F 176 -1.60 -18.37 -39.20
CA ASP F 176 -2.74 -19.08 -39.80
C ASP F 176 -2.59 -20.58 -39.49
N VAL F 177 -3.71 -21.26 -39.31
CA VAL F 177 -3.70 -22.72 -39.21
C VAL F 177 -4.18 -23.30 -40.54
N PRO F 178 -3.34 -24.11 -41.21
CA PRO F 178 -3.80 -24.66 -42.47
C PRO F 178 -4.93 -25.67 -42.28
N ALA F 179 -5.71 -25.88 -43.34
CA ALA F 179 -6.73 -26.91 -43.32
C ALA F 179 -6.16 -28.26 -42.84
N TYR F 180 -6.95 -28.94 -42.06
CA TYR F 180 -6.68 -30.25 -41.50
C TYR F 180 -5.62 -30.34 -40.38
N VAL F 181 -4.97 -29.25 -40.07
CA VAL F 181 -3.82 -29.30 -39.19
C VAL F 181 -4.31 -29.23 -37.72
N THR F 182 -3.64 -29.98 -36.86
N THR F 182 -3.70 -30.04 -36.85
CA THR F 182 -3.85 -29.93 -35.43
CA THR F 182 -3.91 -29.90 -35.42
C THR F 182 -2.79 -29.04 -34.78
C THR F 182 -2.81 -29.01 -34.82
N VAL F 183 -3.22 -28.11 -33.93
CA VAL F 183 -2.28 -27.24 -33.21
C VAL F 183 -2.56 -27.29 -31.73
N PHE F 184 -1.52 -27.06 -30.91
CA PHE F 184 -1.62 -27.07 -29.45
C PHE F 184 -0.63 -26.05 -28.90
N GLY F 185 -0.99 -25.46 -27.76
CA GLY F 185 -0.01 -24.74 -26.96
C GLY F 185 -0.08 -23.25 -27.10
N ASN F 186 0.73 -22.59 -26.27
CA ASN F 186 0.89 -21.15 -26.31
C ASN F 186 2.39 -20.85 -26.28
N PRO F 187 2.99 -20.46 -27.39
CA PRO F 187 2.30 -20.27 -28.69
C PRO F 187 1.96 -21.56 -29.42
N ALA F 188 0.92 -21.51 -30.23
CA ALA F 188 0.45 -22.72 -30.88
C ALA F 188 1.50 -23.33 -31.79
N GLU F 189 1.60 -24.67 -31.71
CA GLU F 189 2.53 -25.47 -32.50
C GLU F 189 1.70 -26.46 -33.36
N ALA F 190 2.16 -26.71 -34.57
CA ALA F 190 1.57 -27.74 -35.45
C ALA F 190 2.01 -29.12 -35.02
N ARG F 191 1.04 -30.02 -34.81
CA ARG F 191 1.31 -31.41 -34.43
C ARG F 191 0.63 -32.40 -35.38
N SER F 192 0.98 -32.31 -36.65
CA SER F 192 0.37 -33.19 -37.66
C SER F 192 -1.13 -32.88 -37.94
N MET F 193 -1.78 -33.81 -38.61
CA MET F 193 -3.15 -33.57 -39.06
C MET F 193 -4.18 -34.22 -38.23
N ASN F 194 -5.39 -33.70 -38.37
CA ASN F 194 -6.54 -34.11 -37.56
C ASN F 194 -7.06 -35.45 -38.10
N PHE F 195 -6.19 -36.47 -38.10
CA PHE F 195 -6.53 -37.73 -38.70
C PHE F 195 -7.77 -38.34 -38.09
N GLU F 196 -7.95 -38.21 -36.78
CA GLU F 196 -9.09 -38.85 -36.18
C GLU F 196 -10.39 -38.18 -36.65
N GLY F 197 -10.37 -36.85 -36.75
CA GLY F 197 -11.52 -36.10 -37.23
C GLY F 197 -11.83 -36.44 -38.67
N MET F 198 -10.78 -36.59 -39.47
CA MET F 198 -10.94 -37.02 -40.85
C MET F 198 -11.61 -38.39 -40.97
N ARG F 199 -11.17 -39.34 -40.14
CA ARG F 199 -11.68 -40.72 -40.24
C ARG F 199 -13.09 -40.85 -39.79
N ARG F 200 -13.42 -40.23 -38.70
CA ARG F 200 -14.77 -40.26 -38.28
C ARG F 200 -15.67 -39.58 -39.32
N ARG F 201 -15.27 -38.49 -39.98
CA ARG F 201 -16.07 -37.80 -41.00
C ARG F 201 -16.13 -38.55 -42.31
N GLY F 202 -15.31 -39.59 -42.44
CA GLY F 202 -15.42 -40.46 -43.60
C GLY F 202 -14.58 -40.03 -44.77
N PHE F 203 -13.48 -39.31 -44.53
CA PHE F 203 -12.58 -39.00 -45.63
C PHE F 203 -11.99 -40.33 -46.16
N SER F 204 -11.69 -40.41 -47.44
CA SER F 204 -11.16 -41.66 -48.00
C SER F 204 -9.74 -41.91 -47.54
N SER F 205 -9.37 -43.18 -47.46
CA SER F 205 -7.99 -43.54 -47.19
C SER F 205 -6.99 -42.94 -48.18
N GLU F 206 -7.39 -42.81 -49.43
CA GLU F 206 -6.52 -42.24 -50.45
C GLU F 206 -6.25 -40.75 -50.21
N ALA F 207 -7.29 -40.02 -49.83
CA ALA F 207 -7.14 -38.59 -49.58
C ALA F 207 -6.30 -38.37 -48.32
N ILE F 208 -6.48 -39.23 -47.33
CA ILE F 208 -5.71 -39.15 -46.09
C ILE F 208 -4.22 -39.39 -46.39
N HIS F 209 -3.94 -40.37 -47.23
CA HIS F 209 -2.58 -40.65 -47.64
C HIS F 209 -1.98 -39.47 -48.41
N ALA F 210 -2.78 -38.86 -49.28
CA ALA F 210 -2.29 -37.73 -50.05
C ALA F 210 -2.02 -36.54 -49.14
N LEU F 211 -2.87 -36.36 -48.15
CA LEU F 211 -2.71 -35.26 -47.19
C LEU F 211 -1.49 -35.48 -46.30
N ARG F 212 -1.24 -36.71 -45.87
CA ARG F 212 -0.01 -36.96 -45.10
C ARG F 212 1.17 -36.49 -45.91
N ARG F 213 1.24 -36.89 -47.19
CA ARG F 213 2.35 -36.51 -48.01
C ARG F 213 2.46 -34.99 -48.18
N ALA F 214 1.29 -34.33 -48.32
CA ALA F 214 1.28 -32.89 -48.44
C ALA F 214 1.81 -32.19 -47.16
N TYR F 215 1.46 -32.73 -46.02
CA TYR F 215 1.97 -32.18 -44.76
C TYR F 215 3.50 -32.21 -44.80
N LYS F 216 4.07 -33.31 -45.29
CA LYS F 216 5.53 -33.46 -45.26
C LYS F 216 6.17 -32.47 -46.17
N VAL F 217 5.52 -32.20 -47.30
CA VAL F 217 6.06 -31.27 -48.24
C VAL F 217 6.13 -29.86 -47.65
N VAL F 218 5.13 -29.49 -46.88
CA VAL F 218 5.10 -28.16 -46.27
C VAL F 218 5.99 -28.06 -45.02
N TYR F 219 5.99 -29.10 -44.20
CA TYR F 219 6.48 -28.96 -42.84
C TYR F 219 7.81 -29.66 -42.60
N ARG F 220 8.09 -30.71 -43.37
CA ARG F 220 9.17 -31.61 -42.99
C ARG F 220 10.30 -31.76 -43.98
N GLN F 221 10.37 -30.91 -44.98
CA GLN F 221 11.38 -31.09 -46.06
C GLN F 221 12.26 -29.85 -46.23
N GLY F 222 12.13 -28.91 -45.31
CA GLY F 222 12.89 -27.69 -45.35
C GLY F 222 12.61 -26.76 -46.52
N HIS F 223 11.48 -26.94 -47.19
CA HIS F 223 11.11 -26.00 -48.27
C HIS F 223 10.69 -24.67 -47.76
N THR F 224 10.95 -23.61 -48.53
CA THR F 224 10.21 -22.38 -48.30
C THR F 224 8.74 -22.62 -48.67
N VAL F 225 7.88 -21.70 -48.25
CA VAL F 225 6.46 -21.83 -48.53
C VAL F 225 6.25 -21.81 -50.04
N GLU F 226 7.02 -20.98 -50.74
CA GLU F 226 6.90 -20.85 -52.19
C GLU F 226 7.29 -22.16 -52.90
N GLU F 227 8.38 -22.78 -52.44
CA GLU F 227 8.78 -24.08 -52.97
C GLU F 227 7.76 -25.17 -52.67
N ALA F 228 7.23 -25.17 -51.44
CA ALA F 228 6.21 -26.14 -51.05
C ALA F 228 4.96 -25.99 -51.94
N LEU F 229 4.52 -24.75 -52.17
CA LEU F 229 3.32 -24.53 -53.00
C LEU F 229 3.55 -25.08 -54.41
N ALA F 230 4.74 -24.87 -54.95
CA ALA F 230 5.08 -25.43 -56.27
C ALA F 230 5.06 -26.96 -56.26
N GLU F 231 5.61 -27.55 -55.20
CA GLU F 231 5.61 -29.00 -55.08
C GLU F 231 4.21 -29.60 -54.89
N LEU F 232 3.28 -28.86 -54.30
CA LEU F 232 1.95 -29.35 -54.04
C LEU F 232 1.03 -29.32 -55.29
N ALA F 233 1.41 -28.56 -56.30
CA ALA F 233 0.48 -28.24 -57.41
C ALA F 233 -0.10 -29.50 -58.03
N GLU F 234 0.74 -30.50 -58.21
CA GLU F 234 0.30 -31.75 -58.81
C GLU F 234 -0.76 -32.47 -57.99
N SER F 235 -0.44 -32.77 -56.73
CA SER F 235 -1.37 -33.48 -55.87
C SER F 235 -2.68 -32.66 -55.64
N ALA F 236 -2.56 -31.34 -55.57
CA ALA F 236 -3.71 -30.45 -55.39
C ALA F 236 -4.66 -30.53 -56.59
N ALA F 237 -4.10 -30.71 -57.79
CA ALA F 237 -4.93 -30.88 -58.99
C ALA F 237 -5.64 -32.23 -59.01
N GLN F 238 -5.09 -33.20 -58.29
CA GLN F 238 -5.66 -34.57 -58.26
C GLN F 238 -6.66 -34.76 -57.14
N PHE F 239 -6.35 -34.27 -55.94
CA PHE F 239 -7.25 -34.42 -54.77
C PHE F 239 -7.82 -33.10 -54.27
N PRO F 240 -9.16 -32.96 -54.22
CA PRO F 240 -9.73 -31.69 -53.78
C PRO F 240 -9.31 -31.34 -52.35
N GLU F 241 -9.12 -32.33 -51.49
CA GLU F 241 -8.64 -32.12 -50.13
C GLU F 241 -7.26 -31.49 -50.16
N VAL F 242 -6.40 -31.98 -51.04
CA VAL F 242 -5.10 -31.39 -51.09
C VAL F 242 -5.15 -29.96 -51.63
N ALA F 243 -6.13 -29.66 -52.50
CA ALA F 243 -6.29 -28.29 -52.96
C ALA F 243 -6.73 -27.37 -51.84
N VAL F 244 -7.58 -27.86 -50.96
CA VAL F 244 -8.04 -27.09 -49.83
C VAL F 244 -6.80 -26.79 -48.96
N PHE F 245 -5.99 -27.79 -48.67
CA PHE F 245 -4.77 -27.60 -47.89
C PHE F 245 -3.85 -26.58 -48.55
N ARG F 246 -3.56 -26.75 -49.84
CA ARG F 246 -2.67 -25.87 -50.60
C ARG F 246 -3.21 -24.44 -50.57
N ASP F 247 -4.50 -24.30 -50.78
CA ASP F 247 -5.11 -22.96 -50.81
C ASP F 247 -4.96 -22.29 -49.45
N SER F 248 -4.99 -23.08 -48.36
CA SER F 248 -4.96 -22.47 -47.01
C SER F 248 -3.53 -22.02 -46.72
N ILE F 249 -2.55 -22.66 -47.38
CA ILE F 249 -1.18 -22.19 -47.29
C ILE F 249 -0.91 -20.94 -48.16
N GLN F 250 -1.43 -20.96 -49.36
CA GLN F 250 -1.34 -19.82 -50.28
C GLN F 250 -1.96 -18.54 -49.72
N SER F 251 -3.06 -18.68 -48.98
CA SER F 251 -3.79 -17.49 -48.50
C SER F 251 -3.27 -17.01 -47.15
N ALA F 252 -2.28 -17.69 -46.61
CA ALA F 252 -1.80 -17.29 -45.28
C ALA F 252 -1.08 -15.94 -45.20
N THR F 253 -1.80 -14.90 -44.78
CA THR F 253 -1.22 -13.56 -44.69
C THR F 253 -0.29 -13.35 -43.49
N ARG F 254 -0.42 -14.22 -42.48
CA ARG F 254 0.39 -14.04 -41.27
C ARG F 254 1.45 -15.14 -41.14
N GLY F 255 1.78 -15.85 -42.23
CA GLY F 255 2.65 -17.03 -42.14
C GLY F 255 1.85 -18.21 -41.63
N ILE F 256 2.34 -19.43 -41.78
CA ILE F 256 1.63 -20.54 -41.17
C ILE F 256 2.18 -20.96 -39.81
N THR F 257 1.34 -21.63 -39.05
CA THR F 257 1.69 -22.12 -37.74
C THR F 257 2.56 -23.33 -37.96
N ARG F 258 3.80 -23.28 -37.46
CA ARG F 258 4.70 -24.42 -37.55
C ARG F 258 4.92 -25.23 -36.27
P PO4 G . -2.60 -11.19 24.40
O1 PO4 G . -2.87 -11.22 22.91
O2 PO4 G . -3.95 -10.88 25.03
O3 PO4 G . -2.09 -12.55 24.85
O4 PO4 G . -1.68 -10.08 24.82
#